data_9CTP
#
_entry.id   9CTP
#
_cell.length_a   1.00
_cell.length_b   1.00
_cell.length_c   1.00
_cell.angle_alpha   90.00
_cell.angle_beta   90.00
_cell.angle_gamma   90.00
#
_symmetry.space_group_name_H-M   'P 1'
#
loop_
_entity.id
_entity.type
_entity.pdbx_description
1 polymer 'Gamma-aminobutyric acid receptor subunit beta-2'
2 polymer 'Gamma-aminobutyric acid receptor subunit alpha-1'
3 polymer 'Gamma-aminobutyric acid receptor subunit alpha-3'
4 polymer 'Gamma-aminobutyric acid receptor subunit gamma-2'
5 polymer 'Kappa Fab_1F4 Light Chain'
6 polymer 'IgG2b Fab_1F4 Heavy Chain'
7 branched beta-D-mannopyranose-(1-4)-2-acetamido-2-deoxy-beta-D-glucopyranose-(1-4)-2-acetamido-2-deoxy-beta-D-glucopyranose
8 branched 2-acetamido-2-deoxy-beta-D-glucopyranose-(1-4)-2-acetamido-2-deoxy-beta-D-glucopyranose
9 branched alpha-D-mannopyranose-(1-6)-beta-D-mannopyranose-(1-4)-2-acetamido-2-deoxy-beta-D-glucopyranose-(1-4)-2-acetamido-2-deoxy-beta-D-glucopyranose
10 non-polymer '[(2R)-2-octanoyloxy-3-[oxidanyl-[(1R,2R,3S,4R,5R,6S)-2,3,6-tris(oxidanyl)-4,5-diphosphonooxy-cyclohexyl]oxy-phosphoryl]oxy-propyl] octanoate'
11 non-polymer '(2S)-3-(hexadecanoyloxy)-2-[(9Z)-octadec-9-enoyloxy]propyl 2-(trimethylammonio)ethyl phosphate'
12 non-polymer 2-acetamido-2-deoxy-beta-D-glucopyranose
#
loop_
_entity_poly.entity_id
_entity_poly.type
_entity_poly.pdbx_seq_one_letter_code
_entity_poly.pdbx_strand_id
1 'polypeptide(L)'
;SVNDPSNMSLVKETVDRLLKGYDIRLRPDFGGPPVAVGMNIDIASIDMVSEVNMDYTLTMYFQQAWRDKRLSYNVIPLNL
TLDNRVADQLWVPDTYFLNDKKSFVHGVTVKNRMIRLHPDGTVLYGLRITTTAACMMDLRRYPLDEQNCTLEIESYGYTT
DDIEFYWRGDDNAVTGVTKIELPQFSIVDYKLITKKVVFSTGSYPRLSLSFKLKRNIGYFILQTYMPSILITILSWVSFW
INYDASAARVALGITTVLTMTTINTHLRETLPKIPYVKAIDMYLMGCFVFVFMALLEYALVNYIFFGRGPQRQKKAAEKA
ASANNEKMRLDVNKIFYKDIKQNGTQYRSLWDPTGNLSPTRRTTNYDFSLYTMDPHENILLSTLEIKNEMATSEAVMGLG
DPRSTMLAYDASSIQYRKAGLPRHSFGRNALERHVAQKKSRLRRRASQLKITIPDLTDVNAIDRWSRIFFPVVFSFFNIV
YWLYYVN
;
A,C
2 'polypeptide(L)'
;QPSLQDELKDNTTVFTRILDRLLDGYDNRLRPGLGERVTEVKTDIFVTSFGPVSDHDMEYTIDVFFRQSWKDERLKFKGP
MTVLRLNNLMASKIWTPDTFFHNGKKSVAHNMTMPNKLLRITEDGTLLYTMRLTVRAECPMHLEDFPMDAHACPLKFGSY
AYTRAEVVYEWTREPARSVVVAEDGSRLNQYDLLGQTVDSGIVQSSTGEYVVMTTHFHLKRKIGYFVIQTYLPCIMTVIL
SQVSFWLNRESVPARTVFGVTTVLTMTTLSISARNSLPKVAYATAMDWFIAVCYAFVFSALIEFATVNYFTKRGYAWDGK
SVVPEKPKKVKDPLIKKNNTYAPTATSYTPNLARGDPGLATIAKSATIEPKEVKPETKPPEPKKTFNSVSKIDRLSRIAF
PLLFGIFNLVYWATYLNREPQLKAPTPHQ
;
B
3 'polypeptide(L)'
;QGESRRQEPGDFVKQDIGGLSPKHAPDIPDDSTDNITIFTRILDRLLDGYDNRLRPGLGDAVTEVKTDIYVTSFGPVSDT
DMEYTIDVFFRQTWHDERLKFDGPMKILPLNNLLASKIWTPDTFFHNGKKSVAHNMTTPNKLLRLVDNGTLLYTMRLTIH
AECPMHLEDFPMDVHACPLKFGSYAYTTAEVVYSWTLGKNKSVEVAQDGSRLNQYDLLGHVVGTEIIRSSTGEYVVMTTH
FHLKRKIGYFVIQTYLPCIMTVILSQVSFWLNRESVPARTVFGVTTVLTMTTLSISARNSLPKVAYATAMDWFIAVCYAF
VFSALIEFATVNYFTKRSWAWEGKKVPEALEMKKKTPAAPAKKTSTTFNIVGTTYPINLAKDTEFSTISKGAAPSASSTP
TIIASPKATYVQDSPTETKTYNSVSKVDKISRIIFPVLFAIFNLVYWATYVNRESAIKGMIRKQ
;
D
4 'polypeptide(L)'
;QKSDDDYEDYASNKTWVLTPKVPEGDVTVILNNLLEGYDNKLRPDIGVKPTLIHTDMYVNSIGPVNAINMEYTIDIFFAQ
TWYDRRLKFNSTIKVLRLNSNMVGKIWIPDTFFRNSKKADAHWITTPNRMLRIWNDGRVLYTLRLTIDAECQLQLHNFPM
DEHSCPLEFSSYGYPREEIVYQWKRSSVEVGDTRSWRLYQFSFVGLRNTTEVVKTTSGDYVVMSVYFDLSRRMGYFTIQT
YIPCTLIVVLSWVSFWINKDAVPARTSLGITTVLTMTTLSTIARKSLPKVSYVTAMDLFVSVCFIFVFSALVEYGTLHYF
VSNRKPSKDKDKKKKNPLLRMFSFKAPTIDIRPRSATIQMNNATHLQERDEEYGYECLDGKDCASFFCCFEDCRTGAWRH
GRIHIRIAKMDSYARIFFPTAFCLFNLVYWVSYLYL
;
E
5 'polypeptide(L)'
;NIVMTQSPKSMSMSVGERVTLSCKASEYVGTYVSWYQQKPEQSPKLLIYGASNRYTGVPDRFTGSGSATDFTLTIGSVQA
EDLADYHCGQSYSYPTFGAGTKLELKRADAAPTVSIFPPSSEQLTSGGASVVCFLNNFYPKDINVKWKIDGSERQNGVLN
SWTDQDSKDSTYSMSSTLTLTKDEYERHNSYTCEATHKTSTSPIVKSFNRNEC
;
I
6 'polypeptide(L)'
;EVQLQQSGAELVKPGASVKLSCTASGFNIKDTYMYWVKQRPEQGLEWIGRIDPANGDTKYDPKFQGKATITTDTFSNTAY
LQLSSLTSEDTAVYYCARKGLRWAMDYWGQGTSVTVSTAKTTPPSVYPLAPGCGDTTGSSVTLGCLVKGYFPESVTVTWN
SGSLSSSVHTFPALLQSGLYTMSSSVTVPSSTWPSQTVTCSVAHPASSTTVDKKLEPSGPISTINPCPPCKECHKCPAPN
LEGGPSVFIFPPNIKDVLMISLTPKVTCVVVDVSEDDPDVQISWFVNNVEVHTAQTQTHREDYNSTIRVVSTLPIQHQDW
MSGKEFKCKVNNKDLPSPIERTISKIKGLVRAPQVYILPPPAEQLSRKDVSLTCLVVGFNPGDISVEWTSNGHTEENYKD
TAPVLDSDGSYFIYSKLNMKTSKWEKTDSFSCNVRHEGLKNYYLKKTISRSPGK
;
J
#
loop_
_chem_comp.id
_chem_comp.type
_chem_comp.name
_chem_comp.formula
BMA D-saccharide, beta linking beta-D-mannopyranose 'C6 H12 O6'
MAN D-saccharide, alpha linking alpha-D-mannopyranose 'C6 H12 O6'
NAG D-saccharide, beta linking 2-acetamido-2-deoxy-beta-D-glucopyranose 'C8 H15 N O6'
PIO non-polymer '[(2R)-2-octanoyloxy-3-[oxidanyl-[(1R,2R,3S,4R,5R,6S)-2,3,6-tris(oxidanyl)-4,5-diphosphonooxy-cyclohexyl]oxy-phosphoryl]oxy-propyl] octanoate' 'C25 H49 O19 P3'
POV non-polymer '(2S)-3-(hexadecanoyloxy)-2-[(9Z)-octadec-9-enoyloxy]propyl 2-(trimethylammonio)ethyl phosphate' 'C42 H82 N O8 P'
#
# COMPACT_ATOMS: atom_id res chain seq x y z
N SER A 6 -0.20 -50.99 -22.11
CA SER A 6 0.08 -50.36 -23.42
C SER A 6 1.01 -49.16 -23.22
N ASN A 7 0.56 -47.97 -23.61
CA ASN A 7 1.41 -46.78 -23.34
C ASN A 7 0.99 -46.18 -21.99
N MET A 8 -0.26 -45.76 -21.85
CA MET A 8 -0.65 -45.07 -20.59
C MET A 8 -0.31 -46.00 -19.42
N SER A 9 -0.24 -47.31 -19.67
CA SER A 9 0.18 -48.25 -18.61
C SER A 9 1.66 -48.04 -18.29
N LEU A 10 2.49 -47.95 -19.34
CA LEU A 10 3.95 -47.75 -19.12
C LEU A 10 4.16 -46.35 -18.53
N VAL A 11 3.65 -45.30 -19.18
CA VAL A 11 3.95 -43.93 -18.68
C VAL A 11 3.79 -43.91 -17.17
N LYS A 12 2.73 -44.52 -16.65
CA LYS A 12 2.48 -44.48 -15.18
C LYS A 12 3.67 -45.09 -14.45
N GLU A 13 3.82 -46.42 -14.51
CA GLU A 13 4.91 -46.99 -13.69
C GLU A 13 6.13 -46.08 -13.83
N THR A 14 6.37 -45.50 -15.01
CA THR A 14 7.61 -44.68 -15.15
C THR A 14 7.49 -43.47 -14.23
N VAL A 15 6.53 -42.58 -14.48
CA VAL A 15 6.41 -41.31 -13.69
C VAL A 15 6.13 -41.64 -12.21
N ASP A 16 5.98 -42.92 -11.88
CA ASP A 16 5.80 -43.26 -10.45
C ASP A 16 7.18 -43.65 -9.93
N ARG A 17 7.98 -44.27 -10.77
CA ARG A 17 9.37 -44.58 -10.34
C ARG A 17 10.09 -43.26 -10.16
N LEU A 18 10.10 -42.42 -11.19
CA LEU A 18 10.90 -41.17 -11.13
C LEU A 18 10.67 -40.47 -9.80
N LEU A 19 9.44 -40.02 -9.54
CA LEU A 19 9.17 -39.24 -8.30
C LEU A 19 9.42 -40.10 -7.05
N LYS A 20 9.10 -41.39 -7.07
CA LYS A 20 9.41 -42.20 -5.88
C LYS A 20 10.90 -42.01 -5.61
N GLY A 21 11.28 -41.69 -4.38
CA GLY A 21 12.70 -41.39 -4.08
C GLY A 21 13.16 -40.08 -4.67
N TYR A 22 12.28 -39.10 -4.89
CA TYR A 22 12.75 -37.78 -5.36
C TYR A 22 12.74 -36.81 -4.19
N ASP A 23 13.91 -36.42 -3.71
CA ASP A 23 14.05 -35.55 -2.50
C ASP A 23 14.18 -34.10 -2.94
N ILE A 24 13.08 -33.37 -2.93
CA ILE A 24 13.06 -31.98 -3.45
C ILE A 24 14.07 -31.10 -2.74
N ARG A 25 14.48 -31.46 -1.52
CA ARG A 25 15.38 -30.59 -0.72
C ARG A 25 16.73 -30.42 -1.43
N LEU A 26 17.45 -31.52 -1.65
CA LEU A 26 18.78 -31.46 -2.30
C LEU A 26 18.62 -31.08 -3.77
N ARG A 27 19.56 -30.30 -4.32
CA ARG A 27 19.50 -29.86 -5.73
C ARG A 27 20.17 -30.90 -6.63
N PRO A 28 19.98 -30.89 -7.96
CA PRO A 28 20.69 -31.80 -8.85
C PRO A 28 22.20 -31.61 -8.64
N ASP A 29 22.97 -32.70 -8.57
CA ASP A 29 24.42 -32.59 -8.29
C ASP A 29 24.61 -31.77 -7.02
N PHE A 30 23.85 -32.09 -5.96
CA PHE A 30 23.92 -31.31 -4.69
C PHE A 30 25.38 -31.19 -4.24
N GLY A 31 26.12 -32.30 -4.29
CA GLY A 31 27.55 -32.27 -3.90
C GLY A 31 28.47 -32.25 -5.11
N GLY A 32 27.92 -31.93 -6.29
CA GLY A 32 28.74 -31.91 -7.52
C GLY A 32 28.87 -30.53 -8.14
N PRO A 33 29.16 -30.41 -9.46
CA PRO A 33 29.24 -29.10 -10.11
C PRO A 33 27.94 -28.27 -10.02
N PRO A 34 27.99 -26.93 -10.21
CA PRO A 34 26.79 -26.09 -10.17
C PRO A 34 25.76 -26.49 -11.23
N VAL A 35 24.47 -26.26 -10.95
CA VAL A 35 23.40 -26.66 -11.90
C VAL A 35 23.41 -25.69 -13.10
N ALA A 36 23.55 -26.22 -14.31
CA ALA A 36 23.50 -25.36 -15.53
C ALA A 36 22.05 -25.05 -15.86
N VAL A 37 21.62 -23.79 -15.67
CA VAL A 37 20.23 -23.45 -15.89
C VAL A 37 20.16 -22.48 -17.06
N GLY A 38 19.56 -22.91 -18.16
CA GLY A 38 19.35 -22.05 -19.29
C GLY A 38 17.98 -21.41 -19.27
N MET A 39 17.93 -20.13 -19.62
CA MET A 39 16.74 -19.33 -19.42
C MET A 39 16.24 -18.75 -20.73
N ASN A 40 14.95 -18.89 -20.99
CA ASN A 40 14.28 -18.30 -22.14
C ASN A 40 13.17 -17.39 -21.64
N ILE A 41 13.03 -16.22 -22.25
CA ILE A 41 11.95 -15.30 -21.94
C ILE A 41 11.28 -14.93 -23.26
N ASP A 42 9.96 -15.06 -23.31
CA ASP A 42 9.18 -14.57 -24.44
C ASP A 42 8.30 -13.44 -23.93
N ILE A 43 8.61 -12.22 -24.36
CA ILE A 43 7.91 -11.04 -23.87
C ILE A 43 6.52 -10.99 -24.51
N ALA A 44 5.48 -10.94 -23.67
CA ALA A 44 4.12 -10.89 -24.17
C ALA A 44 3.60 -9.47 -24.29
N SER A 45 3.92 -8.65 -23.30
CA SER A 45 3.54 -7.22 -23.38
C SER A 45 4.22 -6.39 -22.29
N ILE A 46 4.82 -5.26 -22.65
CA ILE A 46 5.37 -4.32 -21.63
C ILE A 46 4.41 -3.15 -21.69
N ASP A 47 3.71 -2.86 -20.62
CA ASP A 47 2.62 -1.85 -20.70
C ASP A 47 2.92 -0.56 -19.97
N MET A 48 2.48 -0.46 -18.72
CA MET A 48 2.57 0.84 -18.00
C MET A 48 3.99 1.21 -17.59
N VAL A 49 4.77 1.88 -18.44
CA VAL A 49 6.10 2.40 -17.97
C VAL A 49 5.72 3.54 -17.05
N SER A 50 6.11 3.51 -15.77
CA SER A 50 5.62 4.54 -14.83
C SER A 50 6.72 5.48 -14.38
N GLU A 51 6.37 6.73 -14.14
CA GLU A 51 7.37 7.71 -13.67
C GLU A 51 6.93 8.23 -12.30
N VAL A 52 5.64 8.16 -11.99
CA VAL A 52 5.19 8.54 -10.62
C VAL A 52 5.64 7.44 -9.68
N ASN A 53 5.43 6.19 -10.07
CA ASN A 53 5.80 5.06 -9.20
C ASN A 53 7.24 4.64 -9.49
N MET A 54 7.81 5.07 -10.61
CA MET A 54 9.19 4.66 -11.02
C MET A 54 9.28 3.16 -11.30
N ASP A 55 8.37 2.60 -12.10
CA ASP A 55 8.46 1.16 -12.48
C ASP A 55 7.67 0.86 -13.74
N TYR A 56 7.87 -0.32 -14.31
CA TYR A 56 7.22 -0.74 -15.54
C TYR A 56 6.57 -2.10 -15.32
N THR A 57 5.46 -2.30 -16.04
CA THR A 57 4.73 -3.58 -15.95
C THR A 57 5.18 -4.46 -17.10
N LEU A 58 5.54 -5.70 -16.82
CA LEU A 58 6.06 -6.59 -17.84
C LEU A 58 5.37 -7.93 -17.75
N THR A 59 4.85 -8.40 -18.89
CA THR A 59 4.20 -9.72 -18.94
C THR A 59 5.06 -10.60 -19.83
N MET A 60 5.39 -11.80 -19.40
CA MET A 60 6.34 -12.61 -20.12
C MET A 60 6.06 -14.09 -19.88
N TYR A 61 6.59 -14.91 -20.78
CA TYR A 61 6.57 -16.37 -20.61
C TYR A 61 7.96 -16.78 -20.19
N PHE A 62 8.21 -16.69 -18.88
CA PHE A 62 9.49 -17.07 -18.31
C PHE A 62 9.68 -18.59 -18.42
N GLN A 63 10.88 -19.01 -18.77
CA GLN A 63 11.12 -20.44 -19.02
C GLN A 63 12.55 -20.78 -18.64
N GLN A 64 12.71 -21.88 -17.89
CA GLN A 64 14.01 -22.33 -17.43
C GLN A 64 14.26 -23.74 -17.91
N ALA A 65 15.54 -24.09 -18.08
CA ALA A 65 15.91 -25.42 -18.58
C ALA A 65 17.21 -25.85 -17.94
N TRP A 66 17.19 -26.98 -17.25
CA TRP A 66 18.36 -27.60 -16.63
C TRP A 66 18.29 -29.10 -16.82
N ARG A 67 19.20 -29.82 -16.17
CA ARG A 67 19.27 -31.27 -16.27
C ARG A 67 19.28 -31.89 -14.88
N ASP A 68 18.35 -32.81 -14.65
CA ASP A 68 18.34 -33.64 -13.45
C ASP A 68 18.45 -35.10 -13.91
N LYS A 69 19.49 -35.79 -13.43
CA LYS A 69 19.68 -37.18 -13.83
C LYS A 69 18.72 -38.13 -13.12
N ARG A 70 18.07 -37.69 -12.04
CA ARG A 70 17.09 -38.54 -11.38
C ARG A 70 15.82 -38.68 -12.20
N LEU A 71 15.51 -37.68 -13.02
CA LEU A 71 14.34 -37.73 -13.90
C LEU A 71 14.73 -38.22 -15.29
N SER A 72 15.25 -39.44 -15.37
CA SER A 72 15.61 -39.99 -16.69
C SER A 72 14.70 -41.17 -17.04
N TYR A 73 14.07 -41.16 -18.22
CA TYR A 73 13.26 -42.34 -18.64
C TYR A 73 13.84 -42.90 -19.94
N ASN A 74 13.73 -44.22 -20.12
CA ASN A 74 14.31 -44.88 -21.32
C ASN A 74 13.23 -45.65 -22.07
N VAL A 75 12.32 -46.29 -21.35
CA VAL A 75 11.26 -47.11 -21.98
C VAL A 75 10.43 -46.26 -22.94
N ILE A 76 9.95 -45.11 -22.47
CA ILE A 76 9.11 -44.20 -23.30
C ILE A 76 10.02 -43.34 -24.18
N PRO A 77 9.82 -43.30 -25.51
CA PRO A 77 10.59 -42.43 -26.39
C PRO A 77 9.89 -41.08 -26.59
N LEU A 78 8.84 -40.78 -25.81
CA LEU A 78 8.10 -39.51 -26.04
C LEU A 78 8.62 -38.42 -25.11
N ASN A 79 7.73 -37.52 -24.65
CA ASN A 79 8.11 -36.43 -23.72
C ASN A 79 7.04 -36.30 -22.61
N LEU A 80 7.40 -36.60 -21.36
CA LEU A 80 6.42 -36.57 -20.24
C LEU A 80 5.93 -35.14 -20.00
N THR A 81 4.93 -34.69 -20.76
CA THR A 81 4.33 -33.35 -20.50
C THR A 81 3.45 -33.50 -19.26
N LEU A 82 4.01 -33.33 -18.07
CA LEU A 82 3.25 -33.57 -16.81
C LEU A 82 2.32 -32.40 -16.49
N ASP A 83 1.29 -32.64 -15.67
CA ASP A 83 0.39 -31.60 -15.22
C ASP A 83 1.16 -30.56 -14.39
N ASN A 84 0.50 -29.43 -14.14
CA ASN A 84 1.18 -28.32 -13.48
C ASN A 84 1.32 -28.49 -11.98
N ARG A 85 0.75 -29.54 -11.40
CA ARG A 85 0.83 -29.76 -9.95
C ARG A 85 1.99 -30.66 -9.53
N VAL A 86 2.84 -31.10 -10.46
CA VAL A 86 4.00 -31.92 -10.03
C VAL A 86 5.11 -30.99 -9.54
N ALA A 87 5.05 -29.71 -9.90
CA ALA A 87 6.12 -28.77 -9.56
C ALA A 87 6.33 -28.63 -8.06
N ASP A 88 5.31 -28.97 -7.30
CA ASP A 88 5.54 -28.91 -5.86
C ASP A 88 6.24 -30.19 -5.46
N GLN A 89 6.41 -31.12 -6.40
CA GLN A 89 6.99 -32.41 -5.94
C GLN A 89 8.37 -32.56 -6.55
N LEU A 90 8.66 -31.74 -7.56
CA LEU A 90 9.98 -31.83 -8.23
C LEU A 90 10.85 -30.68 -7.73
N TRP A 91 12.17 -30.72 -7.97
CA TRP A 91 13.02 -29.57 -7.64
C TRP A 91 12.99 -28.56 -8.77
N VAL A 92 12.86 -27.29 -8.45
CA VAL A 92 13.00 -26.19 -9.40
C VAL A 92 13.97 -25.21 -8.77
N PRO A 93 14.69 -24.40 -9.55
CA PRO A 93 15.60 -23.42 -8.95
C PRO A 93 14.84 -22.27 -8.31
N ASP A 94 15.55 -21.54 -7.46
CA ASP A 94 15.00 -20.50 -6.59
C ASP A 94 15.16 -19.12 -7.20
N THR A 95 14.97 -19.02 -8.51
CA THR A 95 15.15 -17.79 -9.26
C THR A 95 14.21 -16.69 -8.78
N TYR A 96 14.76 -15.51 -8.52
CA TYR A 96 14.00 -14.34 -8.12
C TYR A 96 14.41 -13.15 -8.96
N PHE A 97 13.65 -12.07 -8.85
CA PHE A 97 13.96 -10.81 -9.51
C PHE A 97 14.31 -9.78 -8.46
N LEU A 98 15.49 -9.16 -8.61
CA LEU A 98 15.99 -8.26 -7.57
C LEU A 98 15.19 -6.97 -7.49
N ASN A 99 14.94 -6.33 -8.65
CA ASN A 99 14.24 -5.05 -8.68
C ASN A 99 12.73 -5.21 -8.78
N ASP A 100 12.21 -6.36 -8.37
CA ASP A 100 10.78 -6.64 -8.33
C ASP A 100 10.10 -5.80 -7.26
N LYS A 101 8.82 -5.52 -7.48
CA LYS A 101 7.97 -4.93 -6.46
C LYS A 101 6.74 -5.76 -6.15
N LYS A 102 6.12 -6.34 -7.18
CA LYS A 102 4.88 -7.11 -7.01
C LYS A 102 4.70 -8.00 -8.23
N SER A 103 4.61 -9.31 -8.02
CA SER A 103 4.52 -10.26 -9.11
C SER A 103 3.67 -11.45 -8.71
N PHE A 104 3.18 -12.17 -9.72
CA PHE A 104 2.27 -13.28 -9.51
C PHE A 104 2.27 -14.17 -10.74
N VAL A 105 1.84 -15.42 -10.53
CA VAL A 105 1.53 -16.34 -11.62
C VAL A 105 0.02 -16.30 -11.82
N HIS A 106 -0.42 -16.14 -13.08
CA HIS A 106 -1.84 -16.12 -13.38
C HIS A 106 -2.48 -17.47 -13.10
N GLY A 107 -3.68 -17.45 -12.52
CA GLY A 107 -4.28 -18.67 -12.01
C GLY A 107 -5.61 -19.03 -12.62
N VAL A 108 -5.77 -18.80 -13.91
CA VAL A 108 -6.98 -19.17 -14.64
C VAL A 108 -6.56 -19.93 -15.89
N THR A 109 -7.12 -21.13 -16.09
CA THR A 109 -8.06 -21.82 -15.23
C THR A 109 -7.33 -22.67 -14.19
N VAL A 110 -6.03 -22.88 -14.42
CA VAL A 110 -5.16 -23.47 -13.43
C VAL A 110 -3.99 -22.52 -13.22
N LYS A 111 -3.05 -22.90 -12.36
CA LYS A 111 -1.81 -22.14 -12.23
C LYS A 111 -1.01 -22.27 -13.52
N ASN A 112 -0.67 -21.12 -14.12
CA ASN A 112 -0.03 -21.09 -15.43
C ASN A 112 1.44 -21.47 -15.28
N ARG A 113 1.70 -22.78 -15.24
CA ARG A 113 3.06 -23.29 -15.28
C ARG A 113 3.08 -24.60 -16.06
N MET A 114 4.30 -25.05 -16.38
CA MET A 114 4.54 -26.10 -17.36
C MET A 114 5.77 -26.89 -16.96
N ILE A 115 5.67 -28.22 -17.01
CA ILE A 115 6.81 -29.10 -16.80
C ILE A 115 6.79 -30.18 -17.87
N ARG A 116 7.92 -30.36 -18.57
CA ARG A 116 8.04 -31.33 -19.66
C ARG A 116 9.33 -32.11 -19.46
N LEU A 117 9.21 -33.32 -18.92
CA LEU A 117 10.40 -34.16 -18.63
C LEU A 117 10.90 -34.79 -19.93
N HIS A 118 12.14 -34.55 -20.34
CA HIS A 118 12.57 -35.05 -21.66
C HIS A 118 13.22 -36.41 -21.43
N PRO A 119 13.60 -37.18 -22.46
CA PRO A 119 14.09 -38.54 -22.23
C PRO A 119 15.55 -38.68 -21.77
N ASP A 120 16.25 -37.57 -21.51
CA ASP A 120 17.65 -37.63 -21.01
C ASP A 120 17.64 -37.20 -19.55
N GLY A 121 16.73 -36.29 -19.22
CA GLY A 121 16.61 -35.73 -17.86
C GLY A 121 16.45 -34.23 -17.86
N THR A 122 16.31 -33.63 -19.04
CA THR A 122 16.11 -32.16 -19.15
C THR A 122 14.73 -31.79 -18.63
N VAL A 123 14.67 -30.83 -17.69
CA VAL A 123 13.36 -30.39 -17.12
C VAL A 123 12.99 -29.04 -17.74
N LEU A 124 11.89 -29.00 -18.51
CA LEU A 124 11.43 -27.73 -19.13
C LEU A 124 10.43 -27.05 -18.18
N TYR A 125 10.79 -25.90 -17.62
CA TYR A 125 9.91 -25.23 -16.63
C TYR A 125 9.52 -23.84 -17.15
N GLY A 126 8.30 -23.70 -17.67
CA GLY A 126 7.83 -22.40 -18.20
C GLY A 126 6.67 -21.85 -17.39
N LEU A 127 6.69 -20.56 -17.06
CA LEU A 127 5.63 -19.95 -16.22
C LEU A 127 5.16 -18.63 -16.83
N ARG A 128 3.87 -18.31 -16.67
CA ARG A 128 3.34 -17.01 -17.16
C ARG A 128 3.43 -16.01 -16.02
N ILE A 129 4.34 -15.03 -16.11
CA ILE A 129 4.56 -14.11 -15.00
C ILE A 129 4.23 -12.70 -15.47
N THR A 130 3.45 -11.98 -14.67
CA THR A 130 3.29 -10.54 -14.81
C THR A 130 4.01 -9.86 -13.65
N THR A 131 5.04 -9.08 -13.97
CA THR A 131 5.88 -8.47 -12.95
C THR A 131 5.83 -6.96 -13.05
N THR A 132 6.11 -6.31 -11.93
CA THR A 132 6.25 -4.86 -11.86
C THR A 132 7.64 -4.57 -11.32
N ALA A 133 8.61 -4.51 -12.22
CA ALA A 133 10.00 -4.31 -11.83
C ALA A 133 10.30 -2.83 -11.69
N ALA A 134 11.06 -2.49 -10.65
CA ALA A 134 11.40 -1.10 -10.39
C ALA A 134 12.46 -0.62 -11.38
N CYS A 135 12.31 0.62 -11.85
CA CYS A 135 13.25 1.19 -12.81
C CYS A 135 13.37 2.67 -12.49
N MET A 136 14.48 3.05 -11.84
CA MET A 136 14.72 4.48 -11.53
C MET A 136 15.05 5.22 -12.82
N MET A 137 14.44 6.39 -13.04
CA MET A 137 14.59 7.11 -14.31
C MET A 137 15.18 8.50 -14.07
N ASP A 138 16.21 8.88 -14.84
CA ASP A 138 16.78 10.24 -14.72
C ASP A 138 16.01 11.17 -15.70
N LEU A 139 14.85 11.65 -15.29
CA LEU A 139 14.01 12.50 -16.19
C LEU A 139 14.55 13.93 -16.19
N ARG A 140 15.84 14.12 -16.44
CA ARG A 140 16.46 15.47 -16.48
C ARG A 140 16.32 16.04 -17.89
N ARG A 141 16.43 15.18 -18.91
CA ARG A 141 16.24 15.64 -20.31
C ARG A 141 14.76 15.49 -20.66
N TYR A 142 13.90 15.23 -19.67
CA TYR A 142 12.50 14.99 -19.95
C TYR A 142 11.90 16.18 -20.71
N PRO A 143 11.14 15.93 -21.80
CA PRO A 143 10.75 14.64 -22.36
C PRO A 143 11.68 14.08 -23.44
N LEU A 144 12.79 14.72 -23.80
CA LEU A 144 13.66 14.17 -24.83
C LEU A 144 14.71 13.25 -24.23
N ASP A 145 14.21 12.32 -23.40
CA ASP A 145 15.13 11.44 -22.66
C ASP A 145 15.14 10.03 -23.22
N GLU A 146 15.96 9.19 -22.61
CA GLU A 146 16.05 7.78 -23.03
C GLU A 146 16.32 7.00 -21.75
N GLN A 147 15.48 6.03 -21.42
CA GLN A 147 15.68 5.35 -20.13
C GLN A 147 16.18 3.93 -20.34
N ASN A 148 16.89 3.41 -19.34
CA ASN A 148 17.46 2.04 -19.41
C ASN A 148 16.84 1.24 -18.28
N CYS A 149 15.72 0.59 -18.53
CA CYS A 149 14.98 -0.20 -17.56
C CYS A 149 15.43 -1.65 -17.65
N THR A 150 15.73 -2.26 -16.50
CA THR A 150 16.32 -3.59 -16.45
C THR A 150 15.36 -4.58 -15.79
N LEU A 151 15.86 -5.81 -15.67
CA LEU A 151 15.19 -6.87 -14.91
C LEU A 151 16.28 -7.83 -14.44
N GLU A 152 16.63 -7.76 -13.16
CA GLU A 152 17.77 -8.49 -12.62
C GLU A 152 17.34 -9.88 -12.17
N ILE A 153 17.73 -10.90 -12.94
CA ILE A 153 17.40 -12.28 -12.65
C ILE A 153 18.56 -12.89 -11.87
N GLU A 154 18.29 -13.36 -10.66
CA GLU A 154 19.33 -13.87 -9.78
C GLU A 154 18.84 -15.12 -9.06
N SER A 155 19.78 -15.97 -8.68
CA SER A 155 19.52 -17.05 -7.75
C SER A 155 19.69 -16.54 -6.33
N TYR A 156 18.86 -17.06 -5.42
CA TYR A 156 18.90 -16.56 -4.05
C TYR A 156 19.79 -17.39 -3.14
N GLY A 157 19.46 -18.67 -2.98
CA GLY A 157 20.12 -19.48 -1.96
C GLY A 157 21.30 -20.29 -2.43
N TYR A 158 21.48 -20.39 -3.75
CA TYR A 158 22.52 -21.22 -4.34
C TYR A 158 23.61 -20.34 -4.93
N THR A 159 24.86 -20.63 -4.58
CA THR A 159 25.99 -19.80 -4.96
C THR A 159 26.51 -20.22 -6.33
N THR A 160 27.62 -19.59 -6.73
CA THR A 160 28.20 -19.85 -8.07
C THR A 160 28.78 -21.26 -8.04
N ASP A 161 28.70 -21.93 -6.90
CA ASP A 161 29.15 -23.34 -6.87
C ASP A 161 27.91 -24.22 -6.68
N ASP A 162 26.73 -23.64 -6.86
CA ASP A 162 25.52 -24.49 -6.77
C ASP A 162 24.58 -24.17 -7.93
N ILE A 163 24.80 -23.08 -8.65
CA ILE A 163 23.97 -22.83 -9.86
C ILE A 163 24.75 -21.92 -10.80
N GLU A 164 24.73 -22.20 -12.09
CA GLU A 164 25.34 -21.28 -13.08
C GLU A 164 24.23 -20.89 -14.06
N PHE A 165 24.04 -19.61 -14.30
CA PHE A 165 22.97 -19.09 -15.14
C PHE A 165 23.52 -18.71 -16.50
N TYR A 166 22.77 -19.03 -17.56
CA TYR A 166 23.16 -18.66 -18.91
C TYR A 166 21.89 -18.50 -19.76
N TRP A 167 22.04 -17.78 -20.86
CA TRP A 167 20.94 -17.62 -21.81
C TRP A 167 20.95 -18.79 -22.78
N ARG A 168 19.81 -19.48 -22.90
CA ARG A 168 19.75 -20.65 -23.81
C ARG A 168 19.95 -20.18 -25.25
N GLY A 169 19.18 -19.19 -25.69
CA GLY A 169 19.34 -18.64 -27.05
C GLY A 169 20.58 -17.75 -27.12
N ASP A 170 21.22 -17.49 -25.99
CA ASP A 170 22.47 -16.66 -25.94
C ASP A 170 22.14 -15.20 -26.31
N ASP A 171 21.76 -14.95 -27.56
CA ASP A 171 21.40 -13.58 -27.99
C ASP A 171 19.91 -13.56 -28.36
N ASN A 172 19.38 -14.69 -28.85
CA ASN A 172 17.95 -14.78 -29.23
C ASN A 172 17.16 -15.37 -28.05
N ALA A 173 17.84 -15.62 -26.93
CA ALA A 173 17.16 -16.20 -25.74
C ALA A 173 15.90 -15.40 -25.43
N VAL A 174 15.80 -14.17 -25.96
CA VAL A 174 14.64 -13.34 -25.66
C VAL A 174 14.04 -12.86 -26.98
N THR A 175 12.82 -13.31 -27.26
CA THR A 175 12.10 -12.93 -28.46
C THR A 175 10.84 -12.18 -28.08
N GLY A 176 10.18 -11.61 -29.09
CA GLY A 176 8.94 -10.90 -28.86
C GLY A 176 9.07 -9.46 -28.45
N VAL A 177 10.30 -8.97 -28.25
CA VAL A 177 10.51 -7.56 -27.90
C VAL A 177 10.12 -6.65 -29.05
N THR A 178 10.37 -7.09 -30.28
CA THR A 178 10.11 -6.29 -31.47
C THR A 178 8.62 -6.07 -31.69
N LYS A 179 7.82 -7.03 -31.22
CA LYS A 179 6.34 -6.94 -31.40
C LYS A 179 5.72 -6.28 -30.17
N ILE A 180 6.52 -5.57 -29.36
CA ILE A 180 5.96 -4.84 -28.20
C ILE A 180 5.78 -3.37 -28.58
N GLU A 181 4.52 -2.91 -28.68
CA GLU A 181 4.25 -1.48 -28.98
C GLU A 181 3.97 -0.74 -27.67
N LEU A 182 4.84 0.18 -27.28
CA LEU A 182 4.66 0.89 -25.98
C LEU A 182 3.76 2.11 -26.20
N PRO A 183 2.65 2.25 -25.45
CA PRO A 183 1.70 3.35 -25.65
C PRO A 183 2.37 4.71 -25.96
N GLN A 184 3.47 5.03 -25.28
CA GLN A 184 4.09 6.34 -25.47
C GLN A 184 5.61 6.27 -25.47
N PHE A 185 6.19 5.08 -25.66
CA PHE A 185 7.63 4.96 -25.79
C PHE A 185 7.99 4.23 -27.08
N SER A 186 9.26 3.89 -27.24
CA SER A 186 9.72 3.15 -28.40
C SER A 186 10.98 2.39 -28.01
N ILE A 187 10.88 1.06 -27.98
CA ILE A 187 12.02 0.24 -27.58
C ILE A 187 13.04 0.22 -28.71
N VAL A 188 14.24 0.71 -28.42
CA VAL A 188 15.29 0.81 -29.42
C VAL A 188 16.22 -0.41 -29.37
N ASP A 189 16.78 -0.68 -28.20
CA ASP A 189 17.78 -1.74 -28.07
C ASP A 189 17.50 -2.56 -26.83
N TYR A 190 17.76 -3.86 -26.93
CA TYR A 190 17.68 -4.74 -25.78
C TYR A 190 18.94 -5.59 -25.74
N LYS A 191 19.48 -5.78 -24.54
CA LYS A 191 20.74 -6.47 -24.34
C LYS A 191 20.58 -7.58 -23.32
N LEU A 192 21.45 -8.57 -23.41
CA LEU A 192 21.50 -9.68 -22.47
C LEU A 192 22.88 -9.73 -21.83
N ILE A 193 22.93 -9.60 -20.51
CA ILE A 193 24.17 -9.54 -19.76
C ILE A 193 24.19 -10.66 -18.74
N THR A 194 25.25 -11.45 -18.74
CA THR A 194 25.51 -12.42 -17.69
C THR A 194 26.75 -12.00 -16.90
N LYS A 195 26.66 -12.10 -15.57
CA LYS A 195 27.75 -11.71 -14.69
C LYS A 195 27.54 -12.42 -13.36
N LYS A 196 28.38 -12.08 -12.38
CA LYS A 196 28.31 -12.62 -11.04
C LYS A 196 28.26 -11.47 -10.05
N VAL A 197 27.31 -11.52 -9.13
CA VAL A 197 27.20 -10.53 -8.06
C VAL A 197 27.69 -11.14 -6.77
N VAL A 198 28.33 -10.33 -5.94
CA VAL A 198 28.94 -10.78 -4.69
C VAL A 198 28.27 -10.03 -3.55
N PHE A 199 27.69 -10.77 -2.62
CA PHE A 199 27.18 -10.26 -1.36
C PHE A 199 28.05 -10.79 -0.22
N SER A 200 27.63 -10.52 1.01
CA SER A 200 28.38 -11.00 2.15
C SER A 200 28.21 -12.51 2.37
N THR A 201 27.11 -13.09 1.90
CA THR A 201 26.86 -14.51 2.09
C THR A 201 27.48 -15.37 1.00
N GLY A 202 28.00 -14.77 -0.06
CA GLY A 202 28.62 -15.54 -1.12
C GLY A 202 28.56 -14.78 -2.43
N SER A 203 28.80 -15.52 -3.51
CA SER A 203 28.74 -14.99 -4.86
C SER A 203 27.66 -15.72 -5.65
N TYR A 204 26.82 -14.96 -6.35
CA TYR A 204 25.69 -15.56 -7.01
C TYR A 204 25.69 -15.22 -8.51
N PRO A 205 25.27 -16.14 -9.36
CA PRO A 205 25.15 -15.82 -10.79
C PRO A 205 23.97 -14.90 -11.04
N ARG A 206 24.07 -14.15 -12.14
CA ARG A 206 23.05 -13.17 -12.44
C ARG A 206 22.90 -13.01 -13.95
N LEU A 207 21.67 -13.08 -14.44
CA LEU A 207 21.33 -12.61 -15.77
C LEU A 207 20.55 -11.31 -15.63
N SER A 208 20.62 -10.47 -16.65
CA SER A 208 19.86 -9.22 -16.63
C SER A 208 19.38 -8.92 -18.04
N LEU A 209 18.08 -8.70 -18.18
CA LEU A 209 17.47 -8.25 -19.41
C LEU A 209 17.16 -6.77 -19.28
N SER A 210 17.71 -5.96 -20.19
CA SER A 210 17.55 -4.52 -20.11
C SER A 210 17.10 -3.99 -21.46
N PHE A 211 16.17 -3.03 -21.43
CA PHE A 211 15.65 -2.38 -22.62
C PHE A 211 16.07 -0.92 -22.61
N LYS A 212 16.22 -0.36 -23.80
CA LYS A 212 16.56 1.06 -23.95
C LYS A 212 15.35 1.79 -24.50
N LEU A 213 14.51 2.28 -23.59
CA LEU A 213 13.34 3.04 -24.01
C LEU A 213 13.77 4.42 -24.50
N LYS A 214 13.13 4.87 -25.58
CA LYS A 214 13.38 6.19 -26.14
C LYS A 214 12.02 6.83 -26.39
N ARG A 215 11.68 7.83 -25.58
CA ARG A 215 10.32 8.43 -25.63
C ARG A 215 10.07 9.18 -26.94
N ASN A 216 8.79 9.23 -27.36
CA ASN A 216 8.42 10.00 -28.57
C ASN A 216 7.88 11.36 -28.11
N ILE A 217 8.46 12.46 -28.59
CA ILE A 217 8.03 13.81 -28.10
C ILE A 217 6.89 14.34 -28.98
N GLY A 218 6.39 13.52 -29.91
CA GLY A 218 5.32 13.96 -30.82
C GLY A 218 4.11 14.49 -30.06
N TYR A 219 3.58 13.69 -29.12
CA TYR A 219 2.44 14.14 -28.28
C TYR A 219 2.88 15.34 -27.44
N PHE A 220 4.08 15.27 -26.87
CA PHE A 220 4.60 16.34 -26.02
C PHE A 220 4.79 17.64 -26.79
N ILE A 221 5.21 17.56 -28.06
CA ILE A 221 5.47 18.77 -28.84
C ILE A 221 4.19 19.49 -29.26
N LEU A 222 3.03 18.84 -29.13
CA LEU A 222 1.78 19.46 -29.54
C LEU A 222 0.93 19.95 -28.36
N GLN A 223 1.31 19.66 -27.12
CA GLN A 223 0.56 20.18 -25.98
C GLN A 223 1.43 20.73 -24.85
N THR A 224 2.76 20.67 -24.96
CA THR A 224 3.58 21.40 -23.99
C THR A 224 4.48 22.44 -24.65
N TYR A 225 5.02 22.15 -25.84
CA TYR A 225 5.95 23.07 -26.46
C TYR A 225 5.23 24.07 -27.35
N MET A 226 4.40 23.58 -28.28
CA MET A 226 3.70 24.48 -29.20
C MET A 226 2.63 25.37 -28.55
N PRO A 227 1.86 24.95 -27.53
CA PRO A 227 1.08 25.96 -26.78
C PRO A 227 1.94 27.01 -26.10
N SER A 228 3.12 26.64 -25.61
CA SER A 228 3.99 27.62 -24.95
C SER A 228 4.59 28.58 -25.98
N ILE A 229 4.79 28.12 -27.21
CA ILE A 229 5.28 29.00 -28.26
C ILE A 229 4.22 30.01 -28.65
N LEU A 230 2.98 29.54 -28.84
CA LEU A 230 1.90 30.42 -29.31
C LEU A 230 1.51 31.47 -28.27
N ILE A 231 1.62 31.13 -26.98
CA ILE A 231 1.36 32.10 -25.93
C ILE A 231 2.43 33.18 -25.92
N THR A 232 3.69 32.80 -26.18
CA THR A 232 4.76 33.80 -26.27
C THR A 232 4.66 34.63 -27.54
N ILE A 233 4.12 34.06 -28.62
CA ILE A 233 3.80 34.85 -29.81
C ILE A 233 2.69 35.84 -29.49
N LEU A 234 1.68 35.40 -28.73
CA LEU A 234 0.57 36.27 -28.35
C LEU A 234 1.00 37.37 -27.38
N SER A 235 2.12 37.19 -26.67
CA SER A 235 2.63 38.24 -25.80
C SER A 235 3.14 39.44 -26.59
N TRP A 236 3.64 39.21 -27.80
CA TRP A 236 4.22 40.28 -28.60
C TRP A 236 3.18 41.07 -29.38
N VAL A 237 1.91 40.68 -29.32
CA VAL A 237 0.86 41.46 -29.97
C VAL A 237 0.66 42.78 -29.23
N SER A 238 1.00 42.83 -27.94
CA SER A 238 0.87 44.05 -27.16
C SER A 238 1.83 45.15 -27.61
N PHE A 239 2.92 44.78 -28.30
CA PHE A 239 3.85 45.78 -28.82
C PHE A 239 3.22 46.63 -29.92
N TRP A 240 2.31 46.07 -30.71
CA TRP A 240 1.68 46.83 -31.78
C TRP A 240 0.47 47.64 -31.29
N ILE A 241 -0.03 47.36 -30.10
CA ILE A 241 -1.14 48.13 -29.54
C ILE A 241 -0.62 49.48 -29.07
N ASN A 242 -1.42 50.55 -29.20
CA ASN A 242 -0.93 51.92 -28.89
C ASN A 242 -0.81 52.15 -27.37
N TYR A 243 0.30 52.74 -26.91
CA TYR A 243 0.49 53.02 -25.46
C TYR A 243 -0.67 53.90 -24.96
N ASP A 244 -1.32 54.63 -25.86
CA ASP A 244 -2.40 55.56 -25.45
C ASP A 244 -3.41 54.78 -24.63
N ALA A 245 -3.55 53.50 -24.95
CA ALA A 245 -4.51 52.65 -24.22
C ALA A 245 -3.72 51.80 -23.22
N SER A 246 -4.39 51.42 -22.13
CA SER A 246 -3.67 50.69 -21.09
C SER A 246 -4.24 49.29 -20.91
N ALA A 247 -5.57 49.19 -20.82
CA ALA A 247 -6.23 48.00 -20.29
C ALA A 247 -6.08 46.80 -21.22
N ALA A 248 -6.02 47.05 -22.54
CA ALA A 248 -5.85 45.96 -23.50
C ALA A 248 -4.48 45.31 -23.36
N ARG A 249 -3.43 46.13 -23.29
CA ARG A 249 -2.07 45.59 -23.15
C ARG A 249 -1.87 44.94 -21.78
N VAL A 250 -2.41 45.55 -20.73
CA VAL A 250 -2.32 44.99 -19.37
C VAL A 250 -3.05 43.65 -19.28
N ALA A 251 -4.26 43.57 -19.86
CA ALA A 251 -5.02 42.32 -19.82
C ALA A 251 -4.35 41.23 -20.65
N LEU A 252 -3.81 41.59 -21.82
CA LEU A 252 -3.13 40.62 -22.68
C LEU A 252 -1.88 40.07 -21.99
N GLY A 253 -1.08 40.97 -21.39
CA GLY A 253 0.13 40.53 -20.70
C GLY A 253 -0.15 39.69 -19.48
N ILE A 254 -1.18 40.05 -18.71
CA ILE A 254 -1.50 39.27 -17.51
C ILE A 254 -2.09 37.90 -17.87
N THR A 255 -2.96 37.84 -18.89
CA THR A 255 -3.46 36.54 -19.32
C THR A 255 -2.35 35.67 -19.88
N THR A 256 -1.35 36.30 -20.51
CA THR A 256 -0.17 35.57 -20.95
C THR A 256 0.63 35.03 -19.76
N VAL A 257 0.81 35.84 -18.71
CA VAL A 257 1.51 35.43 -17.50
C VAL A 257 0.78 34.28 -16.81
N LEU A 258 -0.54 34.41 -16.67
CA LEU A 258 -1.33 33.40 -15.96
C LEU A 258 -1.42 32.10 -16.75
N THR A 259 -1.50 32.17 -18.08
CA THR A 259 -1.46 30.94 -18.87
C THR A 259 -0.11 30.27 -18.78
N MET A 260 0.99 31.05 -18.74
CA MET A 260 2.31 30.46 -18.57
C MET A 260 2.47 29.80 -17.21
N THR A 261 1.95 30.44 -16.15
CA THR A 261 2.06 29.84 -14.82
C THR A 261 1.17 28.62 -14.68
N THR A 262 0.00 28.61 -15.33
CA THR A 262 -0.85 27.44 -15.34
C THR A 262 -0.19 26.28 -16.08
N ILE A 263 0.43 26.56 -17.24
CA ILE A 263 1.01 25.47 -18.02
C ILE A 263 2.32 24.98 -17.41
N ASN A 264 3.01 25.78 -16.57
CA ASN A 264 4.15 25.18 -15.90
C ASN A 264 3.77 24.50 -14.59
N THR A 265 2.86 25.07 -13.80
CA THR A 265 2.29 24.34 -12.67
C THR A 265 1.01 23.62 -13.06
N HIS A 266 1.04 22.88 -14.18
CA HIS A 266 -0.02 21.97 -14.56
C HIS A 266 0.53 20.61 -14.95
N LEU A 267 1.81 20.54 -15.34
CA LEU A 267 2.46 19.33 -15.81
C LEU A 267 3.21 18.58 -14.72
N ARG A 268 3.87 19.29 -13.80
CA ARG A 268 4.70 18.63 -12.79
C ARG A 268 3.88 17.89 -11.74
N GLU A 269 2.57 17.98 -11.85
CA GLU A 269 1.72 17.17 -10.95
C GLU A 269 1.82 15.72 -11.41
N THR A 270 1.77 15.47 -12.71
CA THR A 270 1.77 14.08 -13.24
C THR A 270 3.19 13.52 -13.32
N LEU A 271 4.15 14.15 -12.65
CA LEU A 271 5.56 13.70 -12.68
C LEU A 271 6.04 13.43 -11.25
N PRO A 272 7.10 12.62 -11.03
CA PRO A 272 7.62 12.40 -9.68
C PRO A 272 8.13 13.75 -9.13
N LYS A 273 8.07 13.93 -7.81
CA LYS A 273 8.53 15.20 -7.18
C LYS A 273 10.06 15.24 -7.22
N ILE A 274 10.64 15.19 -8.42
CA ILE A 274 12.12 15.21 -8.59
C ILE A 274 12.64 16.61 -8.21
N PRO A 275 13.76 16.71 -7.46
CA PRO A 275 14.26 18.01 -7.00
C PRO A 275 15.03 18.75 -8.10
N TYR A 276 15.22 18.13 -9.26
CA TYR A 276 16.03 18.77 -10.33
C TYR A 276 15.13 19.46 -11.36
N VAL A 277 15.74 20.16 -12.31
CA VAL A 277 15.02 20.89 -13.34
C VAL A 277 15.14 20.12 -14.65
N LYS A 278 14.01 19.98 -15.35
CA LYS A 278 13.95 19.22 -16.59
C LYS A 278 14.08 20.15 -17.79
N ALA A 279 14.07 19.55 -18.99
CA ALA A 279 14.24 20.34 -20.21
C ALA A 279 12.98 21.14 -20.54
N ILE A 280 11.80 20.52 -20.38
CA ILE A 280 10.54 21.22 -20.60
C ILE A 280 10.34 22.30 -19.53
N ASP A 281 10.81 22.04 -18.30
CA ASP A 281 10.75 23.04 -17.24
C ASP A 281 11.65 24.22 -17.55
N MET A 282 12.84 23.97 -18.09
CA MET A 282 13.76 25.03 -18.48
C MET A 282 13.20 25.85 -19.64
N TYR A 283 12.58 25.16 -20.62
CA TYR A 283 11.97 25.86 -21.75
C TYR A 283 10.81 26.75 -21.32
N LEU A 284 9.96 26.24 -20.44
CA LEU A 284 8.86 27.05 -19.93
C LEU A 284 9.34 28.17 -19.00
N MET A 285 10.45 27.96 -18.29
CA MET A 285 11.10 29.04 -17.56
C MET A 285 11.58 30.15 -18.48
N GLY A 286 12.19 29.77 -19.60
CA GLY A 286 12.65 30.77 -20.56
C GLY A 286 11.50 31.53 -21.20
N CYS A 287 10.41 30.82 -21.50
CA CYS A 287 9.21 31.48 -22.02
C CYS A 287 8.61 32.44 -21.00
N PHE A 288 8.58 32.03 -19.72
CA PHE A 288 8.09 32.90 -18.65
C PHE A 288 8.98 34.13 -18.48
N VAL A 289 10.29 33.96 -18.65
CA VAL A 289 11.22 35.09 -18.58
C VAL A 289 10.94 36.08 -19.70
N PHE A 290 10.71 35.58 -20.93
CA PHE A 290 10.39 36.46 -22.05
C PHE A 290 9.08 37.19 -21.86
N VAL A 291 8.06 36.50 -21.33
CA VAL A 291 6.76 37.10 -21.08
C VAL A 291 6.85 38.18 -20.01
N PHE A 292 7.57 37.89 -18.91
CA PHE A 292 7.74 38.85 -17.84
C PHE A 292 8.53 40.07 -18.30
N MET A 293 9.52 39.86 -19.17
CA MET A 293 10.27 40.99 -19.73
C MET A 293 9.42 41.83 -20.66
N ALA A 294 8.50 41.21 -21.42
CA ALA A 294 7.58 42.00 -22.25
C ALA A 294 6.64 42.85 -21.40
N LEU A 295 6.13 42.29 -20.30
CA LEU A 295 5.24 43.07 -19.44
C LEU A 295 5.99 44.19 -18.73
N LEU A 296 7.24 43.93 -18.32
CA LEU A 296 8.06 45.00 -17.75
C LEU A 296 8.47 46.02 -18.81
N GLU A 297 8.23 45.67 -20.07
CA GLU A 297 8.46 46.67 -21.16
C GLU A 297 7.32 47.69 -21.16
N TYR A 298 6.08 47.26 -20.94
CA TYR A 298 4.94 48.19 -21.03
C TYR A 298 4.96 49.11 -19.80
N ALA A 299 5.30 48.53 -18.65
CA ALA A 299 5.47 49.42 -17.48
C ALA A 299 6.48 50.44 -17.96
N LEU A 300 7.62 49.96 -18.48
CA LEU A 300 8.70 50.90 -18.90
C LEU A 300 8.09 52.01 -19.75
N VAL A 301 7.33 51.67 -20.79
CA VAL A 301 6.75 52.68 -21.71
C VAL A 301 5.87 53.66 -20.93
N ASN A 302 4.76 53.18 -20.35
CA ASN A 302 3.83 54.16 -19.71
C ASN A 302 4.58 55.01 -18.70
N TYR A 303 5.63 54.43 -18.09
CA TYR A 303 6.40 55.14 -17.04
C TYR A 303 7.35 56.15 -17.69
N ILE A 304 8.03 55.75 -18.77
CA ILE A 304 9.00 56.66 -19.44
C ILE A 304 8.23 57.86 -20.02
N PHE A 305 7.01 57.63 -20.52
CA PHE A 305 6.17 58.73 -21.05
C PHE A 305 5.66 59.58 -19.89
N PHE A 306 5.22 58.95 -18.81
CA PHE A 306 4.65 59.68 -17.65
C PHE A 306 5.68 59.73 -16.51
N ASN A 460 7.87 56.17 -28.73
CA ASN A 460 7.60 55.35 -29.90
C ASN A 460 8.84 54.60 -30.37
N ALA A 461 9.95 54.69 -29.63
CA ALA A 461 11.18 54.00 -29.99
C ALA A 461 11.49 52.81 -29.11
N ILE A 462 11.04 52.81 -27.85
CA ILE A 462 11.28 51.69 -26.95
C ILE A 462 10.50 50.47 -27.40
N ASP A 463 9.24 50.66 -27.77
CA ASP A 463 8.47 49.57 -28.36
C ASP A 463 8.92 49.23 -29.77
N ARG A 464 9.41 50.21 -30.54
CA ARG A 464 9.92 49.96 -31.89
C ARG A 464 11.12 49.03 -31.89
N TRP A 465 11.99 49.17 -30.89
CA TRP A 465 13.09 48.22 -30.73
C TRP A 465 12.58 46.85 -30.32
N SER A 466 11.41 46.78 -29.68
CA SER A 466 10.90 45.53 -29.15
C SER A 466 10.22 44.66 -30.20
N ARG A 467 9.73 45.24 -31.32
CA ARG A 467 9.23 44.40 -32.40
C ARG A 467 10.36 43.66 -33.13
N ILE A 468 11.59 44.13 -33.02
CA ILE A 468 12.73 43.50 -33.67
C ILE A 468 13.52 42.63 -32.70
N PHE A 469 13.79 43.14 -31.49
CA PHE A 469 14.69 42.47 -30.56
C PHE A 469 14.09 41.19 -29.99
N PHE A 470 12.83 41.25 -29.53
CA PHE A 470 12.16 40.11 -28.90
C PHE A 470 11.96 38.89 -29.79
N PRO A 471 11.56 38.98 -31.08
CA PRO A 471 11.58 37.76 -31.89
C PRO A 471 12.98 37.25 -32.22
N VAL A 472 14.00 38.10 -32.18
CA VAL A 472 15.35 37.66 -32.48
C VAL A 472 15.90 36.81 -31.34
N VAL A 473 15.77 37.29 -30.10
CA VAL A 473 16.35 36.60 -28.94
C VAL A 473 15.59 35.31 -28.65
N PHE A 474 14.27 35.31 -28.83
CA PHE A 474 13.47 34.10 -28.64
C PHE A 474 13.80 33.04 -29.67
N SER A 475 14.01 33.43 -30.93
CA SER A 475 14.49 32.49 -31.92
C SER A 475 15.93 32.08 -31.65
N PHE A 476 16.73 32.99 -31.11
CA PHE A 476 18.09 32.65 -30.69
C PHE A 476 18.06 31.72 -29.48
N PHE A 477 17.04 31.88 -28.61
CA PHE A 477 16.86 30.95 -27.50
C PHE A 477 16.44 29.56 -27.98
N ASN A 478 15.60 29.50 -29.02
CA ASN A 478 15.17 28.21 -29.55
C ASN A 478 16.30 27.46 -30.23
N ILE A 479 17.28 28.19 -30.79
CA ILE A 479 18.42 27.54 -31.42
C ILE A 479 19.32 26.89 -30.36
N VAL A 480 19.56 27.60 -29.26
CA VAL A 480 20.43 27.08 -28.20
C VAL A 480 19.76 25.92 -27.48
N TYR A 481 18.44 26.00 -27.26
CA TYR A 481 17.72 24.96 -26.55
C TYR A 481 17.63 23.68 -27.38
N TRP A 482 17.33 23.79 -28.67
CA TRP A 482 17.15 22.60 -29.50
C TRP A 482 18.47 22.06 -30.05
N LEU A 483 19.60 22.72 -29.77
CA LEU A 483 20.90 22.14 -30.07
C LEU A 483 21.46 21.37 -28.89
N TYR A 484 21.05 21.72 -27.67
CA TYR A 484 21.48 20.98 -26.49
C TYR A 484 20.65 19.72 -26.29
N TYR A 485 19.33 19.87 -26.11
CA TYR A 485 18.44 18.75 -25.84
C TYR A 485 18.01 18.13 -27.17
N VAL A 486 18.94 17.41 -27.79
CA VAL A 486 18.67 16.76 -29.07
C VAL A 486 19.57 15.54 -29.23
N ASP B 10 22.52 -44.60 -4.05
CA ASP B 10 22.93 -43.41 -4.77
C ASP B 10 23.86 -42.58 -3.88
N ASN B 11 24.64 -41.69 -4.48
CA ASN B 11 25.53 -40.82 -3.69
C ASN B 11 24.75 -39.73 -2.97
N THR B 12 23.57 -39.37 -3.51
CA THR B 12 22.75 -38.34 -2.88
C THR B 12 22.02 -38.89 -1.65
N THR B 13 21.95 -40.22 -1.54
CA THR B 13 21.26 -40.89 -0.43
C THR B 13 21.94 -40.62 0.91
N VAL B 14 23.25 -40.34 0.90
CA VAL B 14 23.95 -39.90 2.10
C VAL B 14 23.42 -38.55 2.57
N PHE B 15 23.21 -37.63 1.63
CA PHE B 15 22.73 -36.29 1.95
C PHE B 15 21.24 -36.22 2.21
N THR B 16 20.50 -37.31 2.04
CA THR B 16 19.12 -37.37 2.51
C THR B 16 18.96 -38.31 3.69
N ARG B 17 20.00 -39.08 4.04
CA ARG B 17 20.04 -39.73 5.33
C ARG B 17 20.65 -38.84 6.41
N ILE B 18 21.35 -37.77 6.01
CA ILE B 18 21.78 -36.75 6.95
C ILE B 18 20.63 -35.85 7.40
N LEU B 19 19.82 -35.36 6.46
CA LEU B 19 18.69 -34.47 6.76
C LEU B 19 17.57 -35.15 7.50
N ASP B 20 17.27 -36.41 7.18
CA ASP B 20 16.26 -37.16 7.91
C ASP B 20 16.75 -37.52 9.31
N ARG B 21 18.08 -37.55 9.50
CA ARG B 21 18.61 -37.70 10.84
C ARG B 21 18.49 -36.40 11.62
N LEU B 22 18.58 -35.26 10.93
CA LEU B 22 18.43 -33.97 11.59
C LEU B 22 17.00 -33.74 12.04
N LEU B 23 16.05 -33.95 11.14
CA LEU B 23 14.65 -33.69 11.48
C LEU B 23 13.95 -34.95 11.99
N ASP B 24 14.54 -35.61 12.98
CA ASP B 24 13.97 -36.81 13.58
C ASP B 24 13.77 -36.53 15.07
N GLY B 25 12.52 -36.42 15.48
CA GLY B 25 12.23 -35.99 16.83
C GLY B 25 12.49 -34.53 17.08
N TYR B 26 12.49 -33.72 16.02
CA TYR B 26 12.76 -32.29 16.13
C TYR B 26 11.44 -31.58 16.39
N ASP B 27 11.24 -31.15 17.63
CA ASP B 27 10.05 -30.40 18.01
C ASP B 27 10.29 -28.94 17.65
N ASN B 28 9.63 -28.50 16.57
CA ASN B 28 9.85 -27.16 16.06
C ASN B 28 8.99 -26.12 16.75
N ARG B 29 8.17 -26.52 17.73
CA ARG B 29 7.39 -25.56 18.49
C ARG B 29 8.19 -24.94 19.64
N LEU B 30 9.37 -25.47 19.93
CA LEU B 30 10.17 -25.04 21.07
C LEU B 30 11.46 -24.40 20.56
N ARG B 31 11.85 -23.29 21.19
CA ARG B 31 13.11 -22.64 20.86
C ARG B 31 14.28 -23.50 21.33
N PRO B 32 15.43 -23.39 20.67
CA PRO B 32 16.60 -24.17 21.11
C PRO B 32 17.14 -23.67 22.44
N GLY B 33 17.39 -24.62 23.34
CA GLY B 33 17.81 -24.29 24.69
C GLY B 33 16.70 -23.63 25.47
N LEU B 34 15.58 -24.34 25.63
CA LEU B 34 14.37 -23.76 26.21
C LEU B 34 14.51 -23.50 27.69
N GLY B 35 14.74 -24.53 28.48
CA GLY B 35 14.86 -24.38 29.92
C GLY B 35 16.30 -24.32 30.38
N GLU B 36 17.20 -23.90 29.49
CA GLU B 36 18.62 -23.93 29.80
C GLU B 36 19.28 -22.57 29.62
N ARG B 37 18.92 -21.84 28.57
CA ARG B 37 19.63 -20.62 28.23
C ARG B 37 18.71 -19.71 27.44
N VAL B 38 19.29 -18.64 26.88
CA VAL B 38 18.57 -17.66 26.10
C VAL B 38 19.06 -17.75 24.66
N THR B 39 18.14 -17.66 23.72
CA THR B 39 18.44 -17.80 22.29
C THR B 39 19.01 -16.48 21.79
N GLU B 40 20.34 -16.39 21.73
CA GLU B 40 21.00 -15.22 21.18
C GLU B 40 20.89 -15.25 19.67
N VAL B 41 20.15 -14.30 19.10
CA VAL B 41 19.91 -14.25 17.67
C VAL B 41 20.71 -13.08 17.10
N LYS B 42 21.71 -13.39 16.28
CA LYS B 42 22.53 -12.38 15.61
C LYS B 42 21.84 -11.93 14.34
N THR B 43 21.75 -10.62 14.16
CA THR B 43 20.90 -10.03 13.13
C THR B 43 21.69 -8.96 12.36
N ASP B 44 21.44 -8.87 11.07
CA ASP B 44 21.92 -7.74 10.27
C ASP B 44 20.97 -7.53 9.10
N ILE B 45 21.04 -6.34 8.53
CA ILE B 45 20.14 -5.90 7.48
C ILE B 45 20.97 -5.41 6.31
N PHE B 46 20.62 -5.86 5.10
CA PHE B 46 21.23 -5.40 3.86
C PHE B 46 20.16 -4.69 3.04
N VAL B 47 20.16 -3.37 3.03
CA VAL B 47 19.12 -2.59 2.37
C VAL B 47 19.44 -2.52 0.88
N THR B 48 18.76 -3.34 0.07
CA THR B 48 19.03 -3.33 -1.36
C THR B 48 18.48 -2.06 -2.03
N SER B 49 17.37 -1.52 -1.54
CA SER B 49 16.82 -0.30 -2.12
C SER B 49 15.92 0.39 -1.11
N PHE B 50 16.34 1.56 -0.64
CA PHE B 50 15.49 2.38 0.22
C PHE B 50 14.45 3.05 -0.66
N GLY B 51 13.20 2.63 -0.52
CA GLY B 51 12.16 3.03 -1.43
C GLY B 51 11.66 4.43 -1.19
N PRO B 52 10.63 4.84 -1.92
CA PRO B 52 10.13 6.22 -1.82
C PRO B 52 9.44 6.44 -0.49
N VAL B 53 9.48 7.70 -0.03
CA VAL B 53 8.86 8.08 1.23
C VAL B 53 7.55 8.77 0.92
N SER B 54 6.46 8.22 1.45
CA SER B 54 5.13 8.79 1.29
C SER B 54 4.94 9.83 2.39
N ASP B 55 4.94 11.11 2.01
CA ASP B 55 4.76 12.17 2.99
C ASP B 55 3.32 12.20 3.51
N HIS B 56 2.36 11.92 2.63
CA HIS B 56 0.95 12.06 2.99
C HIS B 56 0.52 10.98 3.97
N ASP B 57 1.08 9.77 3.84
CA ASP B 57 0.78 8.69 4.75
C ASP B 57 1.72 8.62 5.94
N MET B 58 2.78 9.44 5.95
CA MET B 58 3.82 9.48 6.98
C MET B 58 4.45 8.10 7.19
N GLU B 59 4.89 7.50 6.09
CA GLU B 59 5.50 6.18 6.10
C GLU B 59 6.59 6.14 5.04
N TYR B 60 7.30 5.03 5.00
CA TYR B 60 8.36 4.83 4.03
C TYR B 60 8.42 3.35 3.67
N THR B 61 9.04 3.06 2.54
CA THR B 61 9.14 1.70 2.02
C THR B 61 10.60 1.30 2.00
N ILE B 62 10.89 0.06 2.38
CA ILE B 62 12.28 -0.41 2.39
C ILE B 62 12.40 -1.84 1.90
N ASP B 63 13.26 -2.08 0.92
CA ASP B 63 13.57 -3.45 0.52
C ASP B 63 14.83 -3.91 1.23
N VAL B 64 14.81 -5.11 1.80
CA VAL B 64 15.91 -5.60 2.62
C VAL B 64 16.25 -7.04 2.26
N PHE B 65 17.42 -7.45 2.73
CA PHE B 65 17.85 -8.84 2.87
C PHE B 65 18.09 -9.06 4.36
N PHE B 66 17.03 -8.84 5.15
CA PHE B 66 17.00 -9.11 6.58
C PHE B 66 17.55 -10.49 6.91
N ARG B 67 18.69 -10.51 7.60
CA ARG B 67 19.37 -11.75 7.96
C ARG B 67 19.16 -12.06 9.43
N GLN B 68 19.32 -13.33 9.78
CA GLN B 68 19.28 -13.77 11.17
C GLN B 68 20.34 -14.84 11.34
N SER B 69 20.85 -15.00 12.56
CA SER B 69 21.83 -16.05 12.82
C SER B 69 21.78 -16.53 14.26
N TRP B 70 21.11 -17.64 14.52
CA TRP B 70 21.04 -18.18 15.86
C TRP B 70 21.79 -19.50 15.96
N LYS B 71 21.70 -20.17 17.11
CA LYS B 71 22.47 -21.38 17.37
C LYS B 71 21.56 -22.50 17.83
N ASP B 72 21.49 -23.59 17.05
CA ASP B 72 20.64 -24.73 17.39
C ASP B 72 21.53 -25.96 17.58
N GLU B 73 21.44 -26.58 18.75
CA GLU B 73 22.26 -27.76 19.04
C GLU B 73 21.65 -29.03 18.47
N ARG B 74 20.35 -29.03 18.14
CA ARG B 74 19.73 -30.22 17.57
C ARG B 74 20.11 -30.40 16.11
N LEU B 75 20.44 -29.31 15.42
CA LEU B 75 20.85 -29.36 14.01
C LEU B 75 22.37 -29.52 13.88
N LYS B 76 22.87 -30.62 14.44
CA LYS B 76 24.29 -30.93 14.44
C LYS B 76 24.52 -32.21 13.64
N PHE B 77 25.49 -32.15 12.73
CA PHE B 77 25.70 -33.26 11.80
C PHE B 77 27.18 -33.37 11.50
N LYS B 78 27.57 -34.56 11.00
CA LYS B 78 28.94 -34.84 10.58
C LYS B 78 28.85 -35.43 9.17
N GLY B 79 28.99 -34.58 8.17
CA GLY B 79 28.88 -35.01 6.79
C GLY B 79 30.10 -34.65 5.96
N PRO B 80 30.06 -34.99 4.66
CA PRO B 80 31.16 -34.59 3.76
C PRO B 80 31.29 -33.08 3.60
N MET B 81 30.15 -32.39 3.68
CA MET B 81 30.13 -30.92 3.49
C MET B 81 30.08 -30.23 4.84
N THR B 82 30.68 -29.04 4.97
CA THR B 82 30.56 -28.24 6.17
C THR B 82 29.28 -27.43 6.15
N VAL B 83 29.11 -26.59 5.12
CA VAL B 83 27.88 -25.81 4.99
C VAL B 83 26.88 -26.64 4.19
N LEU B 84 25.60 -26.56 4.58
CA LEU B 84 24.55 -27.41 4.03
C LEU B 84 23.42 -26.58 3.43
N ARG B 85 23.78 -25.67 2.52
CA ARG B 85 22.86 -24.78 1.80
C ARG B 85 21.65 -25.50 1.20
N LEU B 86 20.47 -25.12 1.66
CA LEU B 86 19.22 -25.78 1.30
C LEU B 86 18.20 -24.74 0.86
N ASN B 87 17.04 -25.30 0.48
CA ASN B 87 15.93 -24.48 -0.02
C ASN B 87 14.99 -24.12 1.13
N ASN B 88 13.96 -23.32 0.87
CA ASN B 88 13.14 -22.89 2.03
C ASN B 88 12.34 -24.05 2.63
N LEU B 89 12.05 -25.13 1.91
CA LEU B 89 11.19 -26.17 2.54
C LEU B 89 11.70 -26.43 3.97
N MET B 90 13.01 -26.61 4.15
CA MET B 90 13.43 -26.97 5.50
C MET B 90 13.18 -25.85 6.51
N ALA B 91 13.08 -24.60 6.06
CA ALA B 91 12.87 -23.48 6.98
C ALA B 91 11.50 -23.53 7.64
N SER B 92 10.52 -24.15 7.00
CA SER B 92 9.23 -24.39 7.64
C SER B 92 9.23 -25.60 8.56
N LYS B 93 10.26 -26.43 8.50
CA LYS B 93 10.34 -27.62 9.34
C LYS B 93 11.17 -27.41 10.60
N ILE B 94 11.75 -26.23 10.79
CA ILE B 94 12.65 -25.95 11.89
C ILE B 94 12.17 -24.73 12.65
N TRP B 95 12.72 -24.55 13.85
CA TRP B 95 12.41 -23.36 14.63
C TRP B 95 13.10 -22.15 14.04
N THR B 96 12.29 -21.15 13.66
CA THR B 96 12.80 -19.86 13.26
C THR B 96 12.24 -18.81 14.20
N PRO B 97 12.97 -17.72 14.46
CA PRO B 97 12.45 -16.70 15.36
C PRO B 97 11.28 -15.95 14.76
N ASP B 98 10.45 -15.40 15.63
CA ASP B 98 9.20 -14.76 15.26
C ASP B 98 9.35 -13.25 15.18
N THR B 99 10.47 -12.79 14.62
CA THR B 99 10.76 -11.37 14.49
C THR B 99 9.71 -10.67 13.65
N PHE B 100 8.98 -9.77 14.28
CA PHE B 100 8.03 -8.91 13.60
C PHE B 100 8.57 -7.49 13.69
N PHE B 101 8.00 -6.61 12.89
CA PHE B 101 8.41 -5.22 12.88
C PHE B 101 7.44 -4.41 13.73
N HIS B 102 7.98 -3.70 14.72
CA HIS B 102 7.14 -3.00 15.69
C HIS B 102 6.37 -1.85 15.06
N ASN B 103 7.02 -1.09 14.18
CA ASN B 103 6.37 0.03 13.52
C ASN B 103 6.05 -0.26 12.06
N GLY B 104 6.01 -1.52 11.68
CA GLY B 104 5.64 -1.92 10.34
C GLY B 104 4.13 -1.91 10.14
N LYS B 105 3.71 -1.62 8.91
CA LYS B 105 2.30 -1.55 8.57
C LYS B 105 1.85 -2.63 7.60
N LYS B 106 2.62 -2.89 6.54
CA LYS B 106 2.30 -3.96 5.61
C LYS B 106 3.58 -4.42 4.93
N SER B 107 4.12 -5.55 5.35
CA SER B 107 5.37 -6.07 4.83
C SER B 107 5.11 -7.27 3.94
N VAL B 108 5.82 -7.32 2.82
CA VAL B 108 5.64 -8.34 1.80
C VAL B 108 6.86 -9.25 1.81
N ALA B 109 6.66 -10.50 2.23
CA ALA B 109 7.70 -11.51 2.08
C ALA B 109 7.55 -12.08 0.68
N HIS B 110 8.44 -11.64 -0.21
CA HIS B 110 8.33 -11.97 -1.66
C HIS B 110 8.39 -13.49 -1.88
N ASN B 111 7.86 -13.94 -3.02
CA ASN B 111 7.88 -15.39 -3.37
C ASN B 111 7.85 -15.58 -4.88
N MET B 112 8.62 -14.81 -5.65
CA MET B 112 8.71 -14.92 -7.09
C MET B 112 10.14 -15.26 -7.45
N THR B 113 10.37 -16.40 -8.14
CA THR B 113 9.35 -17.32 -8.64
C THR B 113 9.05 -18.42 -7.64
N MET B 114 9.99 -18.65 -6.71
CA MET B 114 9.79 -19.61 -5.60
C MET B 114 9.81 -18.75 -4.34
N PRO B 115 9.76 -19.24 -3.07
CA PRO B 115 9.88 -18.37 -1.90
C PRO B 115 11.30 -17.84 -1.67
N ASN B 116 11.46 -16.51 -1.63
CA ASN B 116 12.81 -15.90 -1.49
C ASN B 116 13.31 -16.04 -0.06
N LYS B 117 13.83 -17.22 0.30
CA LYS B 117 14.39 -17.44 1.66
C LYS B 117 15.73 -18.17 1.54
N LEU B 118 16.68 -17.88 2.44
CA LEU B 118 17.99 -18.57 2.43
C LEU B 118 18.14 -19.34 3.74
N LEU B 119 18.59 -20.60 3.68
CA LEU B 119 18.83 -21.38 4.92
C LEU B 119 20.20 -22.07 4.83
N ARG B 120 21.08 -21.81 5.79
CA ARG B 120 22.46 -22.40 5.75
C ARG B 120 22.80 -22.98 7.12
N ILE B 121 22.77 -24.31 7.25
CA ILE B 121 23.13 -24.96 8.51
C ILE B 121 24.58 -25.40 8.40
N THR B 122 25.46 -24.78 9.20
CA THR B 122 26.84 -25.23 9.24
C THR B 122 26.96 -26.46 10.14
N GLU B 123 28.18 -27.02 10.18
CA GLU B 123 28.43 -28.30 10.83
C GLU B 123 28.20 -28.28 12.33
N ASP B 124 28.64 -27.22 13.01
CA ASP B 124 28.54 -27.13 14.47
C ASP B 124 27.10 -26.97 14.93
N GLY B 125 26.28 -26.28 14.13
CA GLY B 125 24.90 -26.05 14.50
C GLY B 125 24.49 -24.60 14.35
N THR B 126 25.35 -23.79 13.76
CA THR B 126 25.03 -22.40 13.48
C THR B 126 24.06 -22.34 12.31
N LEU B 127 23.06 -21.48 12.40
CA LEU B 127 22.12 -21.29 11.30
C LEU B 127 22.22 -19.86 10.76
N LEU B 128 21.89 -19.73 9.48
CA LEU B 128 21.77 -18.45 8.81
C LEU B 128 20.55 -18.50 7.94
N TYR B 129 19.66 -17.52 8.08
CA TYR B 129 18.32 -17.62 7.52
C TYR B 129 17.87 -16.20 7.15
N THR B 130 18.10 -15.82 5.89
CA THR B 130 17.78 -14.48 5.45
C THR B 130 16.53 -14.53 4.58
N MET B 131 15.98 -13.36 4.31
CA MET B 131 14.78 -13.26 3.49
C MET B 131 14.69 -11.89 2.87
N ARG B 132 13.98 -11.81 1.76
CA ARG B 132 13.75 -10.56 1.03
C ARG B 132 12.39 -10.03 1.41
N LEU B 133 12.36 -8.85 2.02
CA LEU B 133 11.14 -8.26 2.53
C LEU B 133 10.95 -6.89 1.92
N THR B 134 9.71 -6.39 1.99
CA THR B 134 9.39 -5.02 1.60
C THR B 134 8.61 -4.43 2.79
N VAL B 135 9.34 -3.89 3.75
CA VAL B 135 8.71 -3.37 4.96
C VAL B 135 8.21 -1.96 4.70
N ARG B 136 6.91 -1.77 4.82
CA ARG B 136 6.30 -0.46 4.66
C ARG B 136 6.11 0.12 6.06
N ALA B 137 7.21 0.51 6.70
CA ALA B 137 7.20 0.94 8.08
C ALA B 137 6.65 2.36 8.19
N GLU B 138 6.08 2.67 9.36
CA GLU B 138 5.58 4.01 9.63
C GLU B 138 6.72 4.86 10.17
N CYS B 139 6.65 6.15 9.91
CA CYS B 139 7.68 7.11 10.32
C CYS B 139 6.98 8.36 10.82
N PRO B 140 6.88 8.55 12.14
CA PRO B 140 6.32 9.79 12.68
C PRO B 140 7.14 11.01 12.31
N MET B 141 6.51 11.95 11.60
CA MET B 141 7.20 13.10 11.04
C MET B 141 6.67 14.39 11.65
N HIS B 142 7.58 15.31 11.96
CA HIS B 142 7.24 16.63 12.45
C HIS B 142 7.60 17.64 11.37
N LEU B 143 6.63 18.42 10.94
CA LEU B 143 6.80 19.23 9.74
C LEU B 143 6.72 20.72 10.03
N GLU B 144 7.31 21.16 11.14
CA GLU B 144 7.29 22.58 11.46
C GLU B 144 8.24 23.37 10.56
N ASP B 145 9.32 22.75 10.09
CA ASP B 145 10.22 23.37 9.14
C ASP B 145 10.09 22.77 7.74
N PHE B 146 8.90 22.33 7.35
CA PHE B 146 8.68 21.86 5.99
C PHE B 146 8.78 23.03 5.03
N PRO B 147 9.55 22.92 3.95
CA PRO B 147 10.28 21.77 3.43
C PRO B 147 11.78 21.86 3.60
N MET B 148 12.26 22.33 4.74
CA MET B 148 13.69 22.28 5.01
C MET B 148 13.89 21.43 6.25
N ASP B 149 13.16 20.34 6.34
CA ASP B 149 13.10 19.48 7.52
C ASP B 149 13.92 18.22 7.29
N ALA B 150 14.36 17.64 8.40
CA ALA B 150 15.12 16.40 8.39
C ALA B 150 14.51 15.44 9.40
N HIS B 151 14.28 14.21 8.95
CA HIS B 151 13.60 13.21 9.78
C HIS B 151 14.54 12.04 10.02
N ALA B 152 14.30 11.35 11.13
CA ALA B 152 14.99 10.11 11.46
C ALA B 152 13.93 9.01 11.46
N CYS B 153 13.68 8.45 10.29
CA CYS B 153 12.64 7.45 10.15
C CYS B 153 13.10 6.13 10.75
N PRO B 154 12.41 5.60 11.75
CA PRO B 154 12.92 4.43 12.47
C PRO B 154 12.51 3.10 11.85
N LEU B 155 13.12 2.01 12.32
CA LEU B 155 12.77 0.66 11.91
C LEU B 155 13.01 -0.24 13.10
N LYS B 156 11.95 -0.60 13.82
CA LYS B 156 12.08 -1.37 15.05
C LYS B 156 11.56 -2.77 14.82
N PHE B 157 12.36 -3.77 15.21
CA PHE B 157 11.96 -5.16 15.10
C PHE B 157 12.35 -5.90 16.36
N GLY B 158 11.48 -6.80 16.80
CA GLY B 158 11.76 -7.64 17.95
C GLY B 158 10.90 -8.88 17.87
N SER B 159 11.13 -9.79 18.81
CA SER B 159 10.34 -11.02 18.84
C SER B 159 8.94 -10.72 19.36
N TYR B 160 7.94 -11.45 18.88
CA TYR B 160 6.55 -11.25 19.29
C TYR B 160 6.20 -12.01 20.56
N ALA B 161 6.50 -13.29 20.62
CA ALA B 161 6.04 -14.14 21.71
C ALA B 161 7.09 -14.36 22.79
N TYR B 162 8.37 -14.31 22.45
CA TYR B 162 9.43 -14.67 23.38
C TYR B 162 10.00 -13.44 24.06
N THR B 163 10.05 -13.50 25.40
CA THR B 163 10.44 -12.34 26.21
C THR B 163 11.96 -12.23 26.27
N ARG B 164 12.44 -11.32 27.13
CA ARG B 164 13.88 -11.06 27.25
C ARG B 164 14.62 -12.25 27.85
N ALA B 165 13.95 -13.03 28.68
CA ALA B 165 14.56 -14.25 29.22
C ALA B 165 14.47 -15.43 28.27
N GLU B 166 13.86 -15.26 27.10
CA GLU B 166 13.66 -16.34 26.14
C GLU B 166 14.43 -16.13 24.85
N VAL B 167 14.30 -14.97 24.22
CA VAL B 167 15.02 -14.65 22.98
C VAL B 167 15.57 -13.24 23.09
N VAL B 168 16.88 -13.09 22.93
CA VAL B 168 17.55 -11.80 22.87
C VAL B 168 18.09 -11.61 21.46
N TYR B 169 18.28 -10.36 21.06
CA TYR B 169 18.82 -10.07 19.75
C TYR B 169 20.17 -9.36 19.86
N GLU B 170 20.97 -9.48 18.81
CA GLU B 170 22.28 -8.86 18.75
C GLU B 170 22.63 -8.62 17.29
N TRP B 171 23.58 -7.71 17.06
CA TRP B 171 24.12 -7.49 15.73
C TRP B 171 25.33 -8.39 15.51
N THR B 172 25.42 -9.00 14.32
CA THR B 172 26.47 -9.98 14.08
C THR B 172 27.82 -9.32 13.83
N ARG B 173 27.82 -8.13 13.24
CA ARG B 173 29.03 -7.36 13.03
C ARG B 173 29.05 -6.20 14.03
N GLU B 174 29.95 -5.25 13.82
CA GLU B 174 29.92 -4.01 14.57
C GLU B 174 28.61 -3.27 14.28
N PRO B 175 28.01 -2.62 15.29
CA PRO B 175 26.75 -1.92 15.06
C PRO B 175 26.83 -0.78 14.06
N ALA B 176 28.01 -0.20 13.83
CA ALA B 176 28.14 0.77 12.76
C ALA B 176 28.08 0.10 11.38
N ARG B 177 28.43 -1.19 11.31
CA ARG B 177 28.47 -1.91 10.04
C ARG B 177 27.52 -3.10 10.01
N SER B 178 26.43 -3.05 10.76
CA SER B 178 25.46 -4.14 10.74
C SER B 178 24.18 -3.78 10.00
N VAL B 179 24.06 -2.57 9.48
CA VAL B 179 23.03 -2.23 8.52
C VAL B 179 23.76 -1.66 7.30
N VAL B 180 23.79 -2.42 6.22
CA VAL B 180 24.53 -2.02 5.04
C VAL B 180 23.56 -1.62 3.95
N VAL B 181 23.51 -0.32 3.64
CA VAL B 181 22.71 0.14 2.52
C VAL B 181 23.50 -0.06 1.24
N ALA B 182 22.88 -0.68 0.24
CA ALA B 182 23.53 -0.94 -1.04
C ALA B 182 23.83 0.37 -1.76
N GLU B 183 24.84 0.30 -2.65
CA GLU B 183 25.40 1.51 -3.25
C GLU B 183 24.43 2.14 -4.26
N ASP B 184 23.85 1.32 -5.13
CA ASP B 184 22.96 1.80 -6.16
C ASP B 184 21.50 1.85 -5.71
N GLY B 185 21.21 1.44 -4.49
CA GLY B 185 19.83 1.42 -4.03
C GLY B 185 19.39 2.72 -3.39
N SER B 186 18.74 3.57 -4.19
CA SER B 186 18.09 4.76 -3.68
C SER B 186 16.92 5.14 -4.58
N ARG B 187 15.72 4.73 -4.21
CA ARG B 187 14.53 5.12 -4.96
C ARG B 187 13.91 6.39 -4.42
N LEU B 188 14.60 7.01 -3.48
CA LEU B 188 14.17 8.27 -2.93
C LEU B 188 14.27 9.37 -3.97
N ASN B 189 13.17 10.07 -4.18
CA ASN B 189 13.15 11.26 -5.00
C ASN B 189 13.14 12.55 -4.19
N GLN B 190 12.41 12.59 -3.08
CA GLN B 190 12.32 13.79 -2.26
C GLN B 190 13.53 13.94 -1.35
N TYR B 191 14.00 12.85 -0.76
CA TYR B 191 15.00 12.91 0.30
C TYR B 191 16.33 12.38 -0.21
N ASP B 192 17.35 12.42 0.65
CA ASP B 192 18.56 11.66 0.42
C ASP B 192 19.01 11.07 1.75
N LEU B 193 19.43 9.80 1.71
CA LEU B 193 19.78 9.08 2.92
C LEU B 193 21.12 9.56 3.46
N LEU B 194 21.08 10.29 4.57
CA LEU B 194 22.31 10.86 5.12
C LEU B 194 23.18 9.79 5.78
N GLY B 195 22.59 8.93 6.60
CA GLY B 195 23.42 7.98 7.32
C GLY B 195 22.59 6.97 8.09
N GLN B 196 23.29 6.25 8.96
CA GLN B 196 22.72 5.13 9.70
C GLN B 196 22.85 5.36 11.19
N THR B 197 21.99 4.68 11.94
CA THR B 197 21.96 4.78 13.40
C THR B 197 21.22 3.55 13.91
N VAL B 198 21.88 2.75 14.75
CA VAL B 198 21.21 1.60 15.35
C VAL B 198 21.29 1.71 16.86
N ASP B 199 20.40 1.00 17.53
CA ASP B 199 20.35 0.97 18.99
C ASP B 199 19.67 -0.33 19.40
N SER B 200 20.00 -0.79 20.60
CA SER B 200 19.37 -1.96 21.19
C SER B 200 18.84 -1.61 22.56
N GLY B 201 17.59 -1.97 22.82
CA GLY B 201 16.94 -1.60 24.06
C GLY B 201 15.93 -2.63 24.48
N ILE B 202 15.27 -2.34 25.60
CA ILE B 202 14.25 -3.21 26.17
C ILE B 202 12.96 -2.41 26.23
N VAL B 203 11.87 -3.02 25.72
CA VAL B 203 10.56 -2.38 25.70
C VAL B 203 9.67 -3.10 26.70
N GLN B 204 8.76 -2.34 27.32
CA GLN B 204 7.86 -2.87 28.34
C GLN B 204 6.44 -2.90 27.79
N SER B 205 5.80 -4.05 27.91
CA SER B 205 4.47 -4.26 27.33
C SER B 205 3.59 -4.98 28.34
N SER B 206 2.44 -5.46 27.87
CA SER B 206 1.46 -6.08 28.76
C SER B 206 1.90 -7.46 29.21
N THR B 207 2.59 -8.20 28.35
CA THR B 207 2.95 -9.58 28.64
C THR B 207 4.31 -9.73 29.30
N GLY B 208 5.19 -8.74 29.16
CA GLY B 208 6.51 -8.83 29.74
C GLY B 208 7.44 -7.85 29.06
N GLU B 209 8.74 -8.07 29.25
CA GLU B 209 9.77 -7.25 28.65
C GLU B 209 10.33 -7.96 27.43
N TYR B 210 10.59 -7.21 26.37
CA TYR B 210 11.10 -7.74 25.13
C TYR B 210 12.31 -6.95 24.69
N VAL B 211 13.31 -7.64 24.12
CA VAL B 211 14.50 -6.93 23.57
C VAL B 211 14.12 -6.37 22.19
N VAL B 212 14.14 -5.05 22.02
CA VAL B 212 13.72 -4.43 20.73
C VAL B 212 14.95 -3.87 20.02
N MET B 213 15.06 -4.10 18.70
CA MET B 213 16.20 -3.57 17.91
C MET B 213 15.71 -2.40 17.06
N THR B 214 16.43 -1.28 17.08
CA THR B 214 15.97 -0.06 16.35
C THR B 214 16.96 0.30 15.24
N THR B 215 16.45 0.76 14.09
CA THR B 215 17.34 1.20 12.97
C THR B 215 16.85 2.56 12.47
N HIS B 216 17.58 3.64 12.78
CA HIS B 216 17.16 4.97 12.40
C HIS B 216 17.81 5.33 11.07
N PHE B 217 16.99 5.80 10.13
CA PHE B 217 17.47 6.26 8.84
C PHE B 217 17.29 7.78 8.80
N HIS B 218 18.40 8.50 8.67
CA HIS B 218 18.37 9.96 8.68
C HIS B 218 18.16 10.45 7.26
N LEU B 219 17.02 11.09 7.02
CA LEU B 219 16.66 11.61 5.72
C LEU B 219 16.55 13.12 5.80
N LYS B 220 17.19 13.81 4.86
CA LYS B 220 17.07 15.26 4.74
C LYS B 220 16.30 15.57 3.47
N ARG B 221 15.28 16.42 3.59
CA ARG B 221 14.40 16.69 2.42
C ARG B 221 15.06 17.67 1.45
N LYS B 222 14.78 17.52 0.15
CA LYS B 222 15.32 18.46 -0.87
C LYS B 222 14.25 19.50 -1.18
N ILE B 223 14.66 20.74 -1.48
CA ILE B 223 13.67 21.84 -1.70
C ILE B 223 13.62 22.20 -3.19
N GLY B 224 14.49 21.61 -4.00
CA GLY B 224 14.56 21.98 -5.44
C GLY B 224 13.19 22.00 -6.08
N TYR B 225 12.42 20.91 -5.95
CA TYR B 225 11.05 20.85 -6.51
C TYR B 225 10.19 21.96 -5.89
N PHE B 226 10.25 22.09 -4.56
CA PHE B 226 9.44 23.08 -3.85
C PHE B 226 9.79 24.51 -4.25
N VAL B 227 11.03 24.77 -4.63
CA VAL B 227 11.44 26.08 -5.15
C VAL B 227 10.72 26.34 -6.47
N ILE B 228 10.68 25.33 -7.33
CA ILE B 228 9.95 25.40 -8.60
C ILE B 228 8.45 25.53 -8.42
N GLN B 229 7.88 24.90 -7.39
CA GLN B 229 6.43 24.80 -7.28
C GLN B 229 5.78 25.89 -6.44
N THR B 230 6.41 26.33 -5.34
CA THR B 230 5.70 27.19 -4.41
C THR B 230 6.47 28.48 -4.10
N TYR B 231 7.80 28.39 -4.02
CA TYR B 231 8.58 29.55 -3.61
C TYR B 231 8.74 30.54 -4.75
N LEU B 232 9.34 30.11 -5.84
CA LEU B 232 9.54 31.01 -6.99
C LEU B 232 8.26 31.45 -7.70
N PRO B 233 7.16 30.65 -7.79
CA PRO B 233 5.89 31.26 -8.21
C PRO B 233 5.39 32.37 -7.28
N CYS B 234 5.60 32.24 -5.98
CA CYS B 234 5.12 33.26 -5.04
C CYS B 234 6.12 34.38 -4.84
N ILE B 235 7.38 34.19 -5.21
CA ILE B 235 8.31 35.30 -5.31
C ILE B 235 8.00 36.19 -6.49
N MET B 236 7.77 35.62 -7.68
CA MET B 236 7.39 36.38 -8.87
C MET B 236 6.03 37.05 -8.74
N THR B 237 5.10 36.45 -8.00
CA THR B 237 3.76 37.02 -7.86
C THR B 237 3.78 38.31 -7.05
N VAL B 238 4.66 38.38 -6.03
CA VAL B 238 4.87 39.63 -5.30
C VAL B 238 5.50 40.68 -6.21
N ILE B 239 6.46 40.26 -7.05
CA ILE B 239 7.07 41.18 -8.02
C ILE B 239 6.05 41.59 -9.09
N LEU B 240 5.14 40.67 -9.45
CA LEU B 240 4.14 40.96 -10.48
C LEU B 240 3.15 42.02 -10.03
N SER B 241 2.72 41.96 -8.76
CA SER B 241 1.85 43.01 -8.24
C SER B 241 2.64 44.28 -7.93
N GLN B 242 3.96 44.18 -7.86
CA GLN B 242 4.81 45.32 -7.56
C GLN B 242 5.02 46.18 -8.80
N VAL B 243 4.71 45.64 -9.97
CA VAL B 243 4.73 46.39 -11.23
C VAL B 243 3.69 47.50 -11.20
N SER B 244 2.57 47.27 -10.50
CA SER B 244 1.45 48.21 -10.46
C SER B 244 1.80 49.52 -9.78
N PHE B 245 2.87 49.55 -8.97
CA PHE B 245 3.31 50.79 -8.36
C PHE B 245 3.89 51.79 -9.36
N TRP B 246 4.32 51.32 -10.54
CA TRP B 246 5.00 52.18 -11.49
C TRP B 246 4.07 52.74 -12.56
N LEU B 247 2.79 52.40 -12.50
CA LEU B 247 1.85 52.85 -13.57
C LEU B 247 1.36 54.27 -13.30
N ASN B 248 0.25 54.67 -13.92
CA ASN B 248 -0.32 56.03 -13.73
C ASN B 248 -1.19 56.02 -12.47
N ARG B 249 -1.88 57.13 -12.20
CA ARG B 249 -2.85 57.16 -11.07
C ARG B 249 -4.22 57.12 -11.71
N GLU B 250 -4.26 57.11 -13.03
CA GLU B 250 -5.48 57.11 -13.82
C GLU B 250 -5.71 55.79 -14.52
N SER B 251 -4.96 54.76 -14.14
CA SER B 251 -5.02 53.42 -14.72
C SER B 251 -5.79 52.47 -13.81
N VAL B 252 -6.90 52.97 -13.26
CA VAL B 252 -7.68 52.22 -12.26
C VAL B 252 -8.14 50.83 -12.71
N PRO B 253 -8.72 50.64 -13.93
CA PRO B 253 -9.02 49.25 -14.33
C PRO B 253 -7.81 48.35 -14.46
N ALA B 254 -6.69 48.89 -14.97
CA ALA B 254 -5.46 48.12 -15.13
C ALA B 254 -4.90 47.67 -13.78
N ARG B 255 -4.89 48.57 -12.81
CA ARG B 255 -4.34 48.22 -11.51
C ARG B 255 -5.28 47.34 -10.70
N THR B 256 -6.60 47.44 -10.95
CA THR B 256 -7.50 46.45 -10.35
C THR B 256 -7.27 45.07 -10.93
N VAL B 257 -6.96 44.99 -12.24
CA VAL B 257 -6.60 43.71 -12.85
C VAL B 257 -5.32 43.16 -12.22
N PHE B 258 -4.32 44.03 -11.99
CA PHE B 258 -3.12 43.64 -11.26
C PHE B 258 -3.44 43.07 -9.87
N GLY B 259 -4.22 43.83 -9.09
CA GLY B 259 -4.52 43.41 -7.73
C GLY B 259 -5.33 42.13 -7.66
N VAL B 260 -6.37 42.02 -8.49
CA VAL B 260 -7.25 40.86 -8.49
C VAL B 260 -6.50 39.62 -8.97
N THR B 261 -5.78 39.73 -10.09
CA THR B 261 -5.08 38.57 -10.63
C THR B 261 -3.96 38.08 -9.72
N THR B 262 -3.22 39.00 -9.10
CA THR B 262 -2.15 38.56 -8.21
C THR B 262 -2.68 38.01 -6.89
N VAL B 263 -3.81 38.54 -6.37
CA VAL B 263 -4.37 37.97 -5.16
C VAL B 263 -4.98 36.58 -5.44
N LEU B 264 -5.63 36.42 -6.60
CA LEU B 264 -6.11 35.10 -7.01
C LEU B 264 -4.97 34.10 -7.22
N THR B 265 -3.85 34.57 -7.77
CA THR B 265 -2.68 33.72 -7.96
C THR B 265 -2.10 33.27 -6.62
N MET B 266 -2.01 34.22 -5.67
CA MET B 266 -1.56 33.89 -4.32
C MET B 266 -2.53 32.94 -3.62
N THR B 267 -3.83 33.10 -3.86
CA THR B 267 -4.83 32.25 -3.24
C THR B 267 -4.77 30.83 -3.78
N THR B 268 -4.64 30.69 -5.10
CA THR B 268 -4.59 29.34 -5.67
C THR B 268 -3.26 28.68 -5.38
N LEU B 269 -2.19 29.46 -5.21
CA LEU B 269 -0.93 28.87 -4.76
C LEU B 269 -0.96 28.52 -3.28
N SER B 270 -1.77 29.24 -2.49
CA SER B 270 -1.98 28.89 -1.09
C SER B 270 -2.72 27.57 -0.95
N ILE B 271 -3.76 27.37 -1.76
CA ILE B 271 -4.52 26.14 -1.73
C ILE B 271 -3.70 24.99 -2.33
N SER B 272 -3.00 25.26 -3.44
CA SER B 272 -2.23 24.26 -4.16
C SER B 272 -0.91 23.95 -3.46
N ALA B 273 -0.51 24.77 -2.50
CA ALA B 273 0.67 24.44 -1.70
C ALA B 273 0.36 23.36 -0.68
N ARG B 274 -0.88 23.32 -0.21
CA ARG B 274 -1.30 22.41 0.86
C ARG B 274 -1.86 21.12 0.28
N ASN B 275 -1.01 20.40 -0.46
CA ASN B 275 -1.43 19.18 -1.13
C ASN B 275 -0.34 18.12 -1.01
N SER B 276 -0.78 16.85 -1.10
CA SER B 276 0.07 15.67 -0.93
C SER B 276 0.82 15.70 0.39
N LEU B 277 0.12 16.15 1.44
CA LEU B 277 0.73 16.51 2.69
C LEU B 277 -0.25 16.12 3.78
N PRO B 278 0.20 15.80 4.98
CA PRO B 278 -0.74 15.57 6.08
C PRO B 278 -1.49 16.85 6.44
N LYS B 279 -2.71 16.67 6.92
CA LYS B 279 -3.55 17.80 7.33
C LYS B 279 -3.21 18.18 8.77
N VAL B 280 -2.00 18.73 8.93
CA VAL B 280 -1.47 19.03 10.25
C VAL B 280 -2.13 20.30 10.80
N ALA B 281 -2.24 20.36 12.13
CA ALA B 281 -2.87 21.52 12.77
C ALA B 281 -1.95 22.73 12.73
N TYR B 282 -0.65 22.52 12.93
CA TYR B 282 0.29 23.64 12.94
C TYR B 282 0.58 24.10 11.52
N ALA B 283 1.15 25.30 11.44
CA ALA B 283 1.52 25.90 10.16
C ALA B 283 3.00 25.66 9.91
N THR B 284 3.31 25.15 8.72
CA THR B 284 4.67 24.78 8.36
C THR B 284 5.49 26.01 8.01
N ALA B 285 6.75 25.79 7.66
CA ALA B 285 7.63 26.89 7.26
C ALA B 285 7.23 27.44 5.90
N MET B 286 6.59 26.63 5.07
CA MET B 286 6.10 27.10 3.78
C MET B 286 4.91 28.02 3.95
N ASP B 287 4.07 27.75 4.96
CA ASP B 287 2.89 28.57 5.22
C ASP B 287 3.25 29.98 5.67
N TRP B 288 4.34 30.13 6.42
CA TRP B 288 4.79 31.44 6.85
C TRP B 288 5.52 32.20 5.76
N PHE B 289 5.75 31.59 4.60
CA PHE B 289 6.13 32.32 3.40
C PHE B 289 4.93 32.73 2.57
N ILE B 290 3.93 31.86 2.47
CA ILE B 290 2.70 32.14 1.75
C ILE B 290 1.95 33.29 2.40
N ALA B 291 1.90 33.30 3.75
CA ALA B 291 1.16 34.32 4.48
C ALA B 291 1.79 35.70 4.30
N VAL B 292 3.12 35.78 4.34
CA VAL B 292 3.80 37.06 4.19
C VAL B 292 3.75 37.55 2.74
N CYS B 293 3.84 36.62 1.78
CA CYS B 293 3.67 37.01 0.38
C CYS B 293 2.26 37.51 0.10
N TYR B 294 1.26 36.87 0.73
CA TYR B 294 -0.11 37.30 0.55
C TYR B 294 -0.35 38.64 1.24
N ALA B 295 0.33 38.87 2.37
CA ALA B 295 0.27 40.16 3.05
C ALA B 295 0.87 41.27 2.20
N PHE B 296 1.97 40.95 1.49
CA PHE B 296 2.59 41.95 0.61
C PHE B 296 1.69 42.31 -0.57
N VAL B 297 1.08 41.30 -1.21
CA VAL B 297 0.24 41.60 -2.37
C VAL B 297 -1.06 42.27 -1.92
N PHE B 298 -1.57 41.91 -0.74
CA PHE B 298 -2.76 42.56 -0.21
C PHE B 298 -2.45 44.00 0.20
N SER B 299 -1.24 44.24 0.70
CA SER B 299 -0.83 45.61 1.02
C SER B 299 -0.67 46.43 -0.24
N ALA B 300 -0.24 45.80 -1.33
CA ALA B 300 -0.18 46.49 -2.62
C ALA B 300 -1.58 46.88 -3.10
N LEU B 301 -2.56 46.00 -2.91
CA LEU B 301 -3.93 46.31 -3.31
C LEU B 301 -4.54 47.41 -2.42
N ILE B 302 -4.24 47.37 -1.12
CA ILE B 302 -4.70 48.42 -0.21
C ILE B 302 -4.03 49.75 -0.53
N GLU B 303 -2.75 49.71 -0.95
CA GLU B 303 -2.05 50.91 -1.40
C GLU B 303 -2.69 51.50 -2.65
N PHE B 304 -3.10 50.63 -3.58
CA PHE B 304 -3.80 51.13 -4.76
C PHE B 304 -5.16 51.73 -4.40
N ALA B 305 -5.89 51.09 -3.48
CA ALA B 305 -7.18 51.64 -3.06
C ALA B 305 -7.01 52.99 -2.38
N THR B 306 -5.94 53.13 -1.58
CA THR B 306 -5.65 54.39 -0.90
C THR B 306 -5.29 55.49 -1.90
N VAL B 307 -4.47 55.15 -2.90
CA VAL B 307 -4.08 56.18 -3.87
C VAL B 307 -5.23 56.46 -4.85
N ASN B 308 -6.16 55.52 -5.00
CA ASN B 308 -7.32 55.76 -5.85
C ASN B 308 -8.32 56.67 -5.14
N TYR B 309 -8.44 56.53 -3.81
CA TYR B 309 -9.34 57.39 -3.05
C TYR B 309 -8.86 58.83 -3.03
N PHE B 310 -7.55 59.04 -3.13
CA PHE B 310 -6.97 60.38 -3.14
C PHE B 310 -6.70 60.91 -4.55
N THR B 311 -7.11 60.20 -5.59
CA THR B 311 -6.85 60.61 -6.96
C THR B 311 -7.97 61.52 -7.46
N LYS B 312 -7.62 62.73 -7.88
CA LYS B 312 -8.57 63.65 -8.47
C LYS B 312 -8.55 63.54 -10.00
N PHE B 386 -3.38 69.30 -14.56
CA PHE B 386 -3.32 67.82 -14.50
C PHE B 386 -2.95 67.36 -13.08
N ASN B 387 -2.98 66.04 -12.86
CA ASN B 387 -2.62 65.48 -11.52
C ASN B 387 -1.09 65.31 -11.44
N SER B 388 -0.56 65.01 -10.26
CA SER B 388 0.90 64.87 -10.08
C SER B 388 1.25 63.43 -9.67
N VAL B 389 2.52 63.04 -9.81
CA VAL B 389 2.95 61.68 -9.37
C VAL B 389 2.61 61.51 -7.89
N SER B 390 2.23 60.31 -7.47
CA SER B 390 1.82 60.11 -6.08
C SER B 390 3.03 60.01 -5.17
N LYS B 391 2.93 60.63 -3.99
CA LYS B 391 3.93 60.43 -2.96
C LYS B 391 3.85 59.03 -2.39
N ILE B 392 2.64 58.45 -2.33
CA ILE B 392 2.46 57.10 -1.84
C ILE B 392 3.10 56.09 -2.80
N ASP B 393 2.90 56.29 -4.10
CA ASP B 393 3.51 55.41 -5.09
C ASP B 393 5.04 55.53 -5.09
N ARG B 394 5.54 56.76 -5.03
CA ARG B 394 6.99 56.98 -5.04
C ARG B 394 7.66 56.44 -3.78
N LEU B 395 6.94 56.49 -2.65
CA LEU B 395 7.49 55.91 -1.43
C LEU B 395 7.38 54.39 -1.45
N SER B 396 6.30 53.86 -2.05
CA SER B 396 6.09 52.42 -2.11
C SER B 396 7.10 51.74 -3.02
N ARG B 397 7.52 52.43 -4.09
CA ARG B 397 8.50 51.89 -5.03
C ARG B 397 9.85 51.61 -4.36
N ILE B 398 10.16 52.30 -3.26
CA ILE B 398 11.39 52.08 -2.53
C ILE B 398 11.10 51.16 -1.35
N ALA B 399 9.95 51.35 -0.70
CA ALA B 399 9.66 50.66 0.56
C ALA B 399 9.40 49.17 0.35
N PHE B 400 8.58 48.82 -0.64
CA PHE B 400 8.21 47.41 -0.86
C PHE B 400 9.38 46.48 -1.24
N PRO B 401 10.28 46.80 -2.21
CA PRO B 401 11.34 45.82 -2.53
C PRO B 401 12.36 45.63 -1.42
N LEU B 402 12.70 46.68 -0.69
CA LEU B 402 13.64 46.54 0.44
C LEU B 402 13.04 45.69 1.56
N LEU B 403 11.75 45.89 1.86
CA LEU B 403 11.11 45.09 2.90
C LEU B 403 10.98 43.63 2.48
N PHE B 404 10.67 43.39 1.20
CA PHE B 404 10.61 42.02 0.70
C PHE B 404 11.99 41.36 0.71
N GLY B 405 13.04 42.13 0.40
CA GLY B 405 14.39 41.59 0.47
C GLY B 405 14.84 41.27 1.88
N ILE B 406 14.49 42.14 2.84
CA ILE B 406 14.80 41.89 4.24
C ILE B 406 14.08 40.65 4.76
N PHE B 407 12.80 40.51 4.40
CA PHE B 407 12.04 39.31 4.80
C PHE B 407 12.63 38.05 4.18
N ASN B 408 13.00 38.11 2.90
CA ASN B 408 13.57 36.93 2.23
C ASN B 408 14.90 36.56 2.83
N LEU B 409 15.74 37.56 3.14
CA LEU B 409 17.04 37.31 3.76
C LEU B 409 16.89 36.68 5.14
N VAL B 410 15.97 37.22 5.95
CA VAL B 410 15.76 36.72 7.31
C VAL B 410 15.21 35.30 7.28
N TYR B 411 14.23 35.05 6.41
CA TYR B 411 13.61 33.72 6.31
C TYR B 411 14.60 32.68 5.79
N TRP B 412 15.25 32.99 4.68
CA TRP B 412 16.16 32.01 4.05
C TRP B 412 17.48 31.90 4.82
N ALA B 413 17.47 32.44 6.03
CA ALA B 413 18.62 32.27 6.92
C ALA B 413 18.05 31.66 8.19
N THR B 414 16.78 31.96 8.46
CA THR B 414 16.14 31.32 9.63
C THR B 414 16.12 29.83 9.39
N TYR B 415 15.59 29.40 8.24
CA TYR B 415 15.44 27.95 8.01
C TYR B 415 16.63 27.38 7.23
N LEU B 416 16.86 27.83 6.01
CA LEU B 416 17.92 27.22 5.15
C LEU B 416 19.23 27.10 5.92
N ASN B 417 19.68 28.18 6.55
CA ASN B 417 21.00 28.17 7.26
C ASN B 417 20.78 27.90 8.76
N ARG B 418 19.63 27.35 9.13
CA ARG B 418 19.42 26.98 10.55
C ARG B 418 20.69 26.26 11.03
N SER C 6 16.37 -34.50 29.47
CA SER C 6 16.56 -33.07 29.28
C SER C 6 15.25 -32.32 29.49
N ASN C 7 15.34 -31.01 29.70
CA ASN C 7 14.14 -30.19 29.82
C ASN C 7 13.44 -30.04 28.48
N MET C 8 14.21 -30.09 27.39
CA MET C 8 13.65 -30.01 26.04
C MET C 8 12.72 -31.18 25.74
N SER C 9 13.19 -32.40 26.00
CA SER C 9 12.36 -33.57 25.74
C SER C 9 11.23 -33.70 26.75
N LEU C 10 11.40 -33.15 27.96
CA LEU C 10 10.32 -33.13 28.94
C LEU C 10 9.18 -32.22 28.47
N VAL C 11 9.52 -31.02 27.96
CA VAL C 11 8.50 -30.14 27.40
C VAL C 11 7.89 -30.75 26.15
N LYS C 12 8.71 -31.47 25.37
CA LYS C 12 8.21 -32.14 24.16
C LYS C 12 7.18 -33.21 24.50
N GLU C 13 7.46 -34.06 25.49
CA GLU C 13 6.51 -35.10 25.85
C GLU C 13 5.30 -34.52 26.57
N THR C 14 5.47 -33.37 27.25
CA THR C 14 4.33 -32.70 27.85
C THR C 14 3.37 -32.17 26.79
N VAL C 15 3.90 -31.53 25.75
CA VAL C 15 3.05 -31.02 24.67
C VAL C 15 2.43 -32.18 23.87
N ASP C 16 3.19 -33.27 23.68
CA ASP C 16 2.66 -34.46 23.01
C ASP C 16 1.54 -35.10 23.83
N ARG C 17 1.65 -35.07 25.16
CA ARG C 17 0.56 -35.55 26.01
C ARG C 17 -0.63 -34.61 25.96
N LEU C 18 -0.38 -33.30 25.84
CA LEU C 18 -1.47 -32.33 25.85
C LEU C 18 -2.30 -32.38 24.58
N LEU C 19 -1.65 -32.51 23.43
CA LEU C 19 -2.36 -32.40 22.15
C LEU C 19 -2.75 -33.75 21.57
N LYS C 20 -2.62 -34.83 22.34
CA LYS C 20 -3.08 -36.15 21.92
C LYS C 20 -4.51 -36.35 22.40
N GLY C 21 -5.42 -36.64 21.48
CA GLY C 21 -6.82 -36.72 21.82
C GLY C 21 -7.50 -35.38 21.98
N TYR C 22 -6.85 -34.30 21.57
CA TYR C 22 -7.43 -32.96 21.66
C TYR C 22 -8.45 -32.79 20.56
N ASP C 23 -9.67 -32.43 20.92
CA ASP C 23 -10.76 -32.21 19.95
C ASP C 23 -10.86 -30.71 19.70
N ILE C 24 -10.30 -30.26 18.57
CA ILE C 24 -10.35 -28.85 18.20
C ILE C 24 -11.77 -28.42 17.82
N ARG C 25 -12.62 -29.36 17.40
CA ARG C 25 -13.98 -29.01 17.01
C ARG C 25 -14.85 -28.64 18.20
N LEU C 26 -14.51 -29.10 19.41
CA LEU C 26 -15.30 -28.86 20.60
C LEU C 26 -14.63 -27.81 21.46
N ARG C 27 -15.39 -26.81 21.87
CA ARG C 27 -14.94 -25.82 22.83
C ARG C 27 -14.77 -26.47 24.21
N PRO C 28 -13.97 -25.87 25.10
CA PRO C 28 -13.91 -26.38 26.48
C PRO C 28 -15.24 -26.19 27.19
N ASP C 29 -15.55 -27.14 28.07
CA ASP C 29 -16.79 -27.22 28.84
C ASP C 29 -18.01 -27.16 27.92
N PHE C 30 -18.10 -28.19 27.06
CA PHE C 30 -19.12 -28.23 26.03
C PHE C 30 -20.50 -28.46 26.62
N GLY C 31 -20.62 -29.43 27.52
CA GLY C 31 -21.87 -29.70 28.19
C GLY C 31 -22.09 -28.94 29.47
N GLY C 32 -21.13 -28.10 29.87
CA GLY C 32 -21.22 -27.38 31.12
C GLY C 32 -21.48 -25.90 30.94
N PRO C 33 -20.82 -25.07 31.75
CA PRO C 33 -21.05 -23.63 31.72
C PRO C 33 -20.40 -22.99 30.50
N PRO C 34 -20.73 -21.74 30.18
CA PRO C 34 -19.95 -21.00 29.19
C PRO C 34 -18.54 -20.71 29.69
N VAL C 35 -17.63 -20.55 28.75
CA VAL C 35 -16.24 -20.20 29.05
C VAL C 35 -16.13 -18.68 29.09
N ALA C 36 -15.49 -18.18 30.16
CA ALA C 36 -15.26 -16.74 30.26
C ALA C 36 -13.98 -16.38 29.52
N VAL C 37 -14.10 -15.47 28.57
CA VAL C 37 -12.97 -15.08 27.70
C VAL C 37 -12.62 -13.64 28.06
N GLY C 38 -11.50 -13.46 28.76
CA GLY C 38 -11.06 -12.12 29.11
C GLY C 38 -10.27 -11.50 27.98
N MET C 39 -10.65 -10.30 27.58
CA MET C 39 -10.14 -9.69 26.36
C MET C 39 -9.66 -8.28 26.65
N ASN C 40 -8.38 -8.02 26.36
CA ASN C 40 -7.79 -6.70 26.50
C ASN C 40 -7.04 -6.30 25.23
N ILE C 41 -7.07 -5.01 24.91
CA ILE C 41 -6.57 -4.51 23.63
C ILE C 41 -5.51 -3.44 23.91
N ASP C 42 -4.38 -3.56 23.20
CA ASP C 42 -3.34 -2.54 23.24
C ASP C 42 -3.25 -1.91 21.86
N ILE C 43 -3.87 -0.73 21.70
CA ILE C 43 -3.92 -0.09 20.35
C ILE C 43 -2.50 0.30 19.93
N ALA C 44 -1.97 -0.35 18.90
CA ALA C 44 -0.62 0.01 18.38
C ALA C 44 -0.68 1.44 17.82
N SER C 45 -1.63 1.71 16.92
CA SER C 45 -1.78 3.07 16.35
C SER C 45 -3.06 3.16 15.49
N ILE C 46 -3.77 4.29 15.56
CA ILE C 46 -4.95 4.48 14.66
C ILE C 46 -4.41 5.08 13.37
N ASP C 47 -4.37 4.30 12.29
CA ASP C 47 -3.74 4.78 11.02
C ASP C 47 -4.41 6.07 10.53
N MET C 48 -5.72 6.05 10.26
CA MET C 48 -6.37 7.26 9.68
C MET C 48 -7.90 7.15 9.78
N VAL C 49 -8.60 8.26 9.52
CA VAL C 49 -10.11 8.26 9.56
C VAL C 49 -10.61 8.92 8.27
N SER C 50 -11.08 8.12 7.30
CA SER C 50 -11.56 8.66 6.03
C SER C 50 -13.06 8.90 6.09
N GLU C 51 -13.46 10.15 5.93
CA GLU C 51 -14.88 10.47 5.86
C GLU C 51 -15.46 10.09 4.51
N VAL C 52 -14.64 10.02 3.48
CA VAL C 52 -15.11 9.64 2.15
C VAL C 52 -15.53 8.19 2.12
N ASN C 53 -14.69 7.31 2.67
CA ASN C 53 -15.04 5.90 2.75
C ASN C 53 -15.81 5.55 4.02
N MET C 54 -15.96 6.53 4.93
CA MET C 54 -16.75 6.41 6.17
C MET C 54 -16.24 5.28 7.07
N ASP C 55 -14.95 5.31 7.38
CA ASP C 55 -14.33 4.27 8.18
C ASP C 55 -13.08 4.83 8.84
N TYR C 56 -12.43 3.99 9.66
CA TYR C 56 -11.16 4.32 10.29
C TYR C 56 -10.34 3.04 10.41
N THR C 57 -9.02 3.21 10.44
CA THR C 57 -8.09 2.09 10.43
C THR C 57 -7.35 2.02 11.76
N LEU C 58 -7.35 0.82 12.37
CA LEU C 58 -6.89 0.68 13.75
C LEU C 58 -5.99 -0.55 13.86
N THR C 59 -4.70 -0.32 14.14
CA THR C 59 -3.78 -1.38 14.50
C THR C 59 -3.87 -1.62 15.99
N MET C 60 -3.83 -2.89 16.41
CA MET C 60 -4.06 -3.22 17.81
C MET C 60 -3.25 -4.44 18.18
N TYR C 61 -3.27 -4.77 19.47
CA TYR C 61 -2.63 -5.97 20.00
C TYR C 61 -3.67 -6.79 20.74
N PHE C 62 -4.77 -7.08 20.05
CA PHE C 62 -5.91 -7.85 20.54
C PHE C 62 -5.49 -9.15 21.20
N GLN C 63 -5.78 -9.26 22.50
CA GLN C 63 -5.38 -10.42 23.30
C GLN C 63 -6.62 -11.00 23.97
N GLN C 64 -6.70 -12.32 24.01
CA GLN C 64 -7.84 -13.03 24.59
C GLN C 64 -7.31 -13.98 25.64
N ALA C 65 -7.94 -14.02 26.80
CA ALA C 65 -7.58 -14.98 27.83
C ALA C 65 -8.78 -15.79 28.25
N TRP C 66 -8.65 -17.10 28.11
CA TRP C 66 -9.68 -18.05 28.53
C TRP C 66 -8.99 -19.19 29.24
N ARG C 67 -9.80 -20.12 29.74
CA ARG C 67 -9.29 -21.26 30.50
C ARG C 67 -9.78 -22.56 29.87
N ASP C 68 -8.83 -23.45 29.57
CA ASP C 68 -9.13 -24.78 29.06
C ASP C 68 -8.61 -25.80 30.06
N LYS C 69 -9.48 -26.72 30.48
CA LYS C 69 -9.07 -27.75 31.43
C LYS C 69 -8.25 -28.84 30.76
N ARG C 70 -8.34 -28.96 29.43
CA ARG C 70 -7.57 -29.98 28.72
C ARG C 70 -6.10 -29.60 28.66
N LEU C 71 -5.81 -28.31 28.55
CA LEU C 71 -4.43 -27.81 28.46
C LEU C 71 -3.88 -27.48 29.84
N SER C 72 -3.84 -28.50 30.69
CA SER C 72 -3.32 -28.36 32.05
C SER C 72 -2.19 -29.36 32.24
N TYR C 73 -1.02 -28.86 32.66
CA TYR C 73 0.15 -29.69 32.90
C TYR C 73 0.66 -29.42 34.31
N ASN C 74 0.95 -30.49 35.05
CA ASN C 74 1.31 -30.38 36.46
C ASN C 74 2.74 -30.83 36.72
N VAL C 75 3.65 -30.59 35.77
CA VAL C 75 5.04 -31.02 35.94
C VAL C 75 5.98 -29.83 35.88
N ILE C 76 6.00 -29.12 34.75
CA ILE C 76 6.98 -28.07 34.51
C ILE C 76 6.43 -26.73 35.00
N PRO C 77 7.12 -26.03 35.91
CA PRO C 77 6.64 -24.73 36.39
C PRO C 77 7.11 -23.58 35.51
N LEU C 78 6.73 -23.62 34.23
CA LEU C 78 7.08 -22.58 33.29
C LEU C 78 5.86 -22.21 32.44
N ASN C 79 5.80 -20.94 32.07
CA ASN C 79 4.73 -20.51 31.14
C ASN C 79 5.20 -20.90 29.75
N LEU C 80 4.71 -22.01 29.22
CA LEU C 80 5.11 -22.55 27.92
C LEU C 80 4.65 -21.64 26.81
N THR C 81 5.56 -20.81 26.31
CA THR C 81 5.27 -19.94 25.18
C THR C 81 5.69 -20.68 23.91
N LEU C 82 4.73 -21.39 23.33
CA LEU C 82 5.01 -22.16 22.13
C LEU C 82 5.02 -21.26 20.91
N ASP C 83 5.32 -21.86 19.76
CA ASP C 83 5.37 -21.13 18.51
C ASP C 83 3.96 -20.74 18.06
N ASN C 84 3.87 -19.95 17.00
CA ASN C 84 2.56 -19.54 16.53
C ASN C 84 1.86 -20.61 15.68
N ARG C 85 2.53 -21.71 15.37
CA ARG C 85 1.95 -22.79 14.58
C ARG C 85 1.13 -23.76 15.43
N VAL C 86 1.17 -23.62 16.76
CA VAL C 86 0.33 -24.46 17.61
C VAL C 86 -1.05 -23.84 17.78
N ALA C 87 -1.23 -22.60 17.32
CA ALA C 87 -2.52 -21.94 17.46
C ALA C 87 -3.58 -22.55 16.54
N ASP C 88 -3.14 -23.18 15.45
CA ASP C 88 -4.07 -23.81 14.53
C ASP C 88 -4.36 -25.24 14.95
N GLN C 89 -3.74 -25.69 16.04
CA GLN C 89 -4.01 -27.01 16.58
C GLN C 89 -4.81 -26.97 17.86
N LEU C 90 -5.24 -25.79 18.29
CA LEU C 90 -5.99 -25.62 19.53
C LEU C 90 -7.28 -24.87 19.24
N TRP C 91 -8.27 -25.08 20.11
CA TRP C 91 -9.49 -24.30 20.02
C TRP C 91 -9.20 -22.85 20.37
N VAL C 92 -9.66 -21.94 19.53
CA VAL C 92 -9.61 -20.52 19.82
C VAL C 92 -11.05 -20.03 19.69
N PRO C 93 -11.44 -18.93 20.34
CA PRO C 93 -12.81 -18.42 20.18
C PRO C 93 -13.04 -17.89 18.78
N ASP C 94 -14.32 -17.83 18.41
CA ASP C 94 -14.76 -17.53 17.06
C ASP C 94 -14.96 -16.04 16.87
N THR C 95 -14.14 -15.22 17.53
CA THR C 95 -14.33 -13.78 17.64
C THR C 95 -14.18 -13.11 16.28
N TYR C 96 -15.15 -12.24 15.99
CA TYR C 96 -15.12 -11.48 14.74
C TYR C 96 -15.50 -10.08 15.08
N PHE C 97 -14.98 -9.11 14.37
CA PHE C 97 -15.38 -7.72 14.56
C PHE C 97 -16.58 -7.44 13.65
N LEU C 98 -17.64 -6.84 14.15
CA LEU C 98 -18.90 -6.76 13.35
C LEU C 98 -18.98 -5.55 12.42
N ASN C 99 -18.16 -4.52 12.58
CA ASN C 99 -18.22 -3.43 11.62
C ASN C 99 -16.88 -3.19 10.94
N ASP C 100 -16.15 -4.25 10.59
CA ASP C 100 -14.89 -4.09 9.86
C ASP C 100 -15.17 -4.27 8.37
N LYS C 101 -14.47 -3.50 7.54
CA LYS C 101 -14.63 -3.61 6.10
C LYS C 101 -13.52 -4.42 5.45
N LYS C 102 -12.32 -4.40 6.03
CA LYS C 102 -11.18 -5.17 5.55
C LYS C 102 -10.15 -5.25 6.66
N SER C 103 -9.75 -6.46 7.02
CA SER C 103 -8.78 -6.65 8.14
C SER C 103 -7.86 -7.83 7.86
N PHE C 104 -6.62 -7.79 8.38
CA PHE C 104 -5.65 -8.89 8.16
C PHE C 104 -4.73 -9.03 9.37
N VAL C 105 -4.16 -10.22 9.57
CA VAL C 105 -3.17 -10.41 10.67
C VAL C 105 -1.77 -10.33 10.04
N HIS C 106 -0.96 -9.36 10.45
CA HIS C 106 0.34 -9.18 9.82
C HIS C 106 1.13 -10.48 9.85
N GLY C 107 1.79 -10.80 8.75
CA GLY C 107 2.42 -12.09 8.60
C GLY C 107 3.89 -12.06 8.20
N VAL C 108 4.65 -11.09 8.71
CA VAL C 108 6.07 -10.98 8.47
C VAL C 108 6.77 -10.82 9.82
N THR C 109 7.78 -11.65 10.09
CA THR C 109 8.39 -12.64 9.22
C THR C 109 7.71 -13.99 9.35
N VAL C 110 6.91 -14.14 10.40
CA VAL C 110 5.95 -15.22 10.54
C VAL C 110 4.61 -14.59 10.90
N LYS C 111 3.60 -15.42 11.14
CA LYS C 111 2.30 -14.93 11.56
C LYS C 111 2.40 -14.33 12.97
N ASN C 112 1.91 -13.09 13.12
CA ASN C 112 2.05 -12.36 14.38
C ASN C 112 0.95 -12.77 15.35
N ARG C 113 1.19 -13.86 16.07
CA ARG C 113 0.29 -14.32 17.12
C ARG C 113 1.09 -15.16 18.10
N MET C 114 0.57 -15.32 19.32
CA MET C 114 1.34 -16.04 20.36
C MET C 114 0.43 -16.97 21.17
N ILE C 115 0.99 -18.06 21.69
CA ILE C 115 0.22 -19.00 22.56
C ILE C 115 0.98 -19.16 23.87
N ARG C 116 0.56 -18.46 24.92
CA ARG C 116 1.21 -18.60 26.25
C ARG C 116 0.38 -19.55 27.11
N LEU C 117 0.92 -20.74 27.39
CA LEU C 117 0.16 -21.76 28.17
C LEU C 117 0.45 -21.61 29.66
N HIS C 118 -0.53 -21.20 30.45
CA HIS C 118 -0.35 -21.11 31.92
C HIS C 118 -0.60 -22.50 32.50
N PRO C 119 0.25 -23.02 33.41
CA PRO C 119 0.12 -24.40 33.91
C PRO C 119 -1.21 -24.74 34.57
N ASP C 120 -1.99 -23.74 34.99
CA ASP C 120 -3.31 -24.05 35.53
C ASP C 120 -4.29 -24.39 34.43
N GLY C 121 -4.11 -23.82 33.24
CA GLY C 121 -5.02 -24.06 32.13
C GLY C 121 -5.34 -22.79 31.38
N THR C 122 -4.84 -21.66 31.86
CA THR C 122 -5.11 -20.38 31.22
C THR C 122 -4.35 -20.29 29.91
N VAL C 123 -5.03 -19.83 28.87
CA VAL C 123 -4.44 -19.66 27.55
C VAL C 123 -4.50 -18.18 27.20
N LEU C 124 -3.35 -17.59 26.89
CA LEU C 124 -3.27 -16.22 26.40
C LEU C 124 -2.97 -16.27 24.92
N TYR C 125 -3.76 -15.55 24.13
CA TYR C 125 -3.72 -15.65 22.67
C TYR C 125 -3.83 -14.26 22.09
N GLY C 126 -2.68 -13.64 21.82
CA GLY C 126 -2.63 -12.29 21.27
C GLY C 126 -2.46 -12.32 19.77
N LEU C 127 -2.83 -11.22 19.11
CA LEU C 127 -2.65 -11.05 17.68
C LEU C 127 -2.38 -9.59 17.39
N ARG C 128 -1.65 -9.32 16.32
CA ARG C 128 -1.46 -7.96 15.83
C ARG C 128 -2.35 -7.80 14.62
N ILE C 129 -3.44 -7.05 14.78
CA ILE C 129 -4.50 -6.97 13.79
C ILE C 129 -4.68 -5.52 13.37
N THR C 130 -4.74 -5.28 12.06
CA THR C 130 -5.10 -3.99 11.52
C THR C 130 -6.51 -4.08 10.95
N THR C 131 -7.47 -3.41 11.58
CA THR C 131 -8.86 -3.43 11.16
C THR C 131 -9.23 -2.09 10.55
N THR C 132 -9.80 -2.13 9.35
CA THR C 132 -10.43 -0.94 8.76
C THR C 132 -11.91 -0.95 9.14
N ALA C 133 -12.16 -0.65 10.40
CA ALA C 133 -13.51 -0.72 10.94
C ALA C 133 -14.35 0.44 10.43
N ALA C 134 -15.62 0.15 10.14
CA ALA C 134 -16.52 1.17 9.63
C ALA C 134 -17.04 2.03 10.78
N CYS C 135 -17.31 3.30 10.47
CA CYS C 135 -17.78 4.25 11.47
C CYS C 135 -18.64 5.29 10.76
N MET C 136 -19.96 5.18 10.90
CA MET C 136 -20.86 6.18 10.33
C MET C 136 -20.72 7.49 11.10
N MET C 137 -20.76 8.60 10.36
CA MET C 137 -20.43 9.90 10.90
C MET C 137 -21.57 10.88 10.67
N ASP C 138 -21.71 11.83 11.60
CA ASP C 138 -22.64 12.93 11.45
C ASP C 138 -21.88 14.18 11.04
N LEU C 139 -21.74 14.36 9.72
CA LEU C 139 -20.97 15.46 9.19
C LEU C 139 -21.82 16.70 8.98
N ARG C 140 -22.55 17.12 10.02
CA ARG C 140 -23.36 18.32 9.95
C ARG C 140 -22.61 19.53 10.51
N ARG C 141 -21.79 19.29 11.53
CA ARG C 141 -21.05 20.37 12.18
C ARG C 141 -19.66 20.52 11.59
N TYR C 142 -19.39 19.80 10.49
CA TYR C 142 -18.09 19.72 9.83
C TYR C 142 -17.66 21.10 9.34
N PRO C 143 -16.41 21.50 9.59
CA PRO C 143 -15.32 20.74 10.23
C PRO C 143 -15.22 20.91 11.74
N LEU C 144 -16.15 21.62 12.40
CA LEU C 144 -16.09 21.77 13.84
C LEU C 144 -16.91 20.69 14.56
N ASP C 145 -16.70 19.44 14.18
CA ASP C 145 -17.52 18.33 14.66
C ASP C 145 -16.74 17.51 15.68
N GLU C 146 -17.46 16.56 16.28
CA GLU C 146 -16.91 15.66 17.29
C GLU C 146 -17.52 14.28 17.05
N GLN C 147 -16.81 13.46 16.29
CA GLN C 147 -17.34 12.17 15.89
C GLN C 147 -17.20 11.15 17.01
N ASN C 148 -17.82 9.97 16.81
CA ASN C 148 -17.78 8.85 17.79
C ASN C 148 -17.67 7.53 17.04
N CYS C 149 -16.48 6.97 16.95
CA CYS C 149 -16.21 5.74 16.22
C CYS C 149 -16.03 4.58 17.19
N THR C 150 -16.68 3.47 16.88
CA THR C 150 -16.73 2.30 17.76
C THR C 150 -16.01 1.14 17.12
N LEU C 151 -15.86 0.06 17.89
CA LEU C 151 -15.29 -1.20 17.41
C LEU C 151 -16.07 -2.32 18.08
N GLU C 152 -17.02 -2.91 17.35
CA GLU C 152 -17.89 -3.93 17.93
C GLU C 152 -17.20 -5.29 17.84
N ILE C 153 -17.02 -5.95 18.97
CA ILE C 153 -16.38 -7.26 19.02
C ILE C 153 -17.42 -8.27 19.48
N GLU C 154 -17.54 -9.37 18.75
CA GLU C 154 -18.64 -10.30 18.96
C GLU C 154 -18.19 -11.71 18.60
N SER C 155 -18.83 -12.70 19.19
CA SER C 155 -18.65 -14.09 18.79
C SER C 155 -19.64 -14.41 17.67
N TYR C 156 -19.24 -15.27 16.73
CA TYR C 156 -20.11 -15.53 15.57
C TYR C 156 -20.98 -16.75 15.76
N GLY C 157 -20.39 -17.88 16.10
CA GLY C 157 -21.15 -19.10 16.14
C GLY C 157 -21.60 -19.56 17.50
N TYR C 158 -20.98 -19.03 18.55
CA TYR C 158 -21.26 -19.44 19.92
C TYR C 158 -22.08 -18.37 20.62
N THR C 159 -23.20 -18.77 21.21
CA THR C 159 -24.11 -17.86 21.87
C THR C 159 -23.67 -17.61 23.32
N THR C 160 -24.52 -16.90 24.07
CA THR C 160 -24.21 -16.61 25.47
C THR C 160 -24.32 -17.84 26.37
N ASP C 161 -24.86 -18.94 25.86
CA ASP C 161 -24.83 -20.20 26.59
C ASP C 161 -23.50 -20.93 26.43
N ASP C 162 -22.61 -20.45 25.58
CA ASP C 162 -21.35 -21.12 25.31
C ASP C 162 -20.12 -20.26 25.52
N ILE C 163 -20.14 -19.00 25.13
CA ILE C 163 -19.02 -18.09 25.39
C ILE C 163 -19.58 -16.79 25.95
N GLU C 164 -18.98 -16.33 27.05
CA GLU C 164 -19.25 -15.02 27.61
C GLU C 164 -17.99 -14.18 27.57
N PHE C 165 -18.16 -12.90 27.24
CA PHE C 165 -17.06 -11.96 27.05
C PHE C 165 -16.98 -10.97 28.20
N TYR C 166 -15.75 -10.57 28.53
CA TYR C 166 -15.52 -9.50 29.50
C TYR C 166 -14.15 -8.86 29.28
N TRP C 167 -14.05 -7.55 29.51
CA TRP C 167 -12.75 -6.90 29.52
C TRP C 167 -11.97 -7.31 30.76
N ARG C 168 -10.67 -7.53 30.59
CA ARG C 168 -9.81 -7.95 31.68
C ARG C 168 -9.26 -6.72 32.38
N GLY C 169 -9.75 -6.44 33.58
CA GLY C 169 -9.28 -5.31 34.35
C GLY C 169 -10.04 -4.02 34.13
N ASP C 170 -11.30 -4.12 33.67
CA ASP C 170 -12.21 -3.01 33.38
C ASP C 170 -11.59 -1.99 32.44
N ASP C 171 -11.51 -0.73 32.86
CA ASP C 171 -10.98 0.32 32.01
C ASP C 171 -9.46 0.25 31.82
N ASN C 172 -8.78 -0.62 32.57
CA ASN C 172 -7.35 -0.88 32.37
C ASN C 172 -7.10 -2.01 31.38
N ALA C 173 -8.11 -2.34 30.56
CA ALA C 173 -7.94 -3.30 29.48
C ALA C 173 -7.56 -2.67 28.16
N VAL C 174 -7.78 -1.37 27.99
CA VAL C 174 -7.38 -0.65 26.79
C VAL C 174 -6.27 0.32 27.18
N THR C 175 -5.09 0.12 26.62
CA THR C 175 -3.91 0.93 26.93
C THR C 175 -3.29 1.45 25.64
N GLY C 176 -2.52 2.51 25.77
CA GLY C 176 -1.77 3.05 24.65
C GLY C 176 -2.55 3.97 23.74
N VAL C 177 -3.81 4.26 24.05
CA VAL C 177 -4.60 5.13 23.18
C VAL C 177 -4.22 6.60 23.39
N THR C 178 -3.61 6.92 24.53
CA THR C 178 -3.20 8.28 24.85
C THR C 178 -2.05 8.74 23.98
N LYS C 179 -1.14 7.82 23.64
CA LYS C 179 0.02 8.18 22.85
C LYS C 179 -0.30 8.29 21.37
N ILE C 180 -1.50 7.83 20.99
CA ILE C 180 -1.90 7.81 19.55
C ILE C 180 -1.97 9.27 19.11
N GLU C 181 -1.75 9.53 17.83
CA GLU C 181 -1.70 10.94 17.40
C GLU C 181 -2.20 11.06 15.97
N LEU C 182 -3.51 10.96 15.79
CA LEU C 182 -4.07 11.20 14.44
C LEU C 182 -3.61 12.60 14.03
N PRO C 183 -3.35 12.84 12.75
CA PRO C 183 -2.84 14.12 12.33
C PRO C 183 -3.93 15.19 12.21
N GLN C 184 -5.20 14.85 12.39
CA GLN C 184 -6.25 15.88 12.16
C GLN C 184 -7.25 15.88 13.32
N PHE C 185 -7.45 14.74 13.98
CA PHE C 185 -8.45 14.66 15.07
C PHE C 185 -7.77 14.80 16.43
N SER C 186 -8.38 14.28 17.48
CA SER C 186 -7.76 14.31 18.82
C SER C 186 -8.58 13.48 19.79
N ILE C 187 -8.02 12.40 20.31
CA ILE C 187 -8.83 11.52 21.15
C ILE C 187 -9.18 12.24 22.44
N VAL C 188 -10.47 12.51 22.64
CA VAL C 188 -10.91 13.17 23.87
C VAL C 188 -11.14 12.14 24.96
N ASP C 189 -11.96 11.12 24.67
CA ASP C 189 -12.29 10.12 25.68
C ASP C 189 -12.60 8.81 24.98
N TYR C 190 -12.43 7.71 25.72
CA TYR C 190 -12.79 6.39 25.24
C TYR C 190 -13.53 5.66 26.36
N LYS C 191 -14.46 4.80 25.97
CA LYS C 191 -15.32 4.10 26.91
C LYS C 191 -15.44 2.64 26.51
N LEU C 192 -15.70 1.80 27.50
CA LEU C 192 -15.75 0.35 27.32
C LEU C 192 -17.12 -0.16 27.75
N ILE C 193 -17.82 -0.82 26.84
CA ILE C 193 -19.21 -1.23 27.05
C ILE C 193 -19.32 -2.73 26.84
N THR C 194 -19.97 -3.42 27.76
CA THR C 194 -20.30 -4.84 27.62
C THR C 194 -21.82 -4.96 27.52
N LYS C 195 -22.31 -5.22 26.31
CA LYS C 195 -23.73 -5.43 26.09
C LYS C 195 -23.96 -6.86 25.60
N LYS C 196 -25.24 -7.24 25.46
CA LYS C 196 -25.63 -8.59 25.04
C LYS C 196 -26.70 -8.46 23.97
N VAL C 197 -26.24 -8.54 22.71
CA VAL C 197 -27.12 -8.39 21.52
C VAL C 197 -27.78 -9.72 21.21
N VAL C 198 -28.96 -9.68 20.62
CA VAL C 198 -29.74 -10.92 20.32
C VAL C 198 -30.03 -10.96 18.83
N PHE C 199 -29.75 -12.08 18.18
CA PHE C 199 -30.08 -12.21 16.75
C PHE C 199 -31.13 -13.30 16.64
N SER C 200 -31.31 -13.88 15.45
CA SER C 200 -32.37 -14.89 15.25
C SER C 200 -31.90 -16.31 15.58
N THR C 201 -30.64 -16.47 15.97
CA THR C 201 -30.12 -17.84 16.21
C THR C 201 -29.70 -17.96 17.68
N GLY C 202 -29.68 -16.84 18.39
CA GLY C 202 -29.36 -16.84 19.83
C GLY C 202 -29.10 -15.43 20.32
N SER C 203 -28.63 -15.27 21.55
CA SER C 203 -28.19 -13.94 22.02
C SER C 203 -26.67 -14.07 22.17
N TYR C 204 -25.90 -13.15 21.63
CA TYR C 204 -24.45 -13.30 21.61
C TYR C 204 -23.79 -12.27 22.52
N PRO C 205 -22.63 -12.59 23.10
CA PRO C 205 -21.89 -11.58 23.85
C PRO C 205 -21.31 -10.52 22.94
N ARG C 206 -21.15 -9.32 23.49
CA ARG C 206 -20.70 -8.19 22.71
C ARG C 206 -19.84 -7.29 23.58
N LEU C 207 -18.63 -6.99 23.10
CA LEU C 207 -17.79 -5.98 23.68
C LEU C 207 -17.61 -4.87 22.66
N SER C 208 -17.85 -3.63 23.06
CA SER C 208 -17.71 -2.51 22.15
C SER C 208 -16.77 -1.50 22.76
N LEU C 209 -15.72 -1.17 22.02
CA LEU C 209 -14.76 -0.15 22.40
C LEU C 209 -14.98 1.06 21.51
N SER C 210 -15.23 2.22 22.12
CA SER C 210 -15.60 3.43 21.40
C SER C 210 -14.59 4.53 21.67
N PHE C 211 -14.44 5.43 20.71
CA PHE C 211 -13.59 6.60 20.84
C PHE C 211 -14.37 7.85 20.45
N LYS C 212 -14.02 8.97 21.07
CA LYS C 212 -14.62 10.26 20.75
C LYS C 212 -13.54 11.14 20.14
N LEU C 213 -13.60 11.33 18.83
CA LEU C 213 -12.59 12.10 18.11
C LEU C 213 -13.08 13.52 17.86
N LYS C 214 -12.27 14.49 18.26
CA LYS C 214 -12.56 15.91 18.06
C LYS C 214 -11.63 16.43 16.99
N ARG C 215 -12.22 17.04 15.96
CA ARG C 215 -11.44 17.51 14.81
C ARG C 215 -10.80 18.86 15.11
N ASN C 216 -9.53 18.99 14.73
CA ASN C 216 -8.84 20.27 14.77
C ASN C 216 -9.15 21.07 13.52
N ILE C 217 -9.33 22.38 13.69
CA ILE C 217 -9.74 23.25 12.59
C ILE C 217 -8.59 24.09 12.03
N GLY C 218 -7.36 23.90 12.52
CA GLY C 218 -6.25 24.73 12.05
C GLY C 218 -5.92 24.49 10.58
N TYR C 219 -6.04 23.24 10.13
CA TYR C 219 -5.89 22.93 8.72
C TYR C 219 -6.97 23.60 7.88
N PHE C 220 -8.20 23.61 8.39
CA PHE C 220 -9.31 24.26 7.68
C PHE C 220 -9.23 25.77 7.80
N ILE C 221 -8.67 26.30 8.89
CA ILE C 221 -8.38 27.73 8.98
C ILE C 221 -7.35 28.12 7.92
N LEU C 222 -6.33 27.28 7.72
CA LEU C 222 -5.33 27.57 6.70
C LEU C 222 -5.87 27.39 5.28
N GLN C 223 -6.79 26.45 5.07
CA GLN C 223 -7.16 26.12 3.70
C GLN C 223 -8.47 26.75 3.25
N THR C 224 -9.56 26.57 3.99
CA THR C 224 -10.87 26.92 3.44
C THR C 224 -11.52 28.13 4.12
N TYR C 225 -11.13 28.48 5.33
CA TYR C 225 -11.76 29.62 5.99
C TYR C 225 -11.12 30.93 5.59
N MET C 226 -9.80 31.06 5.81
CA MET C 226 -9.09 32.32 5.59
C MET C 226 -9.09 32.81 4.13
N PRO C 227 -8.91 31.96 3.09
CA PRO C 227 -9.14 32.49 1.74
C PRO C 227 -10.55 32.96 1.47
N SER C 228 -11.56 32.33 2.07
CA SER C 228 -12.93 32.82 1.92
C SER C 228 -13.10 34.20 2.57
N ILE C 229 -12.55 34.35 3.79
CA ILE C 229 -12.59 35.61 4.50
C ILE C 229 -11.86 36.71 3.74
N LEU C 230 -10.77 36.36 3.08
CA LEU C 230 -9.97 37.44 2.53
C LEU C 230 -10.31 37.73 1.06
N ILE C 231 -10.96 36.80 0.36
CA ILE C 231 -11.68 37.18 -0.86
C ILE C 231 -12.88 38.05 -0.51
N THR C 232 -13.53 37.79 0.63
CA THR C 232 -14.61 38.67 1.10
C THR C 232 -14.09 40.06 1.44
N ILE C 233 -12.92 40.16 2.09
CA ILE C 233 -12.36 41.48 2.42
C ILE C 233 -11.83 42.15 1.16
N LEU C 234 -11.53 41.37 0.10
CA LEU C 234 -11.18 41.98 -1.18
C LEU C 234 -12.37 42.67 -1.81
N SER C 235 -13.58 42.09 -1.67
CA SER C 235 -14.72 42.51 -2.46
C SER C 235 -15.26 43.87 -2.04
N TRP C 236 -14.81 44.39 -0.90
CA TRP C 236 -15.32 45.68 -0.42
C TRP C 236 -14.46 46.85 -0.85
N VAL C 237 -13.38 46.64 -1.61
CA VAL C 237 -12.65 47.78 -2.14
C VAL C 237 -13.37 48.38 -3.33
N SER C 238 -14.34 47.65 -3.89
CA SER C 238 -15.21 48.21 -4.93
C SER C 238 -16.09 49.32 -4.37
N PHE C 239 -16.38 49.29 -3.07
CA PHE C 239 -17.12 50.37 -2.43
C PHE C 239 -16.30 51.66 -2.31
N TRP C 240 -14.97 51.57 -2.41
CA TRP C 240 -14.11 52.76 -2.40
C TRP C 240 -13.80 53.27 -3.80
N ILE C 241 -14.00 52.44 -4.82
CA ILE C 241 -13.69 52.82 -6.19
C ILE C 241 -14.86 53.62 -6.77
N ASN C 242 -14.53 54.65 -7.56
CA ASN C 242 -15.52 55.53 -8.17
C ASN C 242 -16.44 54.77 -9.11
N TYR C 243 -17.68 55.27 -9.23
CA TYR C 243 -18.73 54.55 -9.96
C TYR C 243 -18.48 54.53 -11.46
N ASP C 244 -17.85 55.58 -12.00
CA ASP C 244 -17.74 55.72 -13.45
C ASP C 244 -16.76 54.73 -14.05
N ALA C 245 -15.76 54.29 -13.27
CA ALA C 245 -14.86 53.22 -13.69
C ALA C 245 -15.60 51.88 -13.56
N SER C 246 -16.37 51.56 -14.60
CA SER C 246 -17.31 50.44 -14.53
C SER C 246 -16.60 49.10 -14.60
N ALA C 247 -15.55 49.00 -15.43
CA ALA C 247 -14.91 47.72 -15.72
C ALA C 247 -14.23 47.16 -14.48
N ALA C 248 -13.63 48.04 -13.67
CA ALA C 248 -12.96 47.61 -12.44
C ALA C 248 -13.95 47.03 -11.43
N ARG C 249 -15.08 47.70 -11.23
CA ARG C 249 -16.08 47.22 -10.29
C ARG C 249 -16.73 45.92 -10.76
N VAL C 250 -17.01 45.83 -12.06
CA VAL C 250 -17.57 44.61 -12.65
C VAL C 250 -16.60 43.45 -12.47
N ALA C 251 -15.32 43.67 -12.78
CA ALA C 251 -14.30 42.63 -12.66
C ALA C 251 -14.15 42.18 -11.21
N LEU C 252 -14.15 43.13 -10.26
CA LEU C 252 -14.06 42.80 -8.84
C LEU C 252 -15.22 41.93 -8.39
N GLY C 253 -16.45 42.38 -8.66
CA GLY C 253 -17.62 41.66 -8.18
C GLY C 253 -17.76 40.27 -8.79
N ILE C 254 -17.61 40.17 -10.12
CA ILE C 254 -17.88 38.88 -10.74
C ILE C 254 -16.69 37.95 -10.54
N THR C 255 -15.48 38.49 -10.30
CA THR C 255 -14.36 37.61 -10.01
C THR C 255 -14.45 37.05 -8.60
N THR C 256 -14.70 37.93 -7.63
CA THR C 256 -14.88 37.39 -6.27
C THR C 256 -15.92 36.27 -6.37
N VAL C 257 -17.02 36.54 -7.08
CA VAL C 257 -18.12 35.54 -7.15
C VAL C 257 -17.58 34.24 -7.74
N LEU C 258 -16.89 34.34 -8.88
CA LEU C 258 -16.42 33.11 -9.55
C LEU C 258 -15.59 32.32 -8.54
N THR C 259 -14.63 32.98 -7.90
CA THR C 259 -13.74 32.25 -6.96
C THR C 259 -14.60 31.58 -5.90
N MET C 260 -15.62 32.28 -5.42
CA MET C 260 -16.44 31.73 -4.31
C MET C 260 -17.04 30.40 -4.76
N THR C 261 -17.64 30.37 -5.94
CA THR C 261 -18.16 29.09 -6.47
C THR C 261 -16.99 28.12 -6.61
N THR C 262 -16.03 28.46 -7.46
CA THR C 262 -14.90 27.54 -7.71
C THR C 262 -14.52 26.89 -6.38
N ILE C 263 -14.15 27.72 -5.41
CA ILE C 263 -13.69 27.17 -4.14
C ILE C 263 -14.75 26.23 -3.55
N ASN C 264 -16.03 26.62 -3.63
CA ASN C 264 -17.11 25.78 -3.12
C ASN C 264 -17.27 24.51 -3.96
N THR C 265 -16.92 24.58 -5.24
CA THR C 265 -16.91 23.38 -6.07
C THR C 265 -15.70 22.50 -5.72
N HIS C 266 -14.57 23.13 -5.44
CA HIS C 266 -13.31 22.40 -5.23
C HIS C 266 -13.32 21.63 -3.91
N LEU C 267 -13.94 22.19 -2.87
CA LEU C 267 -13.86 21.53 -1.57
C LEU C 267 -14.99 20.52 -1.37
N ARG C 268 -16.06 20.59 -2.17
CA ARG C 268 -17.17 19.66 -1.96
C ARG C 268 -16.84 18.28 -2.53
N GLU C 269 -15.89 18.20 -3.46
CA GLU C 269 -15.50 16.90 -4.00
C GLU C 269 -14.53 16.17 -3.10
N THR C 270 -14.02 16.84 -2.05
CA THR C 270 -13.18 16.18 -1.07
C THR C 270 -13.99 15.47 0.02
N LEU C 271 -15.32 15.57 -0.03
CA LEU C 271 -16.24 14.96 0.91
C LEU C 271 -17.21 14.06 0.14
N PRO C 272 -17.84 13.08 0.77
CA PRO C 272 -18.80 12.23 0.05
C PRO C 272 -20.08 12.98 -0.29
N LYS C 273 -20.97 12.28 -1.00
CA LYS C 273 -22.19 12.87 -1.55
C LYS C 273 -23.31 12.88 -0.51
N ILE C 274 -23.07 13.61 0.58
CA ILE C 274 -24.11 13.72 1.65
C ILE C 274 -25.19 14.70 1.17
N PRO C 275 -26.48 14.44 1.41
CA PRO C 275 -27.56 15.30 0.89
C PRO C 275 -27.87 16.50 1.78
N TYR C 276 -27.20 16.62 2.92
CA TYR C 276 -27.52 17.72 3.88
C TYR C 276 -26.52 18.87 3.74
N VAL C 277 -26.55 19.82 4.68
CA VAL C 277 -25.68 20.97 4.62
C VAL C 277 -24.74 20.95 5.82
N LYS C 278 -23.47 21.29 5.59
CA LYS C 278 -22.49 21.33 6.67
C LYS C 278 -22.34 22.77 7.18
N ALA C 279 -21.48 22.92 8.19
CA ALA C 279 -21.17 24.25 8.70
C ALA C 279 -20.34 25.03 7.70
N ILE C 280 -19.38 24.37 7.05
CA ILE C 280 -18.54 25.04 6.07
C ILE C 280 -19.34 25.41 4.83
N ASP C 281 -20.36 24.59 4.49
CA ASP C 281 -21.23 24.93 3.37
C ASP C 281 -22.11 26.13 3.71
N MET C 282 -22.58 26.20 4.96
CA MET C 282 -23.30 27.39 5.44
C MET C 282 -22.43 28.63 5.37
N TYR C 283 -21.14 28.48 5.67
CA TYR C 283 -20.33 29.72 5.66
C TYR C 283 -20.16 30.16 4.21
N LEU C 284 -19.78 29.21 3.36
CA LEU C 284 -19.50 29.59 1.94
C LEU C 284 -20.82 29.93 1.27
N MET C 285 -21.92 29.29 1.66
CA MET C 285 -23.20 29.71 1.04
C MET C 285 -23.38 31.21 1.34
N GLY C 286 -23.24 31.59 2.61
CA GLY C 286 -23.38 33.01 2.97
C GLY C 286 -22.31 33.87 2.32
N CYS C 287 -21.09 33.37 2.30
CA CYS C 287 -19.99 34.20 1.75
C CYS C 287 -20.37 34.54 0.31
N PHE C 288 -20.94 33.58 -0.41
CA PHE C 288 -21.40 33.89 -1.77
C PHE C 288 -22.37 35.06 -1.70
N VAL C 289 -23.30 35.01 -0.74
CA VAL C 289 -24.35 36.07 -0.70
C VAL C 289 -23.64 37.42 -0.71
N PHE C 290 -22.66 37.58 0.18
CA PHE C 290 -22.03 38.92 0.28
C PHE C 290 -21.47 39.30 -1.08
N VAL C 291 -20.66 38.43 -1.68
CA VAL C 291 -20.02 38.82 -2.95
C VAL C 291 -21.11 39.02 -4.00
N PHE C 292 -22.15 38.19 -3.95
CA PHE C 292 -23.26 38.40 -4.91
C PHE C 292 -23.93 39.74 -4.61
N MET C 293 -24.21 39.99 -3.32
CA MET C 293 -24.89 41.25 -2.93
C MET C 293 -24.00 42.42 -3.34
N ALA C 294 -22.81 42.51 -2.75
CA ALA C 294 -21.89 43.58 -3.15
C ALA C 294 -22.00 43.90 -4.64
N LEU C 295 -22.06 42.86 -5.47
CA LEU C 295 -22.20 43.07 -6.91
C LEU C 295 -23.56 43.67 -7.26
N LEU C 296 -24.63 43.23 -6.57
CA LEU C 296 -25.94 43.84 -6.78
C LEU C 296 -26.02 45.25 -6.24
N GLU C 297 -25.24 45.57 -5.20
CA GLU C 297 -25.18 46.94 -4.70
C GLU C 297 -24.54 47.86 -5.74
N TYR C 298 -23.46 47.39 -6.37
CA TYR C 298 -22.87 48.16 -7.47
C TYR C 298 -23.84 48.30 -8.64
N ALA C 299 -24.59 47.23 -8.95
CA ALA C 299 -25.57 47.28 -10.02
C ALA C 299 -26.69 48.27 -9.71
N LEU C 300 -27.12 48.33 -8.45
CA LEU C 300 -28.15 49.29 -8.05
C LEU C 300 -27.62 50.72 -8.09
N VAL C 301 -26.34 50.91 -7.74
CA VAL C 301 -25.72 52.23 -7.84
C VAL C 301 -25.67 52.69 -9.30
N ASN C 302 -25.29 51.77 -10.21
CA ASN C 302 -25.24 52.10 -11.62
C ASN C 302 -26.63 52.38 -12.20
N TYR C 303 -27.64 51.62 -11.75
CA TYR C 303 -29.00 51.85 -12.22
C TYR C 303 -29.56 53.16 -11.69
N ILE C 304 -29.19 53.54 -10.47
CA ILE C 304 -29.66 54.80 -9.90
C ILE C 304 -29.00 55.98 -10.61
N PHE C 305 -27.70 55.88 -10.90
CA PHE C 305 -27.02 56.97 -11.59
C PHE C 305 -27.46 57.10 -13.05
N PHE C 306 -27.52 55.98 -13.77
CA PHE C 306 -27.78 56.01 -15.20
C PHE C 306 -29.26 55.79 -15.55
N GLY C 307 -30.14 55.78 -14.56
CA GLY C 307 -31.56 55.62 -14.83
C GLY C 307 -32.37 56.88 -14.55
N ASP C 458 -28.99 59.50 -4.31
CA ASP C 458 -27.56 59.83 -4.38
C ASP C 458 -26.72 58.57 -4.32
N VAL C 459 -25.89 58.36 -5.35
CA VAL C 459 -25.04 57.17 -5.40
C VAL C 459 -23.92 57.26 -4.36
N ASN C 460 -23.47 58.49 -4.05
CA ASN C 460 -22.40 58.66 -3.07
C ASN C 460 -22.88 58.34 -1.66
N ALA C 461 -24.12 58.69 -1.35
CA ALA C 461 -24.67 58.44 -0.01
C ALA C 461 -24.86 56.95 0.24
N ILE C 462 -25.43 56.23 -0.73
CA ILE C 462 -25.62 54.79 -0.57
C ILE C 462 -24.27 54.07 -0.63
N ASP C 463 -23.30 54.62 -1.38
CA ASP C 463 -21.96 54.06 -1.41
C ASP C 463 -21.26 54.20 -0.06
N ARG C 464 -21.34 55.40 0.54
CA ARG C 464 -20.73 55.64 1.85
C ARG C 464 -21.45 54.86 2.94
N TRP C 465 -22.67 54.42 2.63
CA TRP C 465 -23.38 53.56 3.60
C TRP C 465 -22.79 52.16 3.48
N SER C 466 -23.01 51.52 2.34
CA SER C 466 -22.50 50.15 2.13
C SER C 466 -20.98 50.17 2.05
N ARG C 467 -20.35 51.34 2.16
CA ARG C 467 -18.87 51.38 2.19
C ARG C 467 -18.41 50.81 3.53
N ILE C 468 -19.32 50.68 4.50
CA ILE C 468 -18.95 50.06 5.80
C ILE C 468 -20.05 49.08 6.23
N PHE C 469 -21.25 49.22 5.67
CA PHE C 469 -22.36 48.35 6.15
C PHE C 469 -21.90 46.90 6.06
N PHE C 470 -21.43 46.50 4.88
CA PHE C 470 -21.03 45.08 4.69
C PHE C 470 -20.00 44.71 5.76
N PRO C 471 -18.83 45.39 5.85
CA PRO C 471 -17.82 45.00 6.81
C PRO C 471 -18.48 44.54 8.13
N VAL C 472 -19.34 45.37 8.70
CA VAL C 472 -19.92 44.99 10.03
C VAL C 472 -20.91 43.84 9.83
N VAL C 473 -21.95 44.03 9.02
CA VAL C 473 -22.98 42.97 8.88
C VAL C 473 -22.21 41.65 8.80
N PHE C 474 -21.05 41.70 8.14
CA PHE C 474 -20.24 40.51 7.99
C PHE C 474 -19.59 40.10 9.31
N SER C 475 -19.19 41.07 10.13
CA SER C 475 -18.64 40.75 11.45
C SER C 475 -19.70 40.18 12.37
N PHE C 476 -20.94 40.69 12.26
CA PHE C 476 -22.05 40.12 13.04
C PHE C 476 -22.35 38.67 12.62
N PHE C 477 -22.32 38.41 11.31
CA PHE C 477 -22.53 37.06 10.82
C PHE C 477 -21.39 36.13 11.23
N ASN C 478 -20.16 36.65 11.23
CA ASN C 478 -19.01 35.89 11.71
C ASN C 478 -19.12 35.54 13.18
N ILE C 479 -19.56 36.51 14.00
CA ILE C 479 -19.72 36.29 15.44
C ILE C 479 -20.83 35.28 15.70
N VAL C 480 -21.93 35.37 14.95
CA VAL C 480 -23.04 34.42 15.11
C VAL C 480 -22.60 33.01 14.72
N TYR C 481 -21.88 32.88 13.59
CA TYR C 481 -21.42 31.57 13.12
C TYR C 481 -20.43 30.95 14.10
N TRP C 482 -19.50 31.74 14.63
CA TRP C 482 -18.49 31.17 15.52
C TRP C 482 -19.05 30.88 16.90
N LEU C 483 -19.95 31.73 17.42
CA LEU C 483 -20.51 31.47 18.74
C LEU C 483 -21.53 30.35 18.70
N TYR C 484 -22.09 30.05 17.53
CA TYR C 484 -22.99 28.91 17.42
C TYR C 484 -22.20 27.60 17.47
N TYR C 485 -21.04 27.55 16.81
CA TYR C 485 -20.35 26.29 16.59
C TYR C 485 -19.20 26.03 17.55
N VAL C 486 -18.59 27.06 18.13
CA VAL C 486 -17.52 26.86 19.09
C VAL C 486 -18.10 26.59 20.47
N ILE D 36 -17.06 -34.85 27.70
CA ILE D 36 -16.80 -34.24 26.41
C ILE D 36 -16.41 -35.35 25.42
N THR D 37 -16.01 -36.50 25.97
CA THR D 37 -15.68 -37.64 25.13
C THR D 37 -16.91 -38.28 24.52
N ILE D 38 -18.09 -38.07 25.10
CA ILE D 38 -19.32 -38.57 24.51
C ILE D 38 -19.62 -37.87 23.19
N PHE D 39 -19.50 -36.55 23.18
CA PHE D 39 -19.75 -35.78 21.97
C PHE D 39 -18.62 -35.91 20.95
N THR D 40 -17.46 -36.41 21.37
CA THR D 40 -16.40 -36.72 20.41
C THR D 40 -16.78 -37.92 19.55
N ARG D 41 -17.28 -38.98 20.19
CA ARG D 41 -17.66 -40.18 19.44
C ARG D 41 -18.97 -39.97 18.68
N ILE D 42 -19.82 -39.07 19.15
CA ILE D 42 -21.04 -38.74 18.42
C ILE D 42 -20.69 -38.01 17.12
N LEU D 43 -19.75 -37.08 17.18
CA LEU D 43 -19.33 -36.39 15.97
C LEU D 43 -18.49 -37.30 15.06
N ASP D 44 -17.84 -38.32 15.63
CA ASP D 44 -17.10 -39.25 14.78
C ASP D 44 -18.02 -40.24 14.07
N ARG D 45 -19.10 -40.67 14.72
CA ARG D 45 -20.01 -41.61 14.07
C ARG D 45 -20.86 -40.93 13.01
N LEU D 46 -20.97 -39.60 13.08
CA LEU D 46 -21.69 -38.88 12.04
C LEU D 46 -20.83 -38.68 10.80
N LEU D 47 -19.51 -38.76 10.96
CA LEU D 47 -18.58 -38.52 9.86
C LEU D 47 -17.95 -39.81 9.35
N ASP D 48 -18.27 -40.95 9.95
CA ASP D 48 -17.69 -42.22 9.55
C ASP D 48 -18.57 -42.79 8.43
N GLY D 49 -18.24 -42.41 7.20
CA GLY D 49 -19.00 -42.81 6.04
C GLY D 49 -19.73 -41.69 5.34
N TYR D 50 -19.62 -40.44 5.82
CA TYR D 50 -20.24 -39.33 5.12
C TYR D 50 -19.47 -39.00 3.86
N ASP D 51 -20.19 -38.61 2.82
CA ASP D 51 -19.61 -38.25 1.54
C ASP D 51 -20.09 -36.86 1.16
N ASN D 52 -19.18 -35.88 1.26
CA ASN D 52 -19.51 -34.49 0.96
C ASN D 52 -19.67 -34.23 -0.54
N ARG D 53 -19.35 -35.20 -1.39
CA ARG D 53 -19.53 -35.07 -2.82
C ARG D 53 -20.97 -35.33 -3.24
N LEU D 54 -21.76 -35.95 -2.37
CA LEU D 54 -23.13 -36.34 -2.66
C LEU D 54 -24.09 -35.48 -1.86
N ARG D 55 -25.15 -35.01 -2.53
CA ARG D 55 -26.22 -34.33 -1.84
C ARG D 55 -27.03 -35.32 -1.01
N PRO D 56 -27.74 -34.86 0.02
CA PRO D 56 -28.62 -35.76 0.78
C PRO D 56 -29.79 -36.24 -0.07
N GLY D 57 -29.95 -37.56 -0.14
CA GLY D 57 -31.00 -38.17 -0.94
C GLY D 57 -30.81 -37.95 -2.43
N LEU D 58 -29.68 -38.45 -2.96
CA LEU D 58 -29.31 -38.17 -4.35
C LEU D 58 -30.24 -38.86 -5.34
N GLY D 59 -30.55 -40.13 -5.10
CA GLY D 59 -31.42 -40.85 -6.00
C GLY D 59 -32.84 -41.00 -5.50
N ASP D 60 -33.20 -40.24 -4.47
CA ASP D 60 -34.47 -40.42 -3.79
C ASP D 60 -35.43 -39.26 -4.02
N ALA D 61 -35.04 -38.04 -3.68
CA ALA D 61 -35.95 -36.90 -3.73
C ALA D 61 -35.13 -35.63 -3.94
N VAL D 62 -35.78 -34.48 -3.81
CA VAL D 62 -35.17 -33.18 -4.07
C VAL D 62 -34.76 -32.56 -2.75
N THR D 63 -33.54 -32.02 -2.69
CA THR D 63 -33.01 -31.40 -1.47
C THR D 63 -33.52 -29.96 -1.40
N GLU D 64 -34.45 -29.72 -0.47
CA GLU D 64 -35.00 -28.39 -0.28
C GLU D 64 -34.11 -27.57 0.64
N VAL D 65 -33.78 -26.35 0.25
CA VAL D 65 -32.89 -25.51 1.05
C VAL D 65 -33.63 -24.24 1.40
N LYS D 66 -33.81 -24.00 2.69
CA LYS D 66 -34.52 -22.82 3.18
C LYS D 66 -33.51 -21.72 3.45
N THR D 67 -33.73 -20.54 2.87
CA THR D 67 -32.75 -19.47 2.82
C THR D 67 -33.25 -18.23 3.53
N ASP D 68 -32.40 -17.61 4.35
CA ASP D 68 -32.63 -16.29 4.92
C ASP D 68 -31.53 -15.34 4.47
N ILE D 69 -31.86 -14.05 4.42
CA ILE D 69 -30.88 -12.98 4.25
C ILE D 69 -31.16 -11.93 5.30
N TYR D 70 -30.17 -11.62 6.13
CA TYR D 70 -30.27 -10.56 7.12
C TYR D 70 -29.26 -9.48 6.74
N VAL D 71 -29.77 -8.38 6.20
CA VAL D 71 -28.92 -7.29 5.71
C VAL D 71 -28.47 -6.49 6.92
N THR D 72 -27.20 -6.68 7.33
CA THR D 72 -26.67 -5.92 8.45
C THR D 72 -26.41 -4.47 8.07
N SER D 73 -25.86 -4.25 6.88
CA SER D 73 -25.52 -2.90 6.46
C SER D 73 -25.59 -2.84 4.93
N PHE D 74 -26.64 -2.22 4.40
CA PHE D 74 -26.71 -1.93 2.98
C PHE D 74 -25.67 -0.86 2.66
N GLY D 75 -24.58 -1.25 2.01
CA GLY D 75 -23.46 -0.36 1.80
C GLY D 75 -23.69 0.67 0.72
N PRO D 76 -22.63 1.38 0.33
CA PRO D 76 -22.76 2.43 -0.67
C PRO D 76 -23.02 1.87 -2.06
N VAL D 77 -23.64 2.70 -2.89
CA VAL D 77 -23.99 2.33 -4.26
C VAL D 77 -23.14 3.16 -5.20
N SER D 78 -22.35 2.49 -6.02
CA SER D 78 -21.46 3.15 -6.97
C SER D 78 -22.16 3.27 -8.31
N ASP D 79 -22.49 4.51 -8.70
CA ASP D 79 -23.12 4.76 -9.99
C ASP D 79 -22.17 4.51 -11.14
N THR D 80 -20.88 4.81 -10.94
CA THR D 80 -19.90 4.70 -12.02
C THR D 80 -19.68 3.25 -12.44
N ASP D 81 -19.70 2.32 -11.48
CA ASP D 81 -19.49 0.91 -11.74
C ASP D 81 -20.79 0.13 -11.92
N MET D 82 -21.91 0.80 -11.66
CA MET D 82 -23.27 0.28 -11.42
C MET D 82 -23.23 -1.01 -10.60
N GLU D 83 -22.57 -0.94 -9.45
CA GLU D 83 -22.61 -2.00 -8.47
C GLU D 83 -23.00 -1.40 -7.13
N TYR D 84 -23.50 -2.25 -6.24
CA TYR D 84 -23.83 -1.84 -4.90
C TYR D 84 -23.25 -2.83 -3.92
N THR D 85 -22.96 -2.36 -2.71
CA THR D 85 -22.36 -3.17 -1.66
C THR D 85 -23.43 -3.51 -0.64
N ILE D 86 -23.40 -4.75 -0.14
CA ILE D 86 -24.35 -5.20 0.86
C ILE D 86 -23.69 -6.24 1.74
N ASP D 87 -23.89 -6.12 3.05
CA ASP D 87 -23.39 -7.09 4.02
C ASP D 87 -24.56 -7.90 4.56
N VAL D 88 -24.54 -9.21 4.32
CA VAL D 88 -25.66 -10.06 4.67
C VAL D 88 -25.19 -11.10 5.68
N PHE D 89 -26.16 -11.76 6.29
CA PHE D 89 -25.94 -12.95 7.10
C PHE D 89 -26.66 -14.08 6.38
N PHE D 90 -25.99 -14.68 5.41
CA PHE D 90 -26.62 -15.66 4.50
C PHE D 90 -26.86 -16.95 5.26
N ARG D 91 -28.13 -17.21 5.55
CA ARG D 91 -28.50 -18.44 6.25
C ARG D 91 -29.09 -19.45 5.27
N GLN D 92 -28.76 -20.72 5.49
CA GLN D 92 -29.29 -21.80 4.68
C GLN D 92 -29.77 -22.90 5.61
N THR D 93 -30.77 -23.67 5.15
CA THR D 93 -31.37 -24.70 5.98
C THR D 93 -31.88 -25.84 5.12
N TRP D 94 -31.36 -27.04 5.35
CA TRP D 94 -31.79 -28.21 4.58
C TRP D 94 -31.82 -29.43 5.48
N HIS D 95 -32.49 -30.48 5.00
CA HIS D 95 -32.64 -31.73 5.74
C HIS D 95 -31.66 -32.76 5.20
N ASP D 96 -30.87 -33.35 6.07
CA ASP D 96 -29.94 -34.43 5.73
C ASP D 96 -30.19 -35.57 6.70
N GLU D 97 -30.57 -36.73 6.16
CA GLU D 97 -30.86 -37.88 7.01
C GLU D 97 -29.59 -38.59 7.44
N ARG D 98 -28.46 -38.28 6.81
CA ARG D 98 -27.20 -38.96 7.10
C ARG D 98 -26.61 -38.47 8.41
N LEU D 99 -27.03 -37.29 8.86
CA LEU D 99 -26.55 -36.69 10.10
C LEU D 99 -27.58 -36.83 11.21
N LYS D 100 -28.25 -37.98 11.26
CA LYS D 100 -29.17 -38.29 12.33
C LYS D 100 -28.39 -38.70 13.57
N PHE D 101 -28.50 -37.90 14.63
CA PHE D 101 -27.81 -38.20 15.87
C PHE D 101 -28.80 -38.17 17.03
N ASP D 102 -28.59 -39.08 17.98
CA ASP D 102 -29.39 -39.14 19.20
C ASP D 102 -28.42 -39.13 20.37
N GLY D 103 -28.39 -38.03 21.12
CA GLY D 103 -27.51 -37.89 22.24
C GLY D 103 -28.05 -36.95 23.29
N PRO D 104 -27.18 -36.46 24.18
CA PRO D 104 -27.64 -35.54 25.23
C PRO D 104 -28.01 -34.14 24.73
N MET D 105 -27.64 -33.78 23.50
CA MET D 105 -27.88 -32.45 22.98
C MET D 105 -29.02 -32.47 21.96
N LYS D 106 -29.71 -31.34 21.87
CA LYS D 106 -30.72 -31.13 20.83
C LYS D 106 -30.19 -30.33 19.66
N ILE D 107 -29.19 -29.48 19.87
CA ILE D 107 -28.59 -28.68 18.82
C ILE D 107 -27.09 -28.61 19.08
N LEU D 108 -26.29 -28.63 18.02
CA LEU D 108 -24.83 -28.65 18.13
C LEU D 108 -24.23 -27.44 17.44
N PRO D 109 -23.97 -26.33 18.15
CA PRO D 109 -23.36 -25.19 17.49
C PRO D 109 -21.86 -25.37 17.31
N LEU D 110 -21.47 -26.09 16.28
CA LEU D 110 -20.08 -26.42 16.01
C LEU D 110 -19.39 -25.28 15.27
N ASN D 111 -18.06 -25.39 15.17
CA ASN D 111 -17.26 -24.37 14.51
C ASN D 111 -17.25 -24.63 13.00
N ASN D 112 -16.43 -23.88 12.28
CA ASN D 112 -16.43 -23.89 10.82
C ASN D 112 -15.63 -25.07 10.27
N LEU D 113 -14.78 -25.69 11.09
CA LEU D 113 -13.93 -26.77 10.61
C LEU D 113 -14.67 -28.10 10.46
N LEU D 114 -15.99 -28.12 10.71
CA LEU D 114 -16.82 -29.25 10.34
C LEU D 114 -17.75 -28.90 9.18
N ALA D 115 -17.59 -27.71 8.59
CA ALA D 115 -18.43 -27.30 7.47
C ALA D 115 -17.84 -27.67 6.12
N SER D 116 -16.51 -27.72 6.02
CA SER D 116 -15.86 -28.00 4.74
C SER D 116 -15.88 -29.50 4.43
N LYS D 117 -16.23 -30.32 5.42
CA LYS D 117 -16.32 -31.77 5.24
C LYS D 117 -17.76 -32.27 5.38
N ILE D 118 -18.73 -31.38 5.23
CA ILE D 118 -20.15 -31.70 5.08
C ILE D 118 -20.62 -31.04 3.79
N TRP D 119 -21.50 -31.74 3.07
CA TRP D 119 -22.14 -31.23 1.86
C TRP D 119 -22.86 -29.93 2.19
N THR D 120 -22.48 -28.87 1.51
CA THR D 120 -23.17 -27.60 1.53
C THR D 120 -23.71 -27.31 0.14
N PRO D 121 -24.79 -26.53 0.02
CA PRO D 121 -25.26 -26.15 -1.31
C PRO D 121 -24.27 -25.25 -2.02
N ASP D 122 -24.36 -25.28 -3.34
CA ASP D 122 -23.39 -24.62 -4.21
C ASP D 122 -23.84 -23.23 -4.63
N THR D 123 -24.47 -22.52 -3.70
CA THR D 123 -25.14 -21.26 -3.99
C THR D 123 -24.14 -20.18 -4.38
N PHE D 124 -24.34 -19.63 -5.57
CA PHE D 124 -23.56 -18.49 -6.04
C PHE D 124 -24.53 -17.38 -6.37
N PHE D 125 -23.99 -16.18 -6.53
CA PHE D 125 -24.78 -15.00 -6.85
C PHE D 125 -24.64 -14.71 -8.33
N HIS D 126 -25.77 -14.71 -9.04
CA HIS D 126 -25.75 -14.66 -10.50
C HIS D 126 -25.26 -13.30 -11.01
N ASN D 127 -25.62 -12.22 -10.32
CA ASN D 127 -25.24 -10.88 -10.72
C ASN D 127 -24.18 -10.27 -9.82
N GLY D 128 -23.39 -11.08 -9.14
CA GLY D 128 -22.28 -10.54 -8.36
C GLY D 128 -21.02 -10.41 -9.19
N LYS D 129 -20.26 -9.34 -8.90
CA LYS D 129 -19.00 -9.08 -9.58
C LYS D 129 -17.80 -9.61 -8.81
N LYS D 130 -17.65 -9.18 -7.56
CA LYS D 130 -16.52 -9.59 -6.73
C LYS D 130 -16.92 -9.41 -5.29
N SER D 131 -17.13 -10.52 -4.61
CA SER D 131 -17.65 -10.48 -3.25
C SER D 131 -16.86 -11.40 -2.34
N VAL D 132 -16.78 -11.03 -1.06
CA VAL D 132 -15.76 -11.56 -0.16
C VAL D 132 -16.43 -12.21 1.05
N ALA D 133 -15.82 -13.28 1.52
CA ALA D 133 -16.20 -13.92 2.78
C ALA D 133 -15.15 -13.56 3.82
N HIS D 134 -15.57 -12.89 4.89
CA HIS D 134 -14.59 -12.41 5.90
C HIS D 134 -13.88 -13.61 6.54
N ASN D 135 -12.70 -13.40 7.14
CA ASN D 135 -11.91 -14.55 7.65
C ASN D 135 -11.40 -14.30 9.07
N MET D 136 -11.67 -13.14 9.68
CA MET D 136 -11.09 -12.85 11.02
C MET D 136 -12.01 -13.43 12.09
N THR D 137 -11.52 -13.65 13.33
CA THR D 137 -10.23 -14.28 13.63
C THR D 137 -10.27 -15.75 13.27
N THR D 138 -11.47 -16.22 12.96
CA THR D 138 -11.70 -17.49 12.29
C THR D 138 -12.47 -17.13 11.02
N PRO D 139 -12.58 -18.05 10.06
CA PRO D 139 -13.50 -17.79 8.95
C PRO D 139 -14.95 -17.73 9.43
N ASN D 140 -15.68 -16.74 8.93
CA ASN D 140 -16.96 -16.34 9.49
C ASN D 140 -18.10 -17.21 8.99
N LYS D 141 -18.21 -18.44 9.50
CA LYS D 141 -19.33 -19.29 9.15
C LYS D 141 -19.88 -19.94 10.41
N LEU D 142 -21.18 -20.25 10.37
CA LEU D 142 -21.90 -20.87 11.47
C LEU D 142 -22.45 -22.21 11.01
N LEU D 143 -22.57 -23.14 11.94
CA LEU D 143 -23.06 -24.49 11.62
C LEU D 143 -23.69 -25.10 12.85
N ARG D 144 -25.00 -25.33 12.79
CA ARG D 144 -25.73 -26.01 13.86
C ARG D 144 -26.49 -27.19 13.29
N LEU D 145 -26.36 -28.34 13.94
CA LEU D 145 -27.01 -29.57 13.51
C LEU D 145 -28.13 -29.90 14.48
N VAL D 146 -29.37 -29.74 14.02
CA VAL D 146 -30.56 -29.99 14.83
C VAL D 146 -30.71 -31.51 14.92
N ASP D 147 -31.34 -32.02 15.99
CA ASP D 147 -31.43 -33.45 16.28
C ASP D 147 -32.11 -34.25 15.18
N ASN D 148 -33.01 -33.64 14.42
CA ASN D 148 -33.67 -34.33 13.31
C ASN D 148 -32.91 -34.20 11.99
N GLY D 149 -31.60 -33.97 12.04
CA GLY D 149 -30.81 -33.87 10.84
C GLY D 149 -30.87 -32.54 10.13
N THR D 150 -31.57 -31.55 10.68
CA THR D 150 -31.67 -30.25 10.03
C THR D 150 -30.41 -29.44 10.30
N LEU D 151 -29.88 -28.79 9.27
CA LEU D 151 -28.69 -27.99 9.40
C LEU D 151 -29.03 -26.51 9.28
N LEU D 152 -28.27 -25.67 9.98
CA LEU D 152 -28.40 -24.23 9.89
C LEU D 152 -27.02 -23.67 9.61
N TYR D 153 -26.86 -23.00 8.46
CA TYR D 153 -25.56 -22.63 7.94
C TYR D 153 -25.57 -21.13 7.66
N THR D 154 -24.99 -20.36 8.57
CA THR D 154 -24.99 -18.90 8.48
C THR D 154 -23.58 -18.40 8.21
N MET D 155 -23.44 -17.60 7.15
CA MET D 155 -22.10 -17.17 6.72
C MET D 155 -22.15 -15.70 6.32
N ARG D 156 -21.16 -14.94 6.79
CA ARG D 156 -21.17 -13.49 6.68
C ARG D 156 -20.44 -13.06 5.42
N LEU D 157 -21.09 -12.23 4.60
CA LEU D 157 -20.58 -11.90 3.28
C LEU D 157 -20.58 -10.39 3.09
N THR D 158 -19.99 -9.96 1.97
CA THR D 158 -20.03 -8.58 1.52
C THR D 158 -20.07 -8.62 0.01
N ILE D 159 -21.20 -8.23 -0.58
CA ILE D 159 -21.53 -8.54 -1.98
C ILE D 159 -21.52 -7.27 -2.81
N HIS D 160 -20.68 -7.26 -3.85
CA HIS D 160 -20.69 -6.22 -4.87
C HIS D 160 -21.52 -6.66 -6.08
N ALA D 161 -22.84 -6.76 -5.88
CA ALA D 161 -23.70 -7.27 -6.95
C ALA D 161 -23.94 -6.20 -8.01
N GLU D 162 -24.24 -6.66 -9.23
CA GLU D 162 -24.59 -5.75 -10.30
C GLU D 162 -25.98 -5.16 -10.07
N CYS D 163 -26.18 -3.95 -10.59
CA CYS D 163 -27.49 -3.29 -10.56
C CYS D 163 -27.69 -2.57 -11.88
N PRO D 164 -28.61 -3.03 -12.72
CA PRO D 164 -28.93 -2.30 -13.95
C PRO D 164 -29.62 -0.98 -13.63
N MET D 165 -29.02 0.11 -14.08
CA MET D 165 -29.48 1.45 -13.75
C MET D 165 -29.80 2.19 -15.04
N HIS D 166 -31.02 2.72 -15.14
CA HIS D 166 -31.42 3.58 -16.25
C HIS D 166 -31.25 5.02 -15.79
N LEU D 167 -30.32 5.74 -16.40
CA LEU D 167 -30.04 7.11 -15.98
C LEU D 167 -30.78 8.12 -16.84
N GLU D 168 -32.10 7.92 -16.98
CA GLU D 168 -32.93 8.84 -17.74
C GLU D 168 -33.62 9.86 -16.86
N ASP D 169 -33.86 9.55 -15.59
CA ASP D 169 -34.46 10.47 -14.65
C ASP D 169 -33.46 10.91 -13.60
N PHE D 170 -32.20 11.03 -13.97
CA PHE D 170 -31.18 11.49 -13.03
C PHE D 170 -31.42 12.95 -12.71
N PRO D 171 -31.37 13.35 -11.44
CA PRO D 171 -31.10 12.60 -10.23
C PRO D 171 -32.38 12.29 -9.48
N MET D 172 -33.55 12.38 -10.11
CA MET D 172 -34.82 12.03 -9.49
C MET D 172 -35.15 10.56 -9.66
N ASP D 173 -34.21 9.79 -10.20
CA ASP D 173 -34.45 8.41 -10.62
C ASP D 173 -34.62 7.47 -9.42
N VAL D 174 -35.38 6.41 -9.66
CA VAL D 174 -35.58 5.36 -8.67
C VAL D 174 -35.08 4.04 -9.27
N HIS D 175 -34.50 3.18 -8.44
CA HIS D 175 -33.91 1.96 -8.94
C HIS D 175 -34.40 0.74 -8.18
N ALA D 176 -34.17 -0.42 -8.78
CA ALA D 176 -34.64 -1.71 -8.30
C ALA D 176 -33.51 -2.73 -8.35
N CYS D 177 -32.38 -2.39 -7.74
CA CYS D 177 -31.15 -3.18 -7.76
C CYS D 177 -31.39 -4.58 -7.19
N PRO D 178 -31.16 -5.63 -7.96
CA PRO D 178 -31.50 -6.98 -7.52
C PRO D 178 -30.31 -7.70 -6.88
N LEU D 179 -30.61 -8.87 -6.34
CA LEU D 179 -29.60 -9.79 -5.82
C LEU D 179 -30.07 -11.20 -6.14
N LYS D 180 -29.63 -11.73 -7.28
CA LYS D 180 -30.06 -13.04 -7.76
C LYS D 180 -29.08 -14.09 -7.26
N PHE D 181 -29.61 -15.13 -6.60
CA PHE D 181 -28.77 -16.25 -6.19
C PHE D 181 -29.46 -17.56 -6.52
N GLY D 182 -28.67 -18.55 -6.93
CA GLY D 182 -29.20 -19.85 -7.23
C GLY D 182 -28.08 -20.87 -7.26
N SER D 183 -28.47 -22.12 -7.48
CA SER D 183 -27.49 -23.19 -7.54
C SER D 183 -26.67 -23.09 -8.81
N TYR D 184 -25.47 -23.65 -8.77
CA TYR D 184 -24.61 -23.65 -9.94
C TYR D 184 -24.62 -25.00 -10.65
N ALA D 185 -24.28 -26.08 -9.96
CA ALA D 185 -24.13 -27.39 -10.57
C ALA D 185 -25.32 -28.31 -10.35
N TYR D 186 -26.33 -27.86 -9.60
CA TYR D 186 -27.49 -28.69 -9.30
C TYR D 186 -28.72 -28.09 -9.98
N THR D 187 -29.37 -28.87 -10.85
CA THR D 187 -30.55 -28.39 -11.57
C THR D 187 -31.81 -28.58 -10.72
N THR D 188 -32.97 -28.23 -11.29
CA THR D 188 -34.24 -28.25 -10.57
C THR D 188 -34.67 -29.65 -10.16
N ALA D 189 -34.21 -30.67 -10.86
CA ALA D 189 -34.56 -32.05 -10.55
C ALA D 189 -33.95 -32.54 -9.24
N GLU D 190 -32.96 -31.87 -8.69
CA GLU D 190 -32.36 -32.33 -7.45
C GLU D 190 -32.28 -31.29 -6.36
N VAL D 191 -32.18 -30.01 -6.70
CA VAL D 191 -32.09 -28.97 -5.67
C VAL D 191 -33.06 -27.85 -6.04
N VAL D 192 -33.98 -27.55 -5.13
CA VAL D 192 -34.80 -26.34 -5.18
C VAL D 192 -34.66 -25.63 -3.84
N TYR D 193 -34.52 -24.31 -3.89
CA TYR D 193 -34.48 -23.46 -2.71
C TYR D 193 -35.90 -23.08 -2.32
N SER D 194 -36.05 -22.58 -1.09
CA SER D 194 -37.31 -22.03 -0.60
C SER D 194 -36.99 -20.93 0.39
N TRP D 195 -37.96 -20.06 0.67
CA TRP D 195 -37.81 -19.11 1.75
C TRP D 195 -38.33 -19.73 3.03
N THR D 196 -37.64 -19.53 4.15
CA THR D 196 -37.96 -20.24 5.38
C THR D 196 -39.26 -19.74 6.00
N LEU D 197 -39.28 -18.47 6.37
CA LEU D 197 -40.43 -17.81 6.95
C LEU D 197 -41.34 -17.31 5.82
N GLY D 198 -42.25 -16.39 6.12
CA GLY D 198 -43.08 -15.79 5.10
C GLY D 198 -42.31 -15.00 4.06
N LYS D 199 -43.00 -14.61 2.98
CA LYS D 199 -42.35 -13.95 1.86
C LYS D 199 -41.92 -12.53 2.22
N ASN D 200 -42.48 -11.95 3.28
CA ASN D 200 -42.07 -10.63 3.71
C ASN D 200 -41.01 -10.71 4.79
N LYS D 201 -41.14 -11.65 5.73
CA LYS D 201 -40.23 -11.76 6.86
C LYS D 201 -39.03 -12.64 6.55
N SER D 202 -38.30 -12.35 5.47
CA SER D 202 -37.10 -13.10 5.15
C SER D 202 -35.91 -12.26 4.72
N VAL D 203 -36.12 -11.00 4.30
CA VAL D 203 -35.05 -10.16 3.77
C VAL D 203 -35.05 -8.97 4.74
N GLU D 204 -35.19 -9.29 6.03
CA GLU D 204 -35.19 -8.31 7.11
C GLU D 204 -33.93 -7.44 7.09
N VAL D 205 -34.12 -6.14 7.24
CA VAL D 205 -33.04 -5.16 7.22
C VAL D 205 -32.86 -4.61 8.62
N ALA D 206 -31.61 -4.59 9.08
CA ALA D 206 -31.30 -3.97 10.37
C ALA D 206 -31.56 -2.48 10.31
N GLN D 207 -32.17 -1.95 11.37
CA GLN D 207 -32.64 -0.56 11.35
C GLN D 207 -31.48 0.43 11.42
N ASP D 208 -30.54 0.19 12.33
CA ASP D 208 -29.43 1.14 12.49
C ASP D 208 -28.42 1.02 11.36
N GLY D 209 -28.12 -0.20 10.92
CA GLY D 209 -27.13 -0.38 9.90
C GLY D 209 -27.63 0.00 8.52
N SER D 210 -27.14 1.14 8.01
CA SER D 210 -27.45 1.57 6.65
C SER D 210 -26.35 2.52 6.23
N ARG D 211 -25.47 2.06 5.35
CA ARG D 211 -24.32 2.84 4.90
C ARG D 211 -24.60 3.61 3.62
N LEU D 212 -25.86 3.94 3.37
CA LEU D 212 -26.22 4.72 2.19
C LEU D 212 -26.02 6.20 2.46
N ASN D 213 -25.24 6.86 1.61
CA ASN D 213 -25.03 8.29 1.70
C ASN D 213 -25.66 9.07 0.55
N GLN D 214 -26.11 8.38 -0.50
CA GLN D 214 -26.80 9.01 -1.62
C GLN D 214 -28.29 8.67 -1.66
N TYR D 215 -28.64 7.41 -1.42
CA TYR D 215 -30.01 6.93 -1.54
C TYR D 215 -30.60 6.70 -0.15
N ASP D 216 -31.87 6.31 -0.14
CA ASP D 216 -32.53 5.81 1.06
C ASP D 216 -33.34 4.59 0.69
N LEU D 217 -33.33 3.60 1.59
CA LEU D 217 -33.97 2.32 1.29
C LEU D 217 -35.47 2.43 1.50
N LEU D 218 -36.23 2.31 0.41
CA LEU D 218 -37.68 2.33 0.51
C LEU D 218 -38.25 0.99 0.94
N GLY D 219 -37.91 -0.07 0.22
CA GLY D 219 -38.43 -1.39 0.55
C GLY D 219 -37.83 -2.42 -0.35
N HIS D 220 -38.14 -3.67 -0.03
CA HIS D 220 -37.63 -4.83 -0.75
C HIS D 220 -38.78 -5.72 -1.21
N VAL D 221 -38.62 -6.32 -2.37
CA VAL D 221 -39.62 -7.22 -2.93
C VAL D 221 -38.92 -8.54 -3.27
N VAL D 222 -39.64 -9.64 -3.11
CA VAL D 222 -39.08 -10.98 -3.17
C VAL D 222 -39.77 -11.76 -4.30
N GLY D 223 -38.95 -12.48 -5.08
CA GLY D 223 -39.48 -13.31 -6.14
C GLY D 223 -38.68 -14.57 -6.38
N THR D 224 -39.36 -15.66 -6.74
CA THR D 224 -38.75 -16.95 -7.02
C THR D 224 -39.00 -17.32 -8.47
N GLU D 225 -37.94 -17.66 -9.21
CA GLU D 225 -38.07 -17.91 -10.63
C GLU D 225 -37.45 -19.25 -11.05
N ILE D 226 -37.68 -19.62 -12.32
CA ILE D 226 -37.04 -20.77 -12.94
C ILE D 226 -36.23 -20.25 -14.11
N ILE D 227 -34.95 -20.58 -14.17
CA ILE D 227 -34.13 -20.15 -15.29
C ILE D 227 -33.84 -21.35 -16.19
N ARG D 228 -33.60 -21.07 -17.46
CA ARG D 228 -33.32 -22.09 -18.47
C ARG D 228 -31.96 -21.78 -19.10
N SER D 229 -30.93 -22.48 -18.62
CA SER D 229 -29.61 -22.39 -19.20
C SER D 229 -29.43 -23.53 -20.20
N SER D 230 -28.22 -23.61 -20.78
CA SER D 230 -27.95 -24.65 -21.75
C SER D 230 -27.68 -26.01 -21.10
N THR D 231 -27.48 -26.05 -19.79
CA THR D 231 -27.20 -27.29 -19.09
C THR D 231 -28.39 -27.84 -18.31
N GLY D 232 -29.49 -27.10 -18.24
CA GLY D 232 -30.65 -27.60 -17.53
C GLY D 232 -31.51 -26.45 -17.04
N GLU D 233 -32.36 -26.76 -16.06
CA GLU D 233 -33.26 -25.80 -15.44
C GLU D 233 -32.76 -25.50 -14.03
N TYR D 234 -32.57 -24.23 -13.69
CA TYR D 234 -32.12 -23.87 -12.36
C TYR D 234 -33.11 -22.91 -11.71
N VAL D 235 -33.18 -22.98 -10.38
CA VAL D 235 -34.01 -22.07 -9.61
C VAL D 235 -33.20 -20.81 -9.29
N VAL D 236 -33.80 -19.66 -9.54
CA VAL D 236 -33.20 -18.37 -9.23
C VAL D 236 -34.19 -17.57 -8.40
N MET D 237 -33.76 -17.07 -7.25
CA MET D 237 -34.58 -16.16 -6.46
C MET D 237 -33.99 -14.77 -6.52
N THR D 238 -34.88 -13.79 -6.67
CA THR D 238 -34.51 -12.39 -6.77
C THR D 238 -34.91 -11.66 -5.50
N THR D 239 -34.05 -10.75 -5.06
CA THR D 239 -34.43 -9.81 -4.01
C THR D 239 -34.11 -8.42 -4.52
N HIS D 240 -35.12 -7.71 -4.99
CA HIS D 240 -34.95 -6.36 -5.50
C HIS D 240 -35.07 -5.38 -4.35
N PHE D 241 -34.08 -4.52 -4.19
CA PHE D 241 -34.11 -3.45 -3.20
C PHE D 241 -34.50 -2.16 -3.92
N HIS D 242 -35.63 -1.58 -3.52
CA HIS D 242 -36.11 -0.35 -4.14
C HIS D 242 -35.34 0.82 -3.54
N LEU D 243 -34.73 1.61 -4.40
CA LEU D 243 -33.92 2.75 -3.98
C LEU D 243 -34.45 4.02 -4.64
N LYS D 244 -34.24 5.14 -3.94
CA LYS D 244 -34.63 6.45 -4.44
C LYS D 244 -33.48 7.42 -4.19
N ARG D 245 -33.10 8.17 -5.21
CA ARG D 245 -31.98 9.09 -5.11
C ARG D 245 -32.41 10.39 -4.47
N LYS D 246 -31.73 10.77 -3.39
CA LYS D 246 -31.98 12.03 -2.73
C LYS D 246 -31.47 13.16 -3.62
N ILE D 247 -32.30 14.18 -3.82
CA ILE D 247 -31.94 15.28 -4.70
C ILE D 247 -31.09 16.33 -3.97
N GLY D 248 -30.98 16.20 -2.65
CA GLY D 248 -30.33 17.15 -1.78
C GLY D 248 -28.89 17.47 -2.11
N TYR D 249 -28.11 16.47 -2.52
CA TYR D 249 -26.74 16.70 -2.96
C TYR D 249 -26.71 17.48 -4.25
N PHE D 250 -27.54 17.09 -5.21
CA PHE D 250 -27.47 17.63 -6.55
C PHE D 250 -28.23 18.94 -6.71
N VAL D 251 -29.08 19.28 -5.73
CA VAL D 251 -29.72 20.60 -5.78
C VAL D 251 -28.75 21.66 -5.26
N ILE D 252 -27.71 21.24 -4.53
CA ILE D 252 -26.84 22.22 -3.89
C ILE D 252 -25.45 22.18 -4.51
N GLN D 253 -25.15 21.10 -5.25
CA GLN D 253 -23.92 21.06 -6.03
C GLN D 253 -24.12 21.58 -7.44
N THR D 254 -25.06 21.01 -8.18
CA THR D 254 -25.17 21.24 -9.61
C THR D 254 -26.37 22.08 -10.00
N TYR D 255 -27.48 21.99 -9.26
CA TYR D 255 -28.66 22.74 -9.67
C TYR D 255 -28.52 24.21 -9.33
N LEU D 256 -28.49 24.56 -8.04
CA LEU D 256 -28.58 25.96 -7.64
C LEU D 256 -27.43 26.84 -8.10
N PRO D 257 -26.18 26.36 -8.28
CA PRO D 257 -25.25 27.13 -9.12
C PRO D 257 -25.71 27.33 -10.56
N CYS D 258 -26.37 26.36 -11.19
CA CYS D 258 -26.81 26.53 -12.57
C CYS D 258 -28.00 27.48 -12.68
N ILE D 259 -28.57 27.79 -11.51
CA ILE D 259 -29.61 28.85 -11.48
C ILE D 259 -28.83 30.15 -11.37
N MET D 260 -28.11 30.31 -10.26
CA MET D 260 -27.38 31.58 -10.03
C MET D 260 -26.71 32.00 -11.34
N THR D 261 -25.94 31.10 -11.92
CA THR D 261 -25.18 31.48 -13.13
C THR D 261 -26.04 32.38 -14.02
N VAL D 262 -27.26 31.95 -14.31
CA VAL D 262 -28.03 32.71 -15.28
C VAL D 262 -28.63 33.95 -14.63
N ILE D 263 -28.80 34.01 -13.31
CA ILE D 263 -29.27 35.26 -12.72
C ILE D 263 -28.08 36.14 -12.40
N LEU D 264 -26.88 35.55 -12.33
CA LEU D 264 -25.70 36.37 -12.47
C LEU D 264 -25.76 36.95 -13.85
N SER D 265 -26.32 36.16 -14.81
CA SER D 265 -26.52 36.69 -16.15
C SER D 265 -27.72 37.66 -16.28
N GLN D 266 -28.42 37.97 -15.21
CA GLN D 266 -29.49 38.94 -15.31
C GLN D 266 -29.08 40.32 -14.84
N VAL D 267 -27.84 40.47 -14.35
CA VAL D 267 -27.32 41.79 -14.01
C VAL D 267 -27.16 42.66 -15.26
N SER D 268 -26.67 42.09 -16.39
CA SER D 268 -26.22 42.89 -17.55
C SER D 268 -27.29 43.63 -18.28
N PHE D 269 -28.53 43.23 -18.13
CA PHE D 269 -29.53 44.07 -18.74
C PHE D 269 -29.72 45.35 -17.93
N TRP D 270 -29.34 45.33 -16.66
CA TRP D 270 -29.55 46.50 -15.82
C TRP D 270 -28.40 47.50 -15.91
N LEU D 271 -27.47 47.32 -16.82
CA LEU D 271 -26.28 48.14 -16.93
C LEU D 271 -26.48 49.16 -18.05
N ASN D 272 -25.44 49.92 -18.36
CA ASN D 272 -25.53 51.01 -19.32
C ASN D 272 -25.43 50.48 -20.75
N ARG D 273 -26.06 51.19 -21.68
CA ARG D 273 -25.95 50.84 -23.09
C ARG D 273 -24.55 51.14 -23.62
N GLU D 274 -23.89 52.17 -23.07
CA GLU D 274 -22.55 52.56 -23.50
C GLU D 274 -21.47 51.71 -22.86
N SER D 275 -21.80 51.03 -21.76
CA SER D 275 -20.80 50.28 -20.99
C SER D 275 -20.54 48.95 -21.68
N VAL D 276 -19.79 49.02 -22.77
CA VAL D 276 -19.47 47.87 -23.62
C VAL D 276 -18.44 46.92 -22.97
N PRO D 277 -17.30 47.36 -22.40
CA PRO D 277 -16.38 46.35 -21.81
C PRO D 277 -16.89 45.72 -20.53
N ALA D 278 -17.92 46.27 -19.89
CA ALA D 278 -18.39 45.71 -18.62
C ALA D 278 -19.28 44.51 -18.84
N ARG D 279 -20.39 44.74 -19.52
CA ARG D 279 -21.31 43.61 -19.79
C ARG D 279 -20.43 42.58 -20.48
N THR D 280 -19.39 43.06 -21.15
CA THR D 280 -18.47 42.12 -21.82
C THR D 280 -17.98 41.11 -20.81
N VAL D 281 -17.29 41.58 -19.78
CA VAL D 281 -16.70 40.63 -18.79
C VAL D 281 -17.88 39.91 -18.15
N PHE D 282 -18.99 40.64 -18.04
CA PHE D 282 -20.18 40.02 -17.42
C PHE D 282 -20.48 38.73 -18.18
N GLY D 283 -20.45 38.78 -19.51
CA GLY D 283 -20.88 37.61 -20.31
C GLY D 283 -19.77 36.60 -20.58
N VAL D 284 -18.55 37.08 -20.87
CA VAL D 284 -17.45 36.14 -21.24
C VAL D 284 -17.25 35.11 -20.12
N THR D 285 -17.68 35.44 -18.90
CA THR D 285 -17.47 34.53 -17.74
C THR D 285 -18.67 33.61 -17.56
N THR D 286 -19.90 34.11 -17.73
CA THR D 286 -21.05 33.26 -17.46
C THR D 286 -21.08 32.03 -18.35
N VAL D 287 -20.59 32.15 -19.59
CA VAL D 287 -20.61 31.01 -20.50
C VAL D 287 -19.62 29.95 -20.03
N LEU D 288 -18.42 30.36 -19.62
CA LEU D 288 -17.40 29.39 -19.21
C LEU D 288 -17.78 28.68 -17.92
N THR D 289 -18.51 29.35 -17.04
CA THR D 289 -19.04 28.67 -15.86
C THR D 289 -20.19 27.74 -16.17
N MET D 290 -20.96 27.99 -17.21
CA MET D 290 -21.90 26.98 -17.66
C MET D 290 -21.19 25.78 -18.26
N THR D 291 -20.08 26.00 -18.95
CA THR D 291 -19.35 24.89 -19.55
C THR D 291 -18.67 24.03 -18.50
N THR D 292 -18.03 24.63 -17.50
CA THR D 292 -17.29 23.85 -16.53
C THR D 292 -18.22 23.16 -15.54
N LEU D 293 -19.45 23.64 -15.40
CA LEU D 293 -20.45 22.91 -14.64
C LEU D 293 -21.17 21.88 -15.49
N SER D 294 -21.10 21.99 -16.81
CA SER D 294 -21.59 20.91 -17.66
C SER D 294 -20.68 19.70 -17.59
N ILE D 295 -19.36 19.93 -17.54
CA ILE D 295 -18.42 18.83 -17.39
C ILE D 295 -18.48 18.26 -15.98
N SER D 296 -18.60 19.12 -14.98
CA SER D 296 -18.65 18.68 -13.58
C SER D 296 -19.91 17.89 -13.26
N ALA D 297 -21.04 18.21 -13.88
CA ALA D 297 -22.24 17.41 -13.71
C ALA D 297 -22.12 16.09 -14.48
N ARG D 298 -21.37 16.10 -15.58
CA ARG D 298 -21.11 14.89 -16.33
C ARG D 298 -20.06 14.01 -15.64
N ASN D 299 -19.31 14.58 -14.70
CA ASN D 299 -18.45 13.79 -13.84
C ASN D 299 -19.28 12.94 -12.91
N SER D 300 -18.67 11.84 -12.43
CA SER D 300 -19.22 10.89 -11.47
C SER D 300 -20.51 10.21 -11.94
N LEU D 301 -20.55 9.82 -13.22
CA LEU D 301 -21.72 9.04 -13.71
C LEU D 301 -21.28 8.24 -14.95
N PRO D 302 -21.83 7.03 -15.20
CA PRO D 302 -21.39 6.20 -16.32
C PRO D 302 -21.34 6.97 -17.64
N LYS D 303 -20.30 6.74 -18.44
CA LYS D 303 -20.17 7.46 -19.74
C LYS D 303 -21.13 6.83 -20.75
N VAL D 304 -22.44 6.93 -20.50
CA VAL D 304 -23.47 6.33 -21.41
C VAL D 304 -23.64 7.21 -22.64
N ALA D 305 -24.35 6.71 -23.66
CA ALA D 305 -24.55 7.47 -24.91
C ALA D 305 -25.84 8.30 -24.84
N TYR D 306 -26.70 8.04 -23.85
CA TYR D 306 -28.00 8.75 -23.76
C TYR D 306 -27.86 9.96 -22.84
N ALA D 307 -28.81 10.89 -22.90
CA ALA D 307 -28.73 12.10 -22.09
C ALA D 307 -29.61 11.95 -20.85
N THR D 308 -29.03 12.23 -19.69
CA THR D 308 -29.77 12.21 -18.44
C THR D 308 -30.61 13.48 -18.32
N ALA D 309 -31.48 13.52 -17.30
CA ALA D 309 -32.26 14.73 -17.05
C ALA D 309 -31.52 15.66 -16.08
N MET D 310 -30.25 15.84 -16.35
CA MET D 310 -29.37 16.87 -15.81
C MET D 310 -28.78 17.77 -16.87
N ASP D 311 -28.35 17.23 -18.01
CA ASP D 311 -27.81 18.06 -19.08
C ASP D 311 -28.91 18.88 -19.75
N TRP D 312 -30.15 18.37 -19.77
CA TRP D 312 -31.25 19.13 -20.32
C TRP D 312 -31.56 20.38 -19.51
N PHE D 313 -31.45 20.34 -18.19
CA PHE D 313 -31.56 21.58 -17.42
C PHE D 313 -30.38 22.48 -17.69
N ILE D 314 -29.19 21.91 -17.88
CA ILE D 314 -28.00 22.73 -18.13
C ILE D 314 -28.05 23.36 -19.51
N ALA D 315 -28.40 22.57 -20.54
CA ALA D 315 -28.33 23.03 -21.92
C ALA D 315 -29.36 24.12 -22.21
N VAL D 316 -30.56 24.00 -21.64
CA VAL D 316 -31.55 25.06 -21.76
C VAL D 316 -31.10 26.29 -20.99
N CYS D 317 -30.52 26.11 -19.80
CA CYS D 317 -29.88 27.24 -19.12
C CYS D 317 -28.64 27.72 -19.84
N TYR D 318 -27.92 26.83 -20.54
CA TYR D 318 -26.84 27.30 -21.39
C TYR D 318 -27.37 28.10 -22.57
N ALA D 319 -28.52 27.71 -23.11
CA ALA D 319 -29.17 28.51 -24.14
C ALA D 319 -29.76 29.78 -23.53
N PHE D 320 -30.10 29.76 -22.24
CA PHE D 320 -30.47 30.99 -21.56
C PHE D 320 -29.29 31.92 -21.37
N VAL D 321 -28.11 31.38 -21.04
CA VAL D 321 -26.94 32.22 -20.87
C VAL D 321 -26.46 32.76 -22.22
N PHE D 322 -26.52 31.92 -23.26
CA PHE D 322 -26.07 32.33 -24.59
C PHE D 322 -26.98 33.39 -25.20
N SER D 323 -28.27 33.39 -24.83
CA SER D 323 -29.20 34.39 -25.34
C SER D 323 -28.93 35.77 -24.76
N ALA D 324 -28.30 35.85 -23.59
CA ALA D 324 -27.90 37.15 -23.05
C ALA D 324 -26.75 37.74 -23.85
N LEU D 325 -25.99 36.90 -24.53
CA LEU D 325 -24.93 37.40 -25.40
C LEU D 325 -25.50 37.98 -26.70
N ILE D 326 -26.57 37.35 -27.22
CA ILE D 326 -27.12 37.75 -28.51
C ILE D 326 -27.83 39.09 -28.40
N GLU D 327 -28.52 39.35 -27.28
CA GLU D 327 -29.14 40.65 -27.09
C GLU D 327 -28.08 41.74 -26.93
N PHE D 328 -26.95 41.40 -26.31
CA PHE D 328 -25.87 42.36 -26.16
C PHE D 328 -25.21 42.64 -27.50
N ALA D 329 -25.10 41.61 -28.34
CA ALA D 329 -24.65 41.83 -29.72
C ALA D 329 -25.69 42.59 -30.52
N THR D 330 -26.97 42.48 -30.16
CA THR D 330 -27.99 43.27 -30.83
C THR D 330 -27.92 44.74 -30.42
N VAL D 331 -27.75 45.02 -29.12
CA VAL D 331 -27.78 46.41 -28.66
C VAL D 331 -26.44 47.08 -28.96
N ASN D 332 -25.37 46.30 -29.09
CA ASN D 332 -24.11 46.89 -29.57
C ASN D 332 -24.17 47.19 -31.06
N TYR D 333 -24.93 46.40 -31.82
CA TYR D 333 -25.18 46.70 -33.22
C TYR D 333 -26.05 47.94 -33.38
N PHE D 334 -26.89 48.24 -32.40
CA PHE D 334 -27.77 49.40 -32.42
C PHE D 334 -27.38 50.37 -31.31
N SER D 425 -31.95 51.31 -24.10
CA SER D 425 -32.70 51.00 -25.30
C SER D 425 -34.02 50.31 -24.95
N LYS D 426 -34.98 50.35 -25.86
CA LYS D 426 -36.23 49.62 -25.66
C LYS D 426 -36.05 48.11 -25.82
N VAL D 427 -35.00 47.69 -26.53
CA VAL D 427 -34.65 46.27 -26.59
C VAL D 427 -34.14 45.80 -25.23
N ASP D 428 -33.50 46.69 -24.48
CA ASP D 428 -32.94 46.32 -23.19
C ASP D 428 -34.07 46.16 -22.16
N LYS D 429 -35.07 47.04 -22.20
CA LYS D 429 -36.13 47.02 -21.20
C LYS D 429 -37.02 45.79 -21.31
N ILE D 430 -37.34 45.35 -22.53
CA ILE D 430 -38.17 44.16 -22.72
C ILE D 430 -37.44 42.88 -22.32
N SER D 431 -36.11 42.88 -22.30
CA SER D 431 -35.34 41.74 -21.87
C SER D 431 -35.16 41.69 -20.37
N ARG D 432 -35.47 42.79 -19.66
CA ARG D 432 -35.46 42.82 -18.22
C ARG D 432 -36.71 42.18 -17.61
N ILE D 433 -37.75 41.97 -18.40
CA ILE D 433 -39.05 41.52 -17.91
C ILE D 433 -39.40 40.14 -18.44
N ILE D 434 -39.32 39.96 -19.76
CA ILE D 434 -39.74 38.71 -20.40
C ILE D 434 -38.85 37.55 -19.96
N PHE D 435 -37.55 37.80 -19.90
CA PHE D 435 -36.61 36.70 -19.73
C PHE D 435 -36.50 36.17 -18.29
N PRO D 436 -36.55 36.97 -17.20
CA PRO D 436 -36.65 36.35 -15.87
C PRO D 436 -37.93 35.56 -15.63
N VAL D 437 -39.04 35.94 -16.27
CA VAL D 437 -40.26 35.14 -16.18
C VAL D 437 -40.20 33.92 -17.08
N LEU D 438 -39.54 34.00 -18.24
CA LEU D 438 -39.38 32.85 -19.11
C LEU D 438 -38.53 31.76 -18.48
N PHE D 439 -37.55 32.13 -17.66
CA PHE D 439 -36.88 31.14 -16.81
C PHE D 439 -37.76 30.72 -15.65
N ALA D 440 -38.65 31.60 -15.19
CA ALA D 440 -39.55 31.25 -14.09
C ALA D 440 -40.76 30.47 -14.58
N ILE D 441 -40.90 30.31 -15.90
CA ILE D 441 -41.88 29.35 -16.41
C ILE D 441 -41.24 27.97 -16.50
N PHE D 442 -39.97 27.89 -16.91
CA PHE D 442 -39.35 26.60 -17.15
C PHE D 442 -39.11 25.82 -15.87
N ASN D 443 -38.75 26.50 -14.79
CA ASN D 443 -38.59 25.80 -13.52
C ASN D 443 -39.91 25.26 -12.96
N LEU D 444 -41.01 25.97 -13.18
CA LEU D 444 -42.33 25.49 -12.80
C LEU D 444 -42.79 24.31 -13.64
N VAL D 445 -42.21 24.13 -14.83
CA VAL D 445 -42.49 22.97 -15.68
C VAL D 445 -41.54 21.82 -15.37
N TYR D 446 -40.24 22.12 -15.27
CA TYR D 446 -39.23 21.09 -15.01
C TYR D 446 -39.38 20.51 -13.61
N TRP D 447 -39.64 21.35 -12.62
CA TRP D 447 -39.86 20.84 -11.26
C TRP D 447 -41.34 20.61 -11.00
N ALA D 448 -42.02 19.98 -11.95
CA ALA D 448 -43.38 19.49 -11.71
C ALA D 448 -43.64 18.10 -12.31
N THR D 449 -42.92 17.70 -13.35
CA THR D 449 -43.17 16.41 -13.98
C THR D 449 -42.27 15.31 -13.41
N TYR D 450 -41.11 15.71 -12.86
CA TYR D 450 -40.23 14.73 -12.24
C TYR D 450 -40.49 14.65 -10.73
N VAL D 451 -40.36 15.78 -10.05
CA VAL D 451 -40.51 15.83 -8.61
C VAL D 451 -42.00 15.79 -8.25
N GLU E 24 -24.90 -43.04 -0.38
CA GLU E 24 -23.82 -44.00 -0.57
C GLU E 24 -24.35 -45.35 -1.04
N GLY E 25 -23.48 -46.36 -1.00
CA GLY E 25 -23.85 -47.69 -1.42
C GLY E 25 -23.62 -47.95 -2.90
N ASP E 26 -24.09 -47.05 -3.75
CA ASP E 26 -23.93 -47.22 -5.19
C ASP E 26 -23.02 -46.15 -5.78
N VAL E 27 -23.37 -44.88 -5.57
CA VAL E 27 -22.61 -43.79 -6.18
C VAL E 27 -21.24 -43.63 -5.53
N THR E 28 -21.15 -43.90 -4.22
CA THR E 28 -19.87 -43.90 -3.52
C THR E 28 -18.92 -44.95 -4.06
N VAL E 29 -19.41 -46.18 -4.28
CA VAL E 29 -18.51 -47.21 -4.80
C VAL E 29 -18.25 -46.99 -6.28
N ILE E 30 -19.14 -46.27 -6.98
CA ILE E 30 -18.86 -45.84 -8.35
C ILE E 30 -17.68 -44.88 -8.38
N LEU E 31 -17.70 -43.87 -7.51
CA LEU E 31 -16.63 -42.88 -7.51
C LEU E 31 -15.31 -43.45 -7.00
N ASN E 32 -15.37 -44.35 -6.01
CA ASN E 32 -14.15 -45.01 -5.53
C ASN E 32 -13.66 -46.07 -6.51
N ASN E 33 -14.53 -46.57 -7.39
CA ASN E 33 -14.09 -47.45 -8.45
C ASN E 33 -13.43 -46.65 -9.57
N LEU E 34 -13.84 -45.38 -9.71
CA LEU E 34 -13.30 -44.53 -10.81
C LEU E 34 -11.86 -44.09 -10.52
N LEU E 35 -11.64 -43.31 -9.46
CA LEU E 35 -10.27 -42.80 -9.18
C LEU E 35 -9.47 -43.82 -8.38
N GLU E 36 -9.35 -45.05 -8.89
CA GLU E 36 -8.52 -46.08 -8.22
C GLU E 36 -7.07 -45.94 -8.72
N GLY E 37 -6.37 -44.91 -8.27
CA GLY E 37 -5.00 -44.66 -8.75
C GLY E 37 -5.01 -43.73 -9.94
N TYR E 38 -6.19 -43.28 -10.36
CA TYR E 38 -6.32 -42.34 -11.51
C TYR E 38 -5.29 -41.22 -11.36
N ASP E 39 -4.31 -41.17 -12.26
CA ASP E 39 -3.33 -40.09 -12.23
C ASP E 39 -3.89 -38.85 -12.91
N ASN E 40 -4.03 -37.78 -12.14
CA ASN E 40 -4.41 -36.49 -12.68
C ASN E 40 -3.23 -35.75 -13.31
N LYS E 41 -2.07 -36.42 -13.29
CA LYS E 41 -0.81 -35.83 -13.82
C LYS E 41 -0.62 -36.20 -15.29
N LEU E 42 -1.14 -37.34 -15.73
CA LEU E 42 -1.05 -37.80 -17.14
C LEU E 42 -2.40 -37.59 -17.84
N ARG E 43 -2.47 -36.67 -18.80
CA ARG E 43 -3.72 -36.48 -19.58
C ARG E 43 -4.21 -37.84 -20.07
N PRO E 44 -5.52 -38.05 -20.29
CA PRO E 44 -6.03 -39.34 -20.70
C PRO E 44 -5.43 -39.64 -22.06
N ASP E 45 -4.83 -40.82 -22.22
CA ASP E 45 -4.16 -41.17 -23.51
C ASP E 45 -2.93 -40.25 -23.70
N ILE E 46 -1.83 -40.57 -23.02
CA ILE E 46 -0.61 -39.70 -23.07
C ILE E 46 0.23 -40.11 -24.27
N GLY E 47 0.11 -41.36 -24.73
CA GLY E 47 0.84 -41.82 -25.93
C GLY E 47 -0.09 -42.56 -26.87
N VAL E 48 -1.39 -42.27 -26.79
CA VAL E 48 -2.40 -42.99 -27.63
C VAL E 48 -2.88 -42.06 -28.75
N LYS E 49 -3.47 -40.91 -28.39
CA LYS E 49 -4.04 -40.00 -29.43
C LYS E 49 -4.16 -38.58 -28.86
N PRO E 50 -4.24 -37.52 -29.71
CA PRO E 50 -4.43 -36.16 -29.21
C PRO E 50 -5.81 -36.03 -28.55
N THR E 51 -5.86 -35.46 -27.34
CA THR E 51 -7.11 -35.33 -26.62
C THR E 51 -7.91 -34.18 -27.23
N LEU E 52 -9.00 -34.51 -27.91
CA LEU E 52 -9.82 -33.52 -28.58
C LEU E 52 -10.77 -32.90 -27.56
N ILE E 53 -10.67 -31.59 -27.37
CA ILE E 53 -11.45 -30.87 -26.38
C ILE E 53 -12.48 -30.02 -27.11
N HIS E 54 -13.75 -30.27 -26.81
CA HIS E 54 -14.85 -29.49 -27.37
C HIS E 54 -15.16 -28.34 -26.43
N THR E 55 -14.88 -27.12 -26.86
CA THR E 55 -15.16 -25.95 -26.04
C THR E 55 -16.46 -25.30 -26.46
N ASP E 56 -17.00 -24.52 -25.54
CA ASP E 56 -18.28 -23.85 -25.69
C ASP E 56 -18.30 -22.70 -24.68
N MET E 57 -18.97 -21.61 -25.00
CA MET E 57 -18.91 -20.43 -24.16
C MET E 57 -20.27 -19.76 -24.09
N TYR E 58 -20.67 -19.34 -22.89
CA TYR E 58 -21.88 -18.56 -22.69
C TYR E 58 -21.50 -17.25 -22.02
N VAL E 59 -21.56 -16.16 -22.77
CA VAL E 59 -21.15 -14.86 -22.25
C VAL E 59 -22.27 -14.31 -21.37
N ASN E 60 -21.94 -14.01 -20.12
CA ASN E 60 -22.92 -13.39 -19.23
C ASN E 60 -23.05 -11.90 -19.50
N SER E 61 -21.94 -11.16 -19.43
CA SER E 61 -21.94 -9.72 -19.65
C SER E 61 -20.54 -9.29 -20.02
N ILE E 62 -20.45 -8.44 -21.05
CA ILE E 62 -19.20 -7.79 -21.43
C ILE E 62 -19.15 -6.45 -20.72
N GLY E 63 -18.11 -6.24 -19.93
CA GLY E 63 -18.04 -5.08 -19.06
C GLY E 63 -17.62 -3.82 -19.77
N PRO E 64 -17.17 -2.83 -19.00
CA PRO E 64 -16.74 -1.56 -19.60
C PRO E 64 -15.44 -1.73 -20.38
N VAL E 65 -15.45 -1.26 -21.62
CA VAL E 65 -14.27 -1.34 -22.47
C VAL E 65 -13.37 -0.19 -22.03
N ASN E 66 -12.33 -0.52 -21.26
CA ASN E 66 -11.37 0.47 -20.78
C ASN E 66 -10.47 0.88 -21.95
N ALA E 67 -10.74 2.04 -22.53
CA ALA E 67 -10.01 2.46 -23.72
C ALA E 67 -8.61 2.94 -23.37
N ILE E 68 -8.44 3.47 -22.16
CA ILE E 68 -7.14 4.02 -21.75
C ILE E 68 -6.13 2.90 -21.54
N ASN E 69 -6.54 1.83 -20.86
CA ASN E 69 -5.66 0.70 -20.64
C ASN E 69 -5.64 -0.29 -21.81
N MET E 70 -6.47 -0.06 -22.83
CA MET E 70 -6.67 -0.96 -23.97
C MET E 70 -7.04 -2.36 -23.49
N GLU E 71 -8.10 -2.45 -22.68
CA GLU E 71 -8.58 -3.71 -22.17
C GLU E 71 -10.10 -3.65 -22.04
N TYR E 72 -10.70 -4.83 -21.92
CA TYR E 72 -12.14 -4.96 -21.74
C TYR E 72 -12.41 -6.13 -20.82
N THR E 73 -13.57 -6.09 -20.15
CA THR E 73 -13.93 -7.12 -19.18
C THR E 73 -15.07 -7.96 -19.74
N ILE E 74 -14.93 -9.28 -19.61
CA ILE E 74 -15.91 -10.22 -20.13
C ILE E 74 -16.19 -11.28 -19.07
N ASP E 75 -17.46 -11.61 -18.88
CA ASP E 75 -17.89 -12.64 -17.94
C ASP E 75 -18.50 -13.80 -18.72
N ILE E 76 -17.95 -15.00 -18.54
CA ILE E 76 -18.34 -16.16 -19.35
C ILE E 76 -18.68 -17.34 -18.45
N PHE E 77 -19.14 -18.41 -19.09
CA PHE E 77 -19.23 -19.76 -18.54
C PHE E 77 -18.40 -20.63 -19.47
N PHE E 78 -17.12 -20.80 -19.14
CA PHE E 78 -16.21 -21.51 -20.03
C PHE E 78 -16.44 -23.01 -19.95
N ALA E 79 -16.96 -23.61 -21.01
CA ALA E 79 -17.27 -25.03 -21.03
C ALA E 79 -16.20 -25.79 -21.79
N GLN E 80 -15.85 -26.97 -21.28
CA GLN E 80 -14.93 -27.87 -21.94
C GLN E 80 -15.51 -29.27 -21.92
N THR E 81 -15.26 -30.03 -22.99
CA THR E 81 -15.82 -31.38 -23.07
C THR E 81 -14.77 -32.28 -23.73
N TRP E 82 -13.96 -32.93 -22.89
CA TRP E 82 -12.98 -33.91 -23.43
C TRP E 82 -13.52 -35.32 -23.16
N TYR E 83 -12.77 -36.35 -23.56
CA TYR E 83 -13.29 -37.74 -23.39
C TYR E 83 -12.29 -38.56 -22.57
N ASP E 84 -12.25 -38.36 -21.25
CA ASP E 84 -11.38 -39.21 -20.40
C ASP E 84 -12.02 -40.59 -20.31
N ARG E 85 -11.29 -41.64 -20.71
CA ARG E 85 -11.90 -42.99 -20.76
C ARG E 85 -11.84 -43.68 -19.40
N ARG E 86 -10.86 -43.34 -18.55
CA ARG E 86 -10.76 -44.11 -17.28
C ARG E 86 -12.02 -43.79 -16.46
N LEU E 87 -12.68 -42.66 -16.74
CA LEU E 87 -13.92 -42.33 -16.04
C LEU E 87 -15.09 -43.03 -16.73
N LYS E 88 -15.07 -44.36 -16.65
CA LYS E 88 -16.08 -45.22 -17.25
C LYS E 88 -16.75 -46.03 -16.16
N PHE E 89 -18.07 -45.93 -16.07
CA PHE E 89 -18.85 -46.64 -15.05
C PHE E 89 -20.08 -47.25 -15.69
N ASN E 90 -20.41 -48.48 -15.29
CA ASN E 90 -21.58 -49.20 -15.76
C ASN E 90 -22.50 -49.42 -14.57
N SER E 91 -23.63 -48.73 -14.55
CA SER E 91 -24.61 -48.86 -13.48
C SER E 91 -25.96 -48.38 -13.98
N THR E 92 -26.94 -48.34 -13.08
CA THR E 92 -28.25 -47.80 -13.41
C THR E 92 -28.19 -46.30 -13.58
N ILE E 93 -27.35 -45.63 -12.78
CA ILE E 93 -27.23 -44.18 -12.87
C ILE E 93 -26.45 -43.83 -14.13
N LYS E 94 -27.04 -42.98 -14.97
CA LYS E 94 -26.45 -42.63 -16.25
C LYS E 94 -25.44 -41.50 -16.17
N VAL E 95 -25.80 -40.37 -15.55
CA VAL E 95 -24.97 -39.19 -15.54
C VAL E 95 -24.64 -38.89 -14.07
N LEU E 96 -23.48 -38.28 -13.84
CA LEU E 96 -22.88 -38.12 -12.52
C LEU E 96 -22.66 -36.63 -12.24
N ARG E 97 -23.79 -35.94 -12.05
CA ARG E 97 -23.75 -34.50 -11.75
C ARG E 97 -22.99 -34.34 -10.44
N LEU E 98 -21.94 -33.53 -10.47
CA LEU E 98 -21.13 -33.41 -9.26
C LEU E 98 -20.75 -31.96 -9.01
N ASN E 99 -20.10 -31.73 -7.88
CA ASN E 99 -19.71 -30.40 -7.44
C ASN E 99 -18.22 -30.19 -7.71
N SER E 100 -17.70 -29.08 -7.18
CA SER E 100 -16.32 -28.68 -7.42
C SER E 100 -15.31 -29.43 -6.55
N ASN E 101 -15.77 -30.32 -5.68
CA ASN E 101 -14.86 -31.15 -4.89
C ASN E 101 -14.08 -32.11 -5.77
N MET E 102 -14.75 -32.72 -6.75
CA MET E 102 -14.16 -33.72 -7.62
C MET E 102 -13.20 -33.13 -8.64
N VAL E 103 -13.26 -31.80 -8.86
CA VAL E 103 -12.50 -31.13 -9.92
C VAL E 103 -11.00 -31.27 -9.72
N GLY E 104 -10.53 -31.09 -8.48
CA GLY E 104 -9.12 -31.22 -8.21
C GLY E 104 -8.61 -32.64 -8.17
N LYS E 105 -9.51 -33.62 -8.16
CA LYS E 105 -9.13 -35.03 -8.13
C LYS E 105 -8.90 -35.63 -9.52
N ILE E 106 -9.43 -35.02 -10.57
CA ILE E 106 -9.31 -35.60 -11.91
C ILE E 106 -8.44 -34.71 -12.78
N TRP E 107 -8.14 -35.19 -14.00
CA TRP E 107 -7.33 -34.42 -14.93
C TRP E 107 -8.17 -33.33 -15.58
N ILE E 108 -7.82 -32.08 -15.30
CA ILE E 108 -8.48 -30.94 -15.92
C ILE E 108 -7.46 -30.34 -16.89
N PRO E 109 -7.85 -30.02 -18.12
CA PRO E 109 -6.91 -29.38 -19.04
C PRO E 109 -6.52 -27.99 -18.58
N ASP E 110 -5.32 -27.58 -18.98
CA ASP E 110 -4.66 -26.37 -18.48
C ASP E 110 -4.90 -25.18 -19.39
N THR E 111 -6.13 -25.06 -19.90
CA THR E 111 -6.52 -23.94 -20.74
C THR E 111 -6.33 -22.61 -20.02
N PHE E 112 -5.66 -21.69 -20.70
CA PHE E 112 -5.43 -20.35 -20.20
C PHE E 112 -5.74 -19.38 -21.31
N PHE E 113 -5.96 -18.12 -20.95
CA PHE E 113 -6.34 -17.10 -21.92
C PHE E 113 -5.10 -16.30 -22.29
N ARG E 114 -4.75 -16.31 -23.58
CA ARG E 114 -3.44 -15.85 -24.00
C ARG E 114 -3.29 -14.35 -23.93
N ASN E 115 -4.42 -13.64 -24.04
CA ASN E 115 -4.39 -12.14 -24.03
C ASN E 115 -5.06 -11.63 -22.76
N SER E 116 -5.30 -12.51 -21.79
CA SER E 116 -5.95 -12.10 -20.52
C SER E 116 -4.93 -11.37 -19.63
N LYS E 117 -5.07 -10.05 -19.49
CA LYS E 117 -4.17 -9.29 -18.59
C LYS E 117 -4.33 -9.84 -17.17
N LYS E 118 -5.57 -10.16 -16.77
CA LYS E 118 -5.84 -10.76 -15.44
C LYS E 118 -7.20 -11.45 -15.48
N ALA E 119 -7.41 -12.45 -14.62
CA ALA E 119 -8.69 -13.20 -14.59
C ALA E 119 -8.90 -13.82 -13.20
N ASP E 120 -10.15 -14.03 -12.80
CA ASP E 120 -10.45 -14.61 -11.50
C ASP E 120 -11.70 -15.47 -11.60
N ALA E 121 -11.59 -16.74 -11.21
CA ALA E 121 -12.77 -17.54 -10.98
C ALA E 121 -13.42 -17.13 -9.67
N HIS E 122 -14.71 -17.40 -9.54
CA HIS E 122 -15.49 -16.93 -8.41
C HIS E 122 -15.66 -18.04 -7.39
N TRP E 123 -15.62 -17.67 -6.11
CA TRP E 123 -15.46 -18.66 -5.05
C TRP E 123 -16.57 -18.62 -4.00
N ILE E 124 -17.43 -17.61 -4.05
CA ILE E 124 -18.45 -17.44 -3.02
C ILE E 124 -19.77 -18.00 -3.52
N THR E 125 -20.38 -18.91 -2.76
CA THR E 125 -19.97 -19.42 -1.46
C THR E 125 -19.15 -20.70 -1.58
N THR E 126 -19.09 -21.22 -2.80
CA THR E 126 -18.40 -22.43 -3.22
C THR E 126 -17.64 -22.10 -4.50
N PRO E 127 -16.52 -22.80 -4.81
CA PRO E 127 -15.92 -22.65 -6.14
C PRO E 127 -16.88 -22.94 -7.27
N ASN E 128 -17.13 -21.93 -8.10
CA ASN E 128 -18.15 -21.98 -9.15
C ASN E 128 -17.66 -22.85 -10.30
N ARG E 129 -17.72 -24.16 -10.09
CA ARG E 129 -17.32 -25.13 -11.10
C ARG E 129 -18.37 -26.22 -11.17
N MET E 130 -18.44 -26.86 -12.33
CA MET E 130 -19.38 -27.94 -12.58
C MET E 130 -18.61 -29.11 -13.18
N LEU E 131 -19.03 -30.32 -12.87
CA LEU E 131 -18.35 -31.49 -13.39
C LEU E 131 -19.35 -32.63 -13.54
N ARG E 132 -19.67 -32.98 -14.78
CA ARG E 132 -20.60 -34.05 -15.08
C ARG E 132 -19.87 -35.12 -15.85
N ILE E 133 -20.00 -36.38 -15.42
CA ILE E 133 -19.30 -37.50 -16.02
C ILE E 133 -20.34 -38.47 -16.56
N TRP E 134 -20.41 -38.60 -17.88
CA TRP E 134 -21.31 -39.56 -18.49
C TRP E 134 -20.71 -40.96 -18.40
N ASN E 135 -21.54 -41.96 -18.68
CA ASN E 135 -21.12 -43.34 -18.51
C ASN E 135 -20.16 -43.81 -19.60
N ASP E 136 -20.19 -43.18 -20.77
CA ASP E 136 -19.20 -43.53 -21.80
C ASP E 136 -17.84 -42.93 -21.52
N GLY E 137 -17.80 -41.75 -20.90
CA GLY E 137 -16.55 -41.10 -20.55
C GLY E 137 -16.50 -39.61 -20.82
N ARG E 138 -17.58 -38.97 -21.26
CA ARG E 138 -17.56 -37.54 -21.48
C ARG E 138 -17.45 -36.79 -20.16
N VAL E 139 -16.56 -35.81 -20.12
CA VAL E 139 -16.39 -35.01 -18.91
C VAL E 139 -16.68 -33.55 -19.22
N LEU E 140 -17.92 -33.13 -19.07
CA LEU E 140 -18.26 -31.72 -19.15
C LEU E 140 -17.71 -31.00 -17.93
N TYR E 141 -17.18 -29.80 -18.15
CA TYR E 141 -16.58 -29.04 -17.05
C TYR E 141 -16.72 -27.56 -17.37
N THR E 142 -17.60 -26.89 -16.66
CA THR E 142 -17.83 -25.46 -16.86
C THR E 142 -17.42 -24.70 -15.61
N LEU E 143 -17.03 -23.44 -15.80
CA LEU E 143 -16.65 -22.59 -14.69
C LEU E 143 -16.93 -21.13 -15.05
N ARG E 144 -17.15 -20.31 -14.03
CA ARG E 144 -17.48 -18.91 -14.18
C ARG E 144 -16.22 -18.07 -14.06
N LEU E 145 -15.95 -17.25 -15.07
CA LEU E 145 -14.71 -16.49 -15.13
C LEU E 145 -15.02 -15.04 -15.43
N THR E 146 -14.16 -14.16 -14.94
CA THR E 146 -14.22 -12.73 -15.24
C THR E 146 -12.85 -12.34 -15.76
N ILE E 147 -12.75 -12.03 -17.04
CA ILE E 147 -11.48 -11.90 -17.74
C ILE E 147 -11.30 -10.46 -18.19
N ASP E 148 -10.20 -9.85 -17.75
CA ASP E 148 -9.81 -8.52 -18.23
C ASP E 148 -8.86 -8.68 -19.42
N ALA E 149 -9.44 -9.16 -20.52
CA ALA E 149 -8.65 -9.49 -21.70
C ALA E 149 -8.14 -8.22 -22.39
N GLU E 150 -6.96 -8.34 -22.98
CA GLU E 150 -6.28 -7.21 -23.60
C GLU E 150 -6.77 -7.06 -25.03
N CYS E 151 -7.27 -5.89 -25.37
CA CYS E 151 -7.78 -5.58 -26.70
C CYS E 151 -6.95 -4.45 -27.29
N GLN E 152 -6.38 -4.70 -28.47
CA GLN E 152 -5.74 -3.63 -29.22
C GLN E 152 -6.78 -2.66 -29.76
N LEU E 153 -6.54 -1.37 -29.57
CA LEU E 153 -7.49 -0.33 -29.97
C LEU E 153 -6.73 0.71 -30.78
N GLN E 154 -7.04 0.80 -32.07
CA GLN E 154 -6.46 1.85 -32.89
C GLN E 154 -7.20 3.16 -32.64
N LEU E 155 -6.44 4.24 -32.46
CA LEU E 155 -7.00 5.54 -32.14
C LEU E 155 -7.25 6.38 -33.38
N HIS E 156 -6.97 5.85 -34.57
CA HIS E 156 -7.34 6.52 -35.80
C HIS E 156 -8.85 6.53 -35.97
N ASN E 157 -9.35 7.54 -36.68
CA ASN E 157 -10.78 7.83 -36.88
C ASN E 157 -11.54 7.96 -35.57
N PHE E 158 -10.92 8.56 -34.55
CA PHE E 158 -11.59 8.76 -33.28
C PHE E 158 -12.60 9.90 -33.40
N PRO E 159 -13.81 9.75 -32.84
CA PRO E 159 -14.34 8.60 -32.09
C PRO E 159 -15.17 7.63 -32.93
N MET E 160 -15.29 7.86 -34.24
CA MET E 160 -16.15 7.01 -35.08
C MET E 160 -15.30 5.87 -35.67
N ASP E 161 -14.96 4.91 -34.80
CA ASP E 161 -14.17 3.76 -35.20
C ASP E 161 -14.83 2.49 -34.72
N GLU E 162 -14.71 1.44 -35.53
CA GLU E 162 -15.15 0.12 -35.15
C GLU E 162 -13.96 -0.71 -34.68
N HIS E 163 -14.26 -1.74 -33.89
CA HIS E 163 -13.21 -2.56 -33.29
C HIS E 163 -13.62 -4.02 -33.35
N SER E 164 -12.63 -4.89 -33.14
CA SER E 164 -12.85 -6.33 -32.98
C SER E 164 -11.95 -6.79 -31.85
N CYS E 165 -12.48 -6.80 -30.64
CA CYS E 165 -11.71 -7.23 -29.49
C CYS E 165 -11.65 -8.75 -29.43
N PRO E 166 -10.46 -9.35 -29.35
CA PRO E 166 -10.36 -10.81 -29.35
C PRO E 166 -10.43 -11.42 -27.97
N LEU E 167 -10.56 -12.74 -27.92
CA LEU E 167 -10.41 -13.50 -26.68
C LEU E 167 -9.79 -14.84 -27.08
N GLU E 168 -8.47 -14.91 -27.00
CA GLU E 168 -7.74 -16.09 -27.40
C GLU E 168 -7.50 -16.99 -26.20
N PHE E 169 -7.54 -18.30 -26.43
CA PHE E 169 -7.26 -19.25 -25.36
C PHE E 169 -6.72 -20.54 -25.95
N SER E 170 -5.79 -21.14 -25.23
CA SER E 170 -5.15 -22.38 -25.67
C SER E 170 -4.58 -23.07 -24.45
N SER E 171 -3.95 -24.22 -24.67
CA SER E 171 -3.27 -24.91 -23.59
C SER E 171 -1.96 -24.22 -23.28
N TYR E 172 -1.41 -24.48 -22.09
CA TYR E 172 -0.13 -23.89 -21.75
C TYR E 172 1.02 -24.85 -22.04
N GLY E 173 0.91 -26.10 -21.59
CA GLY E 173 2.00 -27.04 -21.71
C GLY E 173 1.81 -28.11 -22.76
N TYR E 174 0.56 -28.50 -23.01
CA TYR E 174 0.28 -29.58 -23.95
C TYR E 174 0.25 -29.05 -25.38
N PRO E 175 1.09 -29.54 -26.27
CA PRO E 175 1.16 -29.01 -27.63
C PRO E 175 0.06 -29.57 -28.53
N ARG E 176 0.15 -29.21 -29.81
CA ARG E 176 -0.84 -29.64 -30.81
C ARG E 176 -0.82 -31.14 -31.02
N GLU E 177 0.33 -31.79 -30.80
CA GLU E 177 0.39 -33.23 -30.88
C GLU E 177 -0.23 -33.93 -29.67
N GLU E 178 -0.61 -33.18 -28.63
CA GLU E 178 -1.05 -33.80 -27.39
C GLU E 178 -2.48 -33.48 -26.99
N ILE E 179 -2.92 -32.22 -27.02
CA ILE E 179 -4.35 -31.92 -26.94
C ILE E 179 -4.71 -30.93 -28.05
N VAL E 180 -5.90 -31.11 -28.63
CA VAL E 180 -6.40 -30.30 -29.72
C VAL E 180 -7.74 -29.70 -29.29
N TYR E 181 -7.92 -28.39 -29.50
CA TYR E 181 -9.18 -27.73 -29.12
C TYR E 181 -10.16 -27.71 -30.30
N GLN E 182 -11.46 -27.53 -30.03
CA GLN E 182 -12.48 -27.51 -31.11
C GLN E 182 -13.67 -26.62 -30.70
N TRP E 183 -14.34 -25.99 -31.68
CA TRP E 183 -15.53 -25.14 -31.39
C TRP E 183 -16.82 -25.93 -31.68
N LYS E 184 -17.90 -25.66 -30.94
CA LYS E 184 -19.20 -26.30 -31.26
C LYS E 184 -19.94 -25.30 -32.19
N ARG E 185 -20.73 -25.75 -33.16
CA ARG E 185 -21.30 -24.83 -34.19
C ARG E 185 -21.88 -23.58 -33.51
N SER E 186 -22.65 -23.77 -32.43
CA SER E 186 -23.23 -22.62 -31.70
C SER E 186 -22.52 -22.46 -30.35
N SER E 187 -21.20 -22.60 -30.34
CA SER E 187 -20.44 -22.53 -29.06
C SER E 187 -20.57 -21.15 -28.41
N VAL E 188 -20.26 -20.09 -29.16
CA VAL E 188 -20.30 -18.71 -28.59
C VAL E 188 -21.76 -18.33 -28.34
N GLU E 189 -22.16 -18.20 -27.07
CA GLU E 189 -23.57 -17.89 -26.74
C GLU E 189 -23.66 -16.52 -26.07
N VAL E 190 -24.60 -15.67 -26.49
CA VAL E 190 -24.74 -14.30 -25.93
C VAL E 190 -26.10 -14.17 -25.25
N GLY E 191 -26.17 -13.42 -24.15
CA GLY E 191 -27.41 -13.25 -23.40
C GLY E 191 -28.31 -12.11 -23.83
N ASP E 192 -28.78 -11.33 -22.85
CA ASP E 192 -29.88 -10.40 -23.05
C ASP E 192 -29.49 -9.19 -23.90
N THR E 193 -28.21 -8.82 -23.91
CA THR E 193 -27.65 -7.65 -24.58
C THR E 193 -28.28 -6.32 -24.18
N ARG E 194 -28.86 -6.23 -22.98
CA ARG E 194 -29.46 -4.99 -22.51
C ARG E 194 -28.99 -4.56 -21.13
N SER E 195 -28.62 -5.49 -20.26
CA SER E 195 -28.05 -5.15 -18.95
C SER E 195 -26.53 -5.09 -18.98
N TRP E 196 -25.93 -5.22 -20.17
CA TRP E 196 -24.48 -5.14 -20.31
C TRP E 196 -24.00 -3.72 -20.04
N ARG E 197 -22.75 -3.62 -19.61
CA ARG E 197 -22.15 -2.33 -19.25
C ARG E 197 -21.49 -1.65 -20.45
N LEU E 198 -21.85 -2.03 -21.67
CA LEU E 198 -21.30 -1.38 -22.84
C LEU E 198 -21.93 -0.01 -23.03
N TYR E 199 -21.36 1.01 -22.40
CA TYR E 199 -21.91 2.36 -22.48
C TYR E 199 -21.53 3.05 -23.78
N GLN E 200 -20.23 3.12 -24.08
CA GLN E 200 -19.81 3.75 -25.32
C GLN E 200 -20.11 2.87 -26.53
N PHE E 201 -19.81 1.59 -26.44
CA PHE E 201 -19.85 0.67 -27.56
C PHE E 201 -21.17 -0.09 -27.59
N SER E 202 -21.43 -0.72 -28.74
CA SER E 202 -22.59 -1.56 -28.95
C SER E 202 -22.12 -2.87 -29.58
N PHE E 203 -22.66 -3.97 -29.11
CA PHE E 203 -22.25 -5.29 -29.61
C PHE E 203 -22.88 -5.52 -30.97
N VAL E 204 -22.07 -5.45 -32.03
CA VAL E 204 -22.58 -5.63 -33.38
C VAL E 204 -22.69 -7.11 -33.72
N GLY E 205 -21.59 -7.84 -33.57
CA GLY E 205 -21.62 -9.26 -33.92
C GLY E 205 -20.39 -9.96 -33.38
N LEU E 206 -20.33 -11.27 -33.68
CA LEU E 206 -19.27 -12.13 -33.19
C LEU E 206 -18.82 -13.06 -34.30
N ARG E 207 -17.65 -13.69 -34.10
CA ARG E 207 -17.07 -14.64 -35.08
C ARG E 207 -16.03 -15.50 -34.36
N ASN E 208 -15.74 -16.71 -34.88
CA ASN E 208 -14.76 -17.63 -34.23
C ASN E 208 -13.71 -18.07 -35.25
N THR E 209 -12.45 -18.21 -34.84
CA THR E 209 -11.36 -18.63 -35.74
C THR E 209 -10.43 -19.60 -35.00
N THR E 210 -9.93 -20.63 -35.68
CA THR E 210 -9.06 -21.63 -35.02
C THR E 210 -7.77 -21.80 -35.81
N GLU E 211 -6.61 -21.45 -35.23
CA GLU E 211 -5.35 -21.49 -35.96
C GLU E 211 -4.33 -22.25 -35.16
N VAL E 212 -3.10 -22.28 -35.68
CA VAL E 212 -1.96 -22.90 -35.02
C VAL E 212 -0.92 -21.83 -34.78
N VAL E 213 -0.42 -21.72 -33.55
CA VAL E 213 0.61 -20.76 -33.19
C VAL E 213 1.93 -21.54 -33.12
N LYS E 214 3.03 -20.87 -33.41
CA LYS E 214 4.36 -21.45 -33.29
C LYS E 214 5.16 -20.69 -32.23
N THR E 215 5.45 -21.37 -31.13
CA THR E 215 6.20 -20.79 -30.02
C THR E 215 7.49 -21.56 -29.82
N THR E 216 8.20 -21.25 -28.74
CA THR E 216 9.50 -21.87 -28.50
C THR E 216 9.40 -23.30 -27.98
N SER E 217 8.22 -23.72 -27.54
CA SER E 217 8.04 -25.09 -27.06
C SER E 217 7.33 -25.99 -28.07
N GLY E 218 6.72 -25.43 -29.10
CA GLY E 218 6.10 -26.25 -30.12
C GLY E 218 4.88 -25.56 -30.70
N ASP E 219 4.07 -26.38 -31.38
CA ASP E 219 2.82 -25.91 -31.97
C ASP E 219 1.67 -26.07 -30.98
N TYR E 220 0.81 -25.06 -30.93
CA TYR E 220 -0.38 -25.07 -30.08
C TYR E 220 -1.56 -24.62 -30.92
N VAL E 221 -2.74 -25.15 -30.62
CA VAL E 221 -3.96 -24.75 -31.31
C VAL E 221 -4.58 -23.60 -30.52
N VAL E 222 -4.75 -22.46 -31.17
CA VAL E 222 -5.31 -21.27 -30.54
C VAL E 222 -6.73 -21.07 -31.05
N MET E 223 -7.67 -20.94 -30.12
CA MET E 223 -9.06 -20.64 -30.44
C MET E 223 -9.30 -19.17 -30.11
N SER E 224 -9.81 -18.43 -31.08
CA SER E 224 -10.03 -16.99 -30.91
C SER E 224 -11.50 -16.68 -31.05
N VAL E 225 -12.01 -15.81 -30.18
CA VAL E 225 -13.36 -15.28 -30.28
C VAL E 225 -13.25 -13.78 -30.45
N TYR E 226 -13.74 -13.27 -31.57
CA TYR E 226 -13.68 -11.84 -31.86
C TYR E 226 -15.05 -11.23 -31.59
N PHE E 227 -15.06 -10.13 -30.87
CA PHE E 227 -16.27 -9.39 -30.54
C PHE E 227 -16.23 -8.05 -31.27
N ASP E 228 -17.14 -7.88 -32.22
CA ASP E 228 -17.16 -6.66 -33.03
C ASP E 228 -17.94 -5.59 -32.30
N LEU E 229 -17.29 -4.45 -32.03
CA LEU E 229 -17.89 -3.36 -31.29
C LEU E 229 -17.80 -2.08 -32.12
N SER E 230 -18.87 -1.30 -32.10
CA SER E 230 -18.92 0.01 -32.76
C SER E 230 -19.31 1.06 -31.75
N ARG E 231 -18.55 2.15 -31.72
CA ARG E 231 -18.84 3.22 -30.77
C ARG E 231 -20.09 3.99 -31.19
N ARG E 232 -20.80 4.52 -30.20
CA ARG E 232 -22.02 5.28 -30.46
C ARG E 232 -21.79 6.78 -30.31
N ASN F 1 38.80 6.94 15.39
CA ASN F 1 37.42 6.50 15.38
C ASN F 1 36.57 7.33 16.34
N ILE F 2 36.22 6.76 17.48
CA ILE F 2 35.43 7.42 18.50
C ILE F 2 36.38 7.82 19.62
N VAL F 3 36.37 9.11 19.97
CA VAL F 3 37.26 9.62 20.99
C VAL F 3 36.48 9.80 22.29
N MET F 4 37.00 9.22 23.37
CA MET F 4 36.38 9.30 24.68
C MET F 4 37.20 10.24 25.56
N THR F 5 36.51 11.20 26.18
CA THR F 5 37.13 12.25 26.99
C THR F 5 36.55 12.26 28.39
N GLN F 6 36.58 11.10 29.05
CA GLN F 6 36.02 10.96 30.40
C GLN F 6 36.81 11.80 31.40
N SER F 7 36.08 12.51 32.24
CA SER F 7 36.63 13.47 33.19
C SER F 7 36.07 13.18 34.56
N PRO F 8 36.85 13.43 35.63
CA PRO F 8 38.24 13.93 35.69
C PRO F 8 39.28 12.82 35.72
N LYS F 9 40.56 13.18 35.68
CA LYS F 9 41.61 12.18 35.71
C LYS F 9 41.77 11.56 37.10
N SER F 10 41.56 12.34 38.15
CA SER F 10 41.66 11.84 39.51
C SER F 10 40.82 12.73 40.41
N MET F 11 40.07 12.10 41.32
CA MET F 11 39.23 12.84 42.24
C MET F 11 39.02 12.00 43.49
N SER F 12 38.98 12.67 44.64
CA SER F 12 39.04 12.00 45.93
C SER F 12 37.93 12.49 46.85
N MET F 13 37.25 11.55 47.50
CA MET F 13 36.37 11.82 48.62
C MET F 13 36.55 10.73 49.67
N SER F 14 35.78 10.85 50.75
CA SER F 14 35.90 9.93 51.88
C SER F 14 35.02 8.70 51.64
N VAL F 15 34.87 7.88 52.68
CA VAL F 15 34.13 6.62 52.58
C VAL F 15 32.68 6.88 52.94
N GLY F 16 31.77 6.56 52.02
CA GLY F 16 30.37 6.55 52.33
C GLY F 16 29.56 7.72 51.82
N GLU F 17 29.88 8.20 50.62
CA GLU F 17 29.06 9.25 50.00
C GLU F 17 29.04 9.05 48.50
N ARG F 18 28.17 9.83 47.85
CA ARG F 18 27.91 9.67 46.42
C ARG F 18 29.07 10.19 45.58
N VAL F 19 29.40 9.45 44.53
CA VAL F 19 30.40 9.85 43.56
C VAL F 19 29.80 9.67 42.15
N THR F 20 30.06 10.64 41.29
CA THR F 20 29.53 10.64 39.93
C THR F 20 30.67 10.70 38.94
N LEU F 21 30.77 9.68 38.08
CA LEU F 21 31.70 9.66 36.97
C LEU F 21 31.05 10.30 35.76
N SER F 22 31.86 10.54 34.73
CA SER F 22 31.34 11.09 33.49
C SER F 22 32.20 10.57 32.34
N CYS F 23 31.59 10.42 31.17
CA CYS F 23 32.30 10.01 29.96
C CYS F 23 31.62 10.66 28.77
N LYS F 24 32.41 11.26 27.89
CA LYS F 24 31.89 12.01 26.75
C LYS F 24 32.36 11.36 25.46
N ALA F 25 31.44 11.16 24.52
CA ALA F 25 31.73 10.54 23.25
C ALA F 25 31.91 11.60 22.17
N SER F 26 32.90 11.40 21.30
CA SER F 26 33.14 12.35 20.22
C SER F 26 32.05 12.29 19.17
N GLU F 27 31.57 11.10 18.86
CA GLU F 27 30.50 10.90 17.90
C GLU F 27 29.34 10.15 18.57
N TYR F 28 28.37 9.76 17.78
CA TYR F 28 27.24 9.00 18.30
C TYR F 28 27.69 7.59 18.65
N VAL F 29 27.56 7.23 19.92
CA VAL F 29 27.51 5.83 20.33
C VAL F 29 26.19 5.62 21.06
N GLY F 30 25.33 4.75 20.54
CA GLY F 30 24.01 4.68 21.09
C GLY F 30 23.81 3.58 22.11
N THR F 31 23.96 3.92 23.40
CA THR F 31 23.79 3.00 24.53
C THR F 31 24.63 1.73 24.38
N TYR F 32 25.87 1.90 23.95
CA TYR F 32 26.78 0.76 23.73
C TYR F 32 28.07 0.91 24.52
N VAL F 33 28.08 1.80 25.52
CA VAL F 33 29.28 2.02 26.30
C VAL F 33 29.48 0.88 27.29
N SER F 34 30.65 0.84 27.92
CA SER F 34 30.91 -0.17 28.92
C SER F 34 31.84 0.41 29.96
N TRP F 35 31.54 0.15 31.22
CA TRP F 35 32.33 0.64 32.34
C TRP F 35 33.10 -0.52 32.95
N TYR F 36 34.40 -0.35 33.11
CA TYR F 36 35.27 -1.35 33.68
C TYR F 36 36.01 -0.77 34.87
N GLN F 37 36.30 -1.60 35.85
CA GLN F 37 37.11 -1.19 36.99
C GLN F 37 38.46 -1.89 36.93
N GLN F 38 39.49 -1.18 37.35
CA GLN F 38 40.87 -1.66 37.28
C GLN F 38 41.41 -1.74 38.72
N LYS F 39 41.26 -2.91 39.32
CA LYS F 39 41.92 -3.17 40.58
C LYS F 39 43.42 -3.33 40.33
N PRO F 40 44.28 -2.94 41.27
CA PRO F 40 45.71 -3.21 41.12
C PRO F 40 46.01 -4.70 41.07
N GLU F 41 47.08 -5.03 40.31
CA GLU F 41 47.49 -6.35 39.83
C GLU F 41 46.30 -7.20 39.36
N GLN F 42 45.38 -6.59 38.61
CA GLN F 42 44.17 -7.28 38.19
C GLN F 42 43.73 -6.74 36.83
N SER F 43 43.19 -7.66 36.01
CA SER F 43 42.60 -7.31 34.73
C SER F 43 41.30 -6.53 34.94
N PRO F 44 40.84 -5.78 33.93
CA PRO F 44 39.54 -5.12 34.04
C PRO F 44 38.39 -6.12 34.14
N LYS F 45 37.37 -5.72 34.90
CA LYS F 45 36.15 -6.50 35.08
C LYS F 45 34.99 -5.68 34.55
N LEU F 46 34.06 -6.33 33.86
CA LEU F 46 32.87 -5.65 33.38
C LEU F 46 31.96 -5.28 34.55
N LEU F 47 31.52 -4.03 34.55
CA LEU F 47 30.62 -3.53 35.58
C LEU F 47 29.25 -3.20 35.01
N ILE F 48 29.18 -2.35 33.99
CA ILE F 48 27.93 -1.93 33.37
C ILE F 48 28.08 -2.07 31.85
N TYR F 49 27.16 -2.81 31.24
CA TYR F 49 27.11 -2.93 29.79
C TYR F 49 25.92 -2.17 29.25
N GLY F 50 25.86 -2.04 27.93
CA GLY F 50 24.79 -1.28 27.31
C GLY F 50 24.98 0.20 27.57
N ALA F 51 24.02 0.78 28.28
CA ALA F 51 24.21 2.07 28.93
C ALA F 51 23.99 1.98 30.43
N SER F 52 22.88 1.35 30.83
CA SER F 52 22.55 1.13 32.24
C SER F 52 22.07 -0.31 32.35
N ASN F 53 23.01 -1.23 32.58
CA ASN F 53 22.67 -2.64 32.79
C ASN F 53 23.65 -3.20 33.80
N ARG F 54 23.13 -3.60 34.95
CA ARG F 54 23.97 -4.17 35.99
C ARG F 54 24.36 -5.58 35.62
N TYR F 55 25.65 -5.84 35.54
CA TYR F 55 26.15 -7.18 35.25
C TYR F 55 25.97 -8.07 36.47
N THR F 56 26.00 -9.39 36.25
CA THR F 56 25.92 -10.35 37.33
C THR F 56 27.16 -10.27 38.21
N GLY F 57 26.94 -10.26 39.53
CA GLY F 57 28.01 -10.06 40.48
C GLY F 57 28.33 -8.62 40.80
N VAL F 58 27.60 -7.68 40.23
CA VAL F 58 27.81 -6.25 40.48
C VAL F 58 26.85 -5.82 41.58
N PRO F 59 27.31 -5.11 42.62
CA PRO F 59 26.40 -4.62 43.65
C PRO F 59 25.48 -3.52 43.12
N ASP F 60 24.43 -3.24 43.92
CA ASP F 60 23.37 -2.35 43.48
C ASP F 60 23.81 -0.89 43.48
N ARG F 61 24.89 -0.57 44.19
CA ARG F 61 25.37 0.81 44.27
C ARG F 61 25.92 1.29 42.94
N PHE F 62 26.40 0.39 42.09
CA PHE F 62 26.94 0.77 40.80
C PHE F 62 25.79 1.02 39.83
N THR F 63 25.54 2.27 39.49
CA THR F 63 24.46 2.65 38.59
C THR F 63 24.97 3.61 37.55
N GLY F 64 24.74 3.28 36.28
CA GLY F 64 25.15 4.14 35.19
C GLY F 64 23.95 4.80 34.55
N SER F 65 24.20 5.88 33.82
CA SER F 65 23.17 6.59 33.07
C SER F 65 23.65 6.76 31.64
N GLY F 66 22.69 6.76 30.70
CA GLY F 66 23.04 6.70 29.29
C GLY F 66 22.23 7.69 28.46
N SER F 67 22.79 8.00 27.30
CA SER F 67 22.19 8.88 26.31
C SER F 67 22.84 8.58 24.96
N ALA F 68 22.67 9.49 24.00
CA ALA F 68 23.33 9.34 22.71
C ALA F 68 24.81 9.73 22.80
N THR F 69 25.14 10.72 23.62
CA THR F 69 26.52 11.18 23.64
C THR F 69 27.16 11.17 25.01
N ASP F 70 26.46 11.61 26.04
CA ASP F 70 27.05 11.77 27.37
C ASP F 70 26.59 10.67 28.30
N PHE F 71 27.51 10.15 29.10
CA PHE F 71 27.28 9.02 29.97
C PHE F 71 27.88 9.28 31.33
N THR F 72 27.15 8.93 32.38
CA THR F 72 27.60 9.14 33.75
C THR F 72 27.47 7.84 34.53
N LEU F 73 28.42 7.61 35.43
CA LEU F 73 28.38 6.45 36.32
C LEU F 73 28.32 6.97 37.75
N THR F 74 27.33 6.50 38.51
CA THR F 74 27.08 6.95 39.87
C THR F 74 27.21 5.79 40.84
N ILE F 75 27.98 5.99 41.91
CA ILE F 75 28.10 5.03 42.99
C ILE F 75 27.59 5.70 44.26
N GLY F 76 26.62 5.08 44.92
CA GLY F 76 26.12 5.58 46.18
C GLY F 76 26.84 4.90 47.34
N SER F 77 27.41 5.73 48.23
CA SER F 77 28.12 5.29 49.45
C SER F 77 29.27 4.35 49.12
N VAL F 78 30.30 4.92 48.48
CA VAL F 78 31.50 4.16 48.14
C VAL F 78 32.26 3.76 49.41
N GLN F 79 33.03 2.68 49.32
CA GLN F 79 33.80 2.20 50.46
C GLN F 79 35.19 1.76 49.97
N ALA F 80 35.90 1.02 50.83
CA ALA F 80 37.32 0.78 50.64
C ALA F 80 37.60 -0.20 49.51
N GLU F 81 36.72 -1.20 49.31
CA GLU F 81 37.00 -2.19 48.29
C GLU F 81 36.71 -1.68 46.88
N ASP F 82 36.08 -0.53 46.73
CA ASP F 82 35.85 0.08 45.42
C ASP F 82 36.93 1.08 45.06
N LEU F 83 38.05 1.08 45.78
CA LEU F 83 39.15 2.02 45.56
C LEU F 83 39.98 1.50 44.39
N ALA F 84 39.57 1.85 43.16
CA ALA F 84 40.21 1.32 41.97
C ALA F 84 39.99 2.32 40.84
N ASP F 85 40.77 2.14 39.77
CA ASP F 85 40.60 2.93 38.56
C ASP F 85 39.30 2.53 37.86
N TYR F 86 38.77 3.44 37.06
CA TYR F 86 37.54 3.18 36.32
C TYR F 86 37.72 3.62 34.88
N HIS F 87 37.32 2.74 33.95
CA HIS F 87 37.50 2.98 32.53
C HIS F 87 36.16 2.99 31.82
N CYS F 88 36.09 3.80 30.76
CA CYS F 88 34.90 3.94 29.94
C CYS F 88 35.19 3.46 28.53
N GLY F 89 34.38 2.54 28.03
CA GLY F 89 34.59 1.99 26.71
C GLY F 89 33.41 2.23 25.78
N GLN F 90 33.48 1.71 24.56
CA GLN F 90 32.36 1.78 23.63
C GLN F 90 32.46 0.65 22.64
N SER F 91 31.33 0.33 22.01
CA SER F 91 31.30 -0.74 21.03
C SER F 91 30.40 -0.45 19.84
N TYR F 92 29.94 0.78 19.65
CA TYR F 92 29.12 1.10 18.49
C TYR F 92 29.95 1.06 17.21
N SER F 93 31.25 1.28 17.34
CA SER F 93 32.20 1.16 16.24
C SER F 93 33.24 0.17 16.73
N TYR F 94 34.39 0.15 16.08
CA TYR F 94 35.54 -0.56 16.62
C TYR F 94 35.89 0.03 17.99
N PRO F 95 36.17 -0.81 18.98
CA PRO F 95 36.18 -0.35 20.38
C PRO F 95 37.35 0.56 20.70
N THR F 96 37.05 1.64 21.40
CA THR F 96 38.05 2.58 21.91
C THR F 96 37.86 2.71 23.42
N PHE F 97 38.59 3.64 24.01
CA PHE F 97 38.60 3.79 25.47
C PHE F 97 38.88 5.24 25.82
N GLY F 98 38.64 5.56 27.09
CA GLY F 98 38.96 6.86 27.63
C GLY F 98 40.33 6.88 28.29
N ALA F 99 40.52 7.83 29.19
CA ALA F 99 41.77 7.96 29.92
C ALA F 99 41.74 7.16 31.22
N GLY F 100 40.66 7.30 31.99
CA GLY F 100 40.55 6.65 33.28
C GLY F 100 40.29 7.66 34.37
N THR F 101 39.98 7.21 35.58
CA THR F 101 39.76 8.11 36.71
C THR F 101 40.19 7.42 37.99
N LYS F 102 41.13 8.05 38.71
CA LYS F 102 41.63 7.54 39.97
C LYS F 102 40.72 7.96 41.12
N LEU F 103 40.54 7.06 42.08
CA LEU F 103 39.81 7.34 43.30
C LEU F 103 40.76 7.25 44.49
N GLU F 104 40.66 8.21 45.41
CA GLU F 104 41.49 8.23 46.60
C GLU F 104 40.65 8.50 47.83
N LEU F 105 41.21 8.20 48.99
CA LEU F 105 40.57 8.47 50.28
C LEU F 105 40.65 9.95 50.63
N VAL G 2 34.92 -20.70 30.76
CA VAL G 2 34.67 -19.32 31.15
C VAL G 2 35.92 -18.69 31.76
N GLN G 3 37.08 -19.15 31.31
CA GLN G 3 38.36 -18.63 31.79
C GLN G 3 39.26 -18.34 30.60
N LEU G 4 40.04 -17.26 30.70
CA LEU G 4 41.03 -16.89 29.70
C LEU G 4 42.42 -17.11 30.29
N GLN G 5 43.18 -18.00 29.68
CA GLN G 5 44.54 -18.30 30.13
C GLN G 5 45.52 -17.84 29.06
N GLN G 6 46.48 -17.02 29.47
CA GLN G 6 47.52 -16.51 28.57
C GLN G 6 48.85 -17.17 28.90
N SER G 7 49.90 -16.70 28.24
CA SER G 7 51.25 -17.22 28.47
C SER G 7 51.91 -16.40 29.58
N GLY G 8 53.22 -16.57 29.74
CA GLY G 8 53.98 -15.81 30.72
C GLY G 8 54.55 -14.53 30.13
N ALA G 9 55.41 -13.88 30.91
CA ALA G 9 56.08 -12.67 30.45
C ALA G 9 57.18 -13.01 29.46
N GLU G 10 57.64 -11.98 28.74
CA GLU G 10 58.67 -12.13 27.72
C GLU G 10 59.75 -11.08 27.91
N LEU G 11 61.00 -11.50 27.71
CA LEU G 11 62.17 -10.63 27.80
C LEU G 11 62.89 -10.70 26.44
N VAL G 12 62.67 -9.70 25.60
CA VAL G 12 63.25 -9.67 24.26
C VAL G 12 63.89 -8.31 24.01
N LYS G 13 64.93 -8.33 23.18
CA LYS G 13 65.62 -7.12 22.76
C LYS G 13 64.78 -6.35 21.75
N PRO G 14 64.92 -5.02 21.70
CA PRO G 14 64.18 -4.23 20.69
C PRO G 14 64.62 -4.54 19.27
N GLY G 15 63.67 -4.41 18.35
CA GLY G 15 63.90 -4.75 16.96
C GLY G 15 63.63 -6.21 16.61
N ALA G 16 63.27 -7.03 17.59
CA ALA G 16 63.02 -8.44 17.37
C ALA G 16 61.53 -8.69 17.15
N SER G 17 61.14 -9.95 17.14
CA SER G 17 59.74 -10.35 17.04
C SER G 17 59.39 -11.24 18.23
N VAL G 18 58.19 -11.05 18.78
CA VAL G 18 57.76 -11.79 19.95
C VAL G 18 56.44 -12.50 19.63
N LYS G 19 56.33 -13.74 20.10
CA LYS G 19 55.11 -14.54 19.91
C LYS G 19 54.35 -14.57 21.23
N LEU G 20 53.08 -14.17 21.19
CA LEU G 20 52.25 -14.06 22.37
C LEU G 20 50.87 -14.60 22.05
N SER G 21 50.27 -15.30 23.01
CA SER G 21 49.02 -15.99 22.73
C SER G 21 48.23 -16.16 24.02
N CYS G 22 46.92 -16.36 23.86
CA CYS G 22 46.03 -16.62 24.99
C CYS G 22 45.04 -17.70 24.59
N THR G 23 44.73 -18.58 25.54
CA THR G 23 43.90 -19.75 25.31
C THR G 23 42.61 -19.63 26.11
N ALA G 24 41.48 -19.80 25.44
CA ALA G 24 40.17 -19.75 26.06
C ALA G 24 39.65 -21.17 26.28
N SER G 25 39.11 -21.43 27.46
CA SER G 25 38.57 -22.74 27.81
C SER G 25 37.16 -22.59 28.35
N GLY G 26 36.39 -23.67 28.28
CA GLY G 26 35.02 -23.68 28.73
C GLY G 26 33.99 -23.28 27.70
N PHE G 27 34.43 -22.78 26.55
CA PHE G 27 33.54 -22.34 25.48
C PHE G 27 34.33 -22.33 24.18
N ASN G 28 33.60 -22.43 23.07
CA ASN G 28 34.20 -22.38 21.75
C ASN G 28 34.39 -20.92 21.33
N ILE G 29 35.49 -20.65 20.63
CA ILE G 29 35.82 -19.26 20.32
C ILE G 29 35.20 -18.78 19.02
N LYS G 30 34.53 -19.66 18.27
CA LYS G 30 34.06 -19.29 16.93
C LYS G 30 32.85 -18.35 16.98
N ASP G 31 31.95 -18.55 17.95
CA ASP G 31 30.74 -17.74 17.98
C ASP G 31 31.02 -16.33 18.51
N THR G 32 31.95 -16.20 19.43
CA THR G 32 32.31 -14.91 20.00
C THR G 32 33.45 -14.27 19.20
N TYR G 33 33.71 -13.00 19.51
CA TYR G 33 34.80 -12.26 18.89
C TYR G 33 35.95 -12.16 19.89
N MET G 34 37.17 -12.38 19.41
CA MET G 34 38.35 -12.21 20.23
C MET G 34 38.94 -10.82 20.01
N TYR G 35 39.27 -10.14 21.10
CA TYR G 35 39.83 -8.80 21.06
C TYR G 35 41.24 -8.82 21.64
N TRP G 36 41.97 -7.72 21.43
CA TRP G 36 43.27 -7.53 22.02
C TRP G 36 43.44 -6.06 22.39
N VAL G 37 44.01 -5.83 23.57
CA VAL G 37 44.12 -4.49 24.13
C VAL G 37 45.55 -4.31 24.66
N LYS G 38 46.02 -3.07 24.65
CA LYS G 38 47.34 -2.71 25.15
C LYS G 38 47.19 -1.76 26.33
N GLN G 39 47.81 -2.12 27.45
CA GLN G 39 47.81 -1.30 28.67
C GLN G 39 49.25 -0.91 28.97
N ARG G 40 49.65 0.26 28.48
CA ARG G 40 50.91 0.85 28.93
C ARG G 40 50.73 1.34 30.36
N PRO G 41 51.79 1.26 31.18
CA PRO G 41 51.62 1.49 32.64
C PRO G 41 51.29 2.93 33.00
N GLU G 42 50.23 3.08 33.81
CA GLU G 42 49.69 4.36 34.28
C GLU G 42 49.23 5.26 33.13
N GLN G 43 48.66 4.64 32.10
CA GLN G 43 47.83 5.33 31.13
C GLN G 43 46.59 4.49 30.85
N GLY G 44 45.76 4.98 29.93
CA GLY G 44 44.53 4.30 29.61
C GLY G 44 44.74 3.08 28.73
N LEU G 45 43.64 2.39 28.45
CA LEU G 45 43.66 1.23 27.58
C LEU G 45 43.62 1.66 26.12
N GLU G 46 44.34 0.94 25.27
CA GLU G 46 44.23 1.12 23.83
C GLU G 46 44.04 -0.23 23.15
N TRP G 47 43.04 -0.29 22.28
CA TRP G 47 42.66 -1.52 21.59
C TRP G 47 43.65 -1.84 20.49
N ILE G 48 44.00 -3.13 20.36
CA ILE G 48 44.96 -3.55 19.36
C ILE G 48 44.24 -3.94 18.08
N GLY G 49 43.36 -4.94 18.16
CA GLY G 49 42.71 -5.46 16.98
C GLY G 49 41.63 -6.46 17.32
N ARG G 50 40.99 -6.97 16.27
CA ARG G 50 39.84 -7.84 16.42
C ARG G 50 39.83 -8.90 15.33
N ILE G 51 39.55 -10.15 15.73
CA ILE G 51 39.36 -11.26 14.81
C ILE G 51 38.00 -11.88 15.06
N ASP G 52 37.66 -12.84 14.21
CA ASP G 52 36.65 -13.85 14.52
C ASP G 52 37.01 -15.19 13.87
N PRO G 53 37.05 -16.27 14.67
CA PRO G 53 37.52 -17.56 14.13
C PRO G 53 36.58 -18.20 13.12
N ALA G 54 35.30 -17.80 13.06
CA ALA G 54 34.38 -18.40 12.10
C ALA G 54 34.70 -17.94 10.69
N ASN G 55 34.99 -16.66 10.51
CA ASN G 55 35.25 -16.06 9.21
C ASN G 55 36.74 -15.90 8.93
N GLY G 56 37.48 -15.26 9.83
CA GLY G 56 38.90 -15.11 9.69
C GLY G 56 39.40 -13.76 9.24
N ASP G 57 38.49 -12.82 8.94
CA ASP G 57 38.92 -11.48 8.50
C ASP G 57 39.31 -10.65 9.72
N THR G 58 40.61 -10.62 9.99
CA THR G 58 41.14 -9.83 11.07
C THR G 58 41.10 -8.34 10.73
N LYS G 59 41.08 -7.51 11.76
CA LYS G 59 41.04 -6.07 11.56
C LYS G 59 41.59 -5.37 12.80
N TYR G 60 42.40 -4.34 12.58
CA TYR G 60 43.25 -3.78 13.61
C TYR G 60 43.04 -2.28 13.75
N ASP G 61 43.68 -1.72 14.77
CA ASP G 61 43.70 -0.28 14.98
C ASP G 61 44.46 0.40 13.85
N PRO G 62 43.96 1.54 13.31
CA PRO G 62 44.72 2.31 12.30
C PRO G 62 46.09 2.84 12.73
N LYS G 63 46.44 2.75 14.02
CA LYS G 63 47.79 3.05 14.47
C LYS G 63 48.52 1.80 14.96
N PHE G 64 48.05 0.61 14.55
CA PHE G 64 48.68 -0.63 14.96
C PHE G 64 48.77 -1.68 13.86
N GLN G 65 48.40 -1.36 12.61
CA GLN G 65 48.49 -2.35 11.55
C GLN G 65 49.93 -2.50 11.08
N GLY G 66 50.20 -3.63 10.44
CA GLY G 66 51.54 -3.91 9.95
C GLY G 66 52.46 -4.44 11.03
N LYS G 67 52.69 -3.63 12.07
CA LYS G 67 53.58 -4.05 13.16
C LYS G 67 52.93 -5.11 14.04
N ALA G 68 51.60 -5.22 14.01
CA ALA G 68 50.88 -6.18 14.83
C ALA G 68 49.82 -6.88 13.99
N THR G 69 49.82 -8.21 14.07
CA THR G 69 48.79 -9.03 13.44
C THR G 69 48.29 -10.03 14.46
N ILE G 70 47.06 -10.49 14.26
CA ILE G 70 46.44 -11.47 15.14
C ILE G 70 45.98 -12.65 14.29
N THR G 71 46.33 -13.86 14.72
CA THR G 71 45.94 -15.08 14.02
C THR G 71 45.23 -16.01 15.01
N THR G 72 44.63 -17.05 14.47
CA THR G 72 43.94 -18.05 15.28
C THR G 72 43.93 -19.37 14.52
N ASP G 73 43.57 -20.42 15.24
CA ASP G 73 43.36 -21.73 14.64
C ASP G 73 42.00 -22.28 15.06
N THR G 74 41.77 -23.54 14.73
CA THR G 74 40.47 -24.18 14.95
C THR G 74 40.50 -25.20 16.08
N PHE G 75 41.46 -26.13 16.04
CA PHE G 75 41.43 -27.27 16.94
C PHE G 75 41.83 -26.88 18.37
N SER G 76 42.87 -26.05 18.51
CA SER G 76 43.40 -25.79 19.84
C SER G 76 42.67 -24.66 20.58
N ASN G 77 41.69 -24.01 19.93
CA ASN G 77 40.80 -23.01 20.54
C ASN G 77 41.61 -21.83 21.11
N THR G 78 42.57 -21.35 20.33
CA THR G 78 43.59 -20.44 20.83
C THR G 78 43.82 -19.33 19.82
N ALA G 79 44.11 -18.11 20.33
CA ALA G 79 44.39 -16.96 19.49
C ALA G 79 45.84 -16.54 19.68
N TYR G 80 46.57 -16.40 18.58
CA TYR G 80 47.98 -16.02 18.57
C TYR G 80 48.13 -14.58 18.06
N LEU G 81 49.31 -14.02 18.26
CA LEU G 81 49.63 -12.72 17.69
C LEU G 81 51.14 -12.60 17.49
N GLN G 82 51.52 -11.63 16.66
CA GLN G 82 52.92 -11.30 16.39
C GLN G 82 53.14 -9.81 16.54
N LEU G 83 54.32 -9.44 17.04
CA LEU G 83 54.82 -8.07 16.97
C LEU G 83 56.04 -8.03 16.06
N SER G 84 56.16 -6.94 15.32
CA SER G 84 57.28 -6.71 14.43
C SER G 84 57.92 -5.37 14.75
N SER G 85 59.24 -5.40 15.01
CA SER G 85 60.07 -4.23 15.31
C SER G 85 59.54 -3.46 16.52
N LEU G 86 59.56 -4.13 17.67
CA LEU G 86 59.08 -3.52 18.91
C LEU G 86 60.07 -2.46 19.40
N THR G 87 59.53 -1.43 20.04
CA THR G 87 60.31 -0.27 20.44
C THR G 87 60.10 -0.04 21.93
N SER G 88 60.57 1.11 22.42
CA SER G 88 60.50 1.42 23.84
C SER G 88 59.07 1.64 24.30
N GLU G 89 58.22 2.22 23.43
CA GLU G 89 56.84 2.47 23.83
C GLU G 89 55.96 1.23 23.74
N ASP G 90 56.50 0.12 23.22
CA ASP G 90 55.75 -1.14 23.19
C ASP G 90 55.82 -1.90 24.49
N THR G 91 56.56 -1.40 25.49
CA THR G 91 56.57 -2.02 26.81
C THR G 91 55.24 -1.78 27.49
N ALA G 92 54.42 -2.84 27.58
CA ALA G 92 53.07 -2.73 28.11
C ALA G 92 52.61 -4.11 28.56
N VAL G 93 51.40 -4.18 29.10
CA VAL G 93 50.78 -5.45 29.48
C VAL G 93 49.53 -5.63 28.63
N TYR G 94 49.30 -6.85 28.16
CA TYR G 94 48.28 -7.16 27.18
C TYR G 94 47.21 -8.07 27.76
N TYR G 95 45.97 -7.85 27.33
CA TYR G 95 44.85 -8.71 27.66
C TYR G 95 44.09 -9.06 26.40
N CYS G 96 43.43 -10.22 26.41
CA CYS G 96 42.49 -10.61 25.36
C CYS G 96 41.10 -10.75 25.97
N ALA G 97 40.09 -10.24 25.27
CA ALA G 97 38.74 -10.20 25.80
C ALA G 97 37.75 -10.77 24.79
N ARG G 98 36.85 -11.61 25.27
CA ARG G 98 35.79 -12.17 24.44
C ARG G 98 34.63 -11.19 24.33
N LYS G 99 33.77 -11.43 23.36
CA LYS G 99 32.58 -10.61 23.21
C LYS G 99 31.48 -11.13 24.12
N GLY G 100 30.88 -10.22 24.91
CA GLY G 100 29.80 -10.56 25.81
C GLY G 100 28.46 -10.07 25.30
N LEU G 101 27.51 -9.97 26.22
CA LEU G 101 26.21 -9.42 25.90
C LEU G 101 26.32 -7.92 25.62
N ARG G 102 25.70 -7.48 24.52
CA ARG G 102 25.71 -6.09 24.04
C ARG G 102 27.13 -5.59 23.78
N TRP G 103 28.01 -6.49 23.36
CA TRP G 103 29.39 -6.20 22.93
C TRP G 103 30.19 -5.51 24.03
N ALA G 104 30.34 -6.19 25.15
CA ALA G 104 30.78 -5.54 26.38
C ALA G 104 32.21 -5.85 26.78
N MET G 105 32.90 -6.75 26.07
CA MET G 105 34.21 -7.28 26.46
C MET G 105 34.15 -7.89 27.87
N ASP G 106 33.38 -8.98 27.93
CA ASP G 106 32.98 -9.65 29.16
C ASP G 106 34.14 -10.19 29.98
N TYR G 107 34.83 -11.21 29.46
CA TYR G 107 35.84 -11.92 30.22
C TYR G 107 37.21 -11.60 29.65
N TRP G 108 38.08 -11.05 30.48
CA TRP G 108 39.38 -10.56 30.05
C TRP G 108 40.45 -11.59 30.41
N GLY G 109 41.70 -11.26 30.08
CA GLY G 109 42.80 -12.16 30.31
C GLY G 109 43.34 -12.07 31.73
N GLN G 110 44.57 -12.56 31.89
CA GLN G 110 45.27 -12.48 33.16
C GLN G 110 46.46 -11.55 33.13
N GLY G 111 46.91 -11.13 31.95
CA GLY G 111 47.97 -10.15 31.83
C GLY G 111 49.30 -10.73 31.37
N THR G 112 49.84 -10.17 30.29
CA THR G 112 51.17 -10.54 29.78
C THR G 112 51.95 -9.27 29.56
N SER G 113 52.86 -8.96 30.49
CA SER G 113 53.67 -7.76 30.38
C SER G 113 54.97 -8.06 29.66
N VAL G 114 55.21 -7.38 28.54
CA VAL G 114 56.47 -7.49 27.81
C VAL G 114 57.30 -6.25 28.12
N THR G 115 58.61 -6.45 28.28
CA THR G 115 59.54 -5.37 28.56
C THR G 115 60.70 -5.44 27.59
N VAL G 116 61.16 -4.28 27.15
CA VAL G 116 62.27 -4.18 26.20
C VAL G 116 63.53 -3.79 26.96
N SER G 117 64.66 -3.97 26.29
CA SER G 117 65.96 -3.65 26.89
C SER G 117 66.97 -3.24 25.83
C1 NAG H . 21.54 -0.53 -20.25
C2 NAG H . 22.57 -0.63 -21.38
C3 NAG H . 23.39 -1.91 -21.22
C4 NAG H . 24.06 -1.93 -19.86
C5 NAG H . 22.99 -1.79 -18.79
C6 NAG H . 23.57 -1.67 -17.40
C7 NAG H . 21.16 -1.52 -23.20
C8 NAG H . 20.77 -1.32 -24.64
N2 NAG H . 21.97 -0.59 -22.70
O3 NAG H . 24.36 -2.00 -22.26
O4 NAG H . 24.71 -3.18 -19.66
O5 NAG H . 22.23 -0.59 -19.01
O6 NAG H . 24.52 -0.60 -17.37
O7 NAG H . 20.76 -2.47 -22.54
C1 NAG H . 26.13 -3.06 -19.75
C2 NAG H . 26.69 -4.02 -18.70
C3 NAG H . 28.20 -4.13 -18.85
C4 NAG H . 28.58 -4.49 -20.28
C5 NAG H . 27.96 -3.50 -21.26
C6 NAG H . 28.15 -3.90 -22.69
C7 NAG H . 26.46 -4.27 -16.24
C8 NAG H . 26.29 -3.48 -14.99
N2 NAG H . 26.30 -3.59 -17.38
O3 NAG H . 28.72 -5.09 -17.94
O4 NAG H . 30.01 -4.43 -20.40
O5 NAG H . 26.53 -3.43 -21.06
O6 NAG H . 27.49 -5.13 -22.97
O7 NAG H . 26.72 -5.47 -16.22
C1 BMA H . 30.56 -5.69 -20.78
C2 BMA H . 31.86 -5.43 -21.51
C3 BMA H . 32.53 -6.73 -21.89
C4 BMA H . 32.72 -7.60 -20.66
C5 BMA H . 31.40 -7.81 -19.94
C6 BMA H . 31.55 -8.55 -18.64
O2 BMA H . 32.72 -4.64 -20.69
O3 BMA H . 33.78 -6.45 -22.51
O4 BMA H . 33.26 -8.86 -21.03
O5 BMA H . 30.80 -6.53 -19.63
O6 BMA H . 30.29 -8.82 -18.04
C1 NAG I . 11.20 -34.41 -26.76
C2 NAG I . 11.17 -33.04 -27.42
C3 NAG I . 11.94 -33.10 -28.74
C4 NAG I . 13.35 -33.61 -28.50
C5 NAG I . 13.28 -34.96 -27.79
C6 NAG I . 14.64 -35.51 -27.43
C7 NAG I . 8.97 -32.24 -26.74
C8 NAG I . 7.53 -32.20 -27.14
N2 NAG I . 9.85 -32.54 -27.70
O3 NAG I . 11.92 -31.78 -29.26
O4 NAG I . 14.08 -33.79 -29.70
O5 NAG I . 12.53 -34.86 -26.57
O6 NAG I . 15.45 -35.65 -28.60
O7 NAG I . 9.34 -32.02 -25.59
C1 NAG I . 14.35 -32.59 -30.45
C2 NAG I . 15.53 -31.73 -30.00
C3 NAG I . 15.51 -30.41 -30.77
C4 NAG I . 15.50 -30.68 -32.28
C5 NAG I . 14.32 -31.58 -32.63
C6 NAG I . 14.33 -31.99 -34.08
C7 NAG I . 16.56 -31.74 -27.78
C8 NAG I . 17.73 -32.41 -28.43
N2 NAG I . 15.54 -31.44 -28.58
O3 NAG I . 16.63 -29.62 -30.41
O4 NAG I . 15.36 -29.43 -32.96
O5 NAG I . 14.38 -32.79 -31.86
O6 NAG I . 15.56 -32.61 -34.42
O7 NAG I . 16.53 -31.49 -26.58
C1 NAG J . 3.18 -17.04 -3.17
C2 NAG J . 2.78 -18.49 -3.45
C3 NAG J . 1.33 -18.52 -3.94
C4 NAG J . 0.43 -17.85 -2.91
C5 NAG J . 0.92 -16.43 -2.65
C6 NAG J . 0.16 -15.75 -1.55
C7 NAG J . 3.99 -18.72 -5.61
C8 NAG J . 5.12 -19.42 -6.28
N2 NAG J . 3.70 -19.12 -4.38
O3 NAG J . 0.95 -19.87 -4.16
O4 NAG J . -0.88 -17.77 -3.47
O5 NAG J . 2.31 -16.46 -2.23
O6 NAG J . 0.49 -16.33 -0.29
O7 NAG J . 3.36 -17.82 -6.17
C1 NAG J . -1.92 -18.52 -2.79
C2 NAG J . -3.20 -18.37 -3.62
C3 NAG J . -4.33 -19.13 -2.94
C4 NAG J . -3.96 -20.58 -2.73
C5 NAG J . -2.66 -20.65 -1.94
C6 NAG J . -2.14 -22.05 -1.80
C7 NAG J . -3.09 -15.92 -3.30
C8 NAG J . -3.70 -15.46 -2.01
N2 NAG J . -3.63 -17.00 -3.85
O3 NAG J . -5.46 -18.99 -3.79
O4 NAG J . -4.96 -21.25 -1.97
O5 NAG J . -1.62 -19.90 -2.60
O6 NAG J . -1.93 -22.65 -3.08
O7 NAG J . -2.15 -15.33 -3.82
C1 BMA J . -6.05 -21.80 -2.75
C2 BMA J . -6.70 -22.87 -1.90
C3 BMA J . -7.90 -23.42 -2.62
C4 BMA J . -8.87 -22.30 -2.94
C5 BMA J . -8.16 -21.25 -3.77
C6 BMA J . -9.02 -20.03 -4.05
O2 BMA J . -7.06 -22.33 -0.63
O3 BMA J . -8.52 -24.40 -1.78
O4 BMA J . -9.98 -22.80 -3.68
O5 BMA J . -7.01 -20.79 -3.05
O6 BMA J . -9.36 -19.29 -2.88
C1 MAN J . -8.43 -18.25 -2.48
C2 MAN J . -9.07 -17.18 -1.65
C3 MAN J . -9.71 -16.13 -2.54
C4 MAN J . -8.71 -15.59 -3.53
C5 MAN J . -8.07 -16.72 -4.32
C6 MAN J . -6.94 -16.23 -5.21
O2 MAN J . -8.10 -16.59 -0.80
O3 MAN J . -10.24 -15.08 -1.73
O4 MAN J . -9.34 -14.69 -4.45
O5 MAN J . -7.50 -17.70 -3.42
O6 MAN J . -6.27 -17.33 -5.83
C1 NAG K . -20.34 6.50 21.36
C2 NAG K . -20.04 6.79 22.83
C3 NAG K . -20.34 5.55 23.66
C4 NAG K . -21.78 5.07 23.41
C5 NAG K . -22.00 4.85 21.92
C6 NAG K . -23.43 4.53 21.60
C7 NAG K . -18.05 7.65 24.05
C8 NAG K . -16.61 8.01 23.90
N2 NAG K . -18.66 7.22 22.95
O3 NAG K . -20.13 5.81 25.03
O4 NAG K . -21.96 3.84 24.09
O5 NAG K . -21.68 6.04 21.18
O6 NAG K . -24.30 5.58 22.03
O7 NAG K . -18.64 7.74 25.13
C1 NAG K . -22.99 3.94 25.09
C2 NAG K . -23.66 2.57 25.13
C3 NAG K . -24.68 2.52 26.25
C4 NAG K . -24.05 2.91 27.57
C5 NAG K . -23.38 4.27 27.43
C6 NAG K . -22.62 4.70 28.68
C7 NAG K . -24.01 1.38 23.01
C8 NAG K . -25.04 1.10 21.95
N2 NAG K . -24.32 2.34 23.87
O3 NAG K . -25.23 1.21 26.33
O4 NAG K . -25.07 2.98 28.56
O5 NAG K . -22.43 4.28 26.35
O6 NAG K . -23.53 5.15 29.67
O7 NAG K . -22.95 0.77 23.06
C1 BMA K . -24.85 2.01 29.59
C2 BMA K . -25.99 2.10 30.58
C3 BMA K . -25.76 1.16 31.74
C4 BMA K . -25.57 -0.25 31.20
C5 BMA K . -24.44 -0.28 30.19
C6 BMA K . -24.27 -1.64 29.55
O2 BMA K . -27.22 1.79 29.92
O3 BMA K . -26.86 1.20 32.63
O4 BMA K . -25.26 -1.14 32.27
O5 BMA K . -24.70 0.66 29.13
O6 BMA K . -25.53 -2.25 29.29
C1 PIO L . -1.97 64.35 -3.26
O1 PIO L . -2.18 62.96 -2.93
P1 PIO L . -0.97 61.89 -2.98
C2 PIO L . -2.46 65.21 -2.10
O2 PIO L . -3.84 64.94 -1.85
C3 PIO L . -2.27 66.69 -2.44
O3 PIO L . -2.75 67.49 -1.37
C4 PIO L . -2.98 67.04 -3.74
O4 PIO L . -2.68 68.41 -4.06
P4 PIO L . -3.70 69.62 -3.71
C5 PIO L . -2.52 66.14 -4.87
O5 PIO L . -3.30 66.46 -6.06
P5 PIO L . -2.76 67.46 -7.21
C6 PIO L . -2.72 64.67 -4.55
O6 PIO L . -2.23 63.86 -5.61
O11 PIO L . -1.48 60.51 -3.15
O12 PIO L . 0.14 62.35 -3.83
O13 PIO L . -0.47 62.05 -1.46
C1A PIO L . 1.65 61.07 1.45
O1A PIO L . 1.94 62.17 1.84
C1B PIO L . -1.76 59.65 3.42
O1B PIO L . -1.38 60.21 4.41
C1C PIO L . -1.34 61.69 -0.37
C2A PIO L . 2.57 59.89 1.42
C2B PIO L . -2.22 58.21 3.38
C2C PIO L . -0.57 61.81 0.93
O2C PIO L . 0.44 60.76 0.95
C3A PIO L . 2.23 58.86 2.50
C3B PIO L . -1.07 57.20 3.38
C3C PIO L . -1.46 61.61 2.13
O3C PIO L . -1.84 60.22 2.22
O41 PIO L . -5.07 68.99 -3.60
O42 PIO L . -3.60 70.62 -4.85
O43 PIO L . -3.21 70.19 -2.39
C4A PIO L . 3.01 57.57 2.38
C4B PIO L . -1.58 55.76 3.46
O51 PIO L . -3.79 68.57 -7.33
O52 PIO L . -2.67 66.62 -8.47
O53 PIO L . -1.42 67.95 -6.73
C5A PIO L . 2.70 56.57 3.48
C5B PIO L . -0.54 54.71 3.16
C6A PIO L . 3.40 55.23 3.33
C6B PIO L . -1.12 53.31 3.00
C7A PIO L . 3.04 54.47 2.06
C7B PIO L . -0.12 52.26 2.52
C8A PIO L . 3.67 53.10 2.00
C8B PIO L . -0.75 50.91 2.29
N POV M . 22.53 20.26 -2.71
P POV M . 18.22 20.97 -3.39
C1 POV M . 17.50 23.48 -3.64
C2 POV M . 18.34 24.72 -3.92
C3 POV M . 17.87 25.96 -3.17
C210 POV M . 15.19 31.07 -12.50
C310 POV M . 14.96 36.60 -2.77
C11 POV M . 20.31 21.20 -1.79
O11 POV M . 18.31 22.50 -2.97
C211 POV M . 14.18 32.16 -12.41
C311 POV M . 13.69 36.73 -3.60
C12 POV M . 21.44 21.33 -2.78
O12 POV M . 19.25 20.36 -2.31
C212 POV M . 13.36 32.31 -13.69
C312 POV M . 13.24 38.17 -3.81
C13 POV M . 23.73 20.75 -3.45
O13 POV M . 16.86 20.44 -3.12
C213 POV M . 12.30 33.38 -13.60
C313 POV M . 14.26 39.04 -4.52
C14 POV M . 22.91 19.98 -1.29
O14 POV M . 18.81 20.81 -4.73
C214 POV M . 11.18 33.06 -12.63
C314 POV M . 13.73 40.39 -4.96
C15 POV M . 22.05 18.99 -3.34
C215 POV M . 10.28 31.91 -13.08
C315 POV M . 13.21 41.26 -3.83
C216 POV M . 9.10 31.65 -12.15
C316 POV M . 12.66 42.58 -4.32
C217 POV M . 8.01 30.81 -12.77
C218 POV M . 6.93 30.41 -11.79
C21 POV M . 17.53 25.25 -6.20
O21 POV M . 18.54 24.94 -5.36
C22 POV M . 18.03 25.37 -7.62
O22 POV M . 16.38 25.42 -5.88
C23 POV M . 17.19 24.58 -8.62
C24 POV M . 15.92 25.30 -9.09
C25 POV M . 16.14 26.29 -10.22
C26 POV M . 16.29 27.74 -9.78
C27 POV M . 16.92 28.63 -10.84
C28 POV M . 16.08 28.75 -12.11
C29 POV M . 15.05 29.84 -12.03
C31 POV M . 18.79 27.52 -1.53
O31 POV M . 18.94 26.41 -2.28
C32 POV M . 17.46 28.21 -1.68
O32 POV M . 19.65 27.92 -0.80
C33 POV M . 17.59 29.58 -2.33
C34 POV M . 16.25 30.26 -2.58
C35 POV M . 16.36 31.57 -3.33
C36 POV M . 15.03 32.24 -3.61
C37 POV M . 15.13 33.46 -4.50
C38 POV M . 15.99 34.58 -3.94
C39 POV M . 15.47 35.17 -2.64
C1 NAG N . 3.38 -17.45 34.53
C2 NAG N . 4.44 -16.83 35.43
C3 NAG N . 3.80 -16.17 36.64
C4 NAG N . 2.74 -15.18 36.20
C5 NAG N . 1.74 -15.85 35.27
C6 NAG N . 0.70 -14.90 34.71
C7 NAG N . 6.65 -17.89 35.41
C8 NAG N . 7.56 -18.84 36.14
N2 NAG N . 5.39 -17.85 35.84
O3 NAG N . 4.79 -15.52 37.42
O4 NAG N . 2.05 -14.67 37.34
O5 NAG N . 2.41 -16.49 34.16
O6 NAG N . 1.32 -13.72 34.21
O7 NAG N . 7.04 -17.21 34.47
C1 PIO O . -32.90 53.66 -31.06
O1 PIO O . -32.46 52.31 -31.25
P1 PIO O . -33.01 51.09 -30.31
C2 PIO O . -34.12 53.90 -31.94
O2 PIO O . -33.80 53.61 -33.30
C3 PIO O . -34.59 55.34 -31.80
O3 PIO O . -35.73 55.57 -32.65
C4 PIO O . -33.47 56.30 -32.16
O4 PIO O . -33.93 57.65 -31.94
P4 PIO O . -34.07 58.70 -33.19
C5 PIO O . -32.25 56.05 -31.29
O5 PIO O . -31.19 56.93 -31.72
P5 PIO O . -30.70 58.20 -30.81
C6 PIO O . -31.76 54.61 -31.42
O6 PIO O . -30.65 54.38 -30.56
O11 PIO O . -31.99 50.01 -30.17
O12 PIO O . -33.68 51.58 -29.10
O13 PIO O . -34.15 50.55 -31.30
C1A PIO O . -37.34 48.65 -32.46
O1A PIO O . -37.76 49.36 -33.32
C1B PIO O . -34.81 45.83 -34.21
O1B PIO O . -35.34 45.84 -35.29
C1C PIO O . -33.85 49.48 -32.22
C2A PIO O . -38.20 47.81 -31.55
C2B PIO O . -34.43 44.59 -33.45
C2C PIO O . -35.08 49.17 -33.04
O2C PIO O . -36.04 48.49 -32.18
C3A PIO O . -37.50 46.54 -31.09
C3B PIO O . -35.15 43.35 -33.94
C3C PIO O . -34.77 48.20 -34.14
O3C PIO O . -34.48 46.94 -33.53
O41 PIO O . -35.53 58.65 -33.60
O42 PIO O . -33.15 58.17 -34.26
O43 PIO O . -33.65 60.04 -32.65
C4A PIO O . -38.47 45.44 -30.70
C4B PIO O . -34.58 42.06 -33.36
O51 PIO O . -30.36 59.30 -31.80
O52 PIO O . -29.49 57.71 -30.04
O53 PIO O . -31.87 58.54 -29.91
C5A PIO O . -37.81 44.16 -30.23
C5B PIO O . -34.56 42.04 -31.84
C6A PIO O . -38.75 42.96 -30.18
C6B PIO O . -33.96 40.76 -31.26
C7A PIO O . -40.07 43.24 -29.50
C7B PIO O . -33.95 40.72 -29.74
C8A PIO O . -40.98 42.03 -29.46
C8B PIO O . -33.41 39.42 -29.19
N POV P . -35.62 11.50 4.20
P POV P . -35.18 14.44 0.51
C1 POV P . -34.43 16.96 0.65
C2 POV P . -34.62 18.27 -0.09
C3 POV P . -34.01 18.24 -1.48
C210 POV P . -29.92 28.63 -1.21
C310 POV P . -36.63 27.79 -8.25
C11 POV P . -34.92 13.67 3.04
O11 POV P . -35.23 15.95 -0.01
C211 POV P . -29.68 29.92 -1.93
C311 POV P . -35.31 28.11 -8.91
C12 POV P . -35.55 12.30 2.93
O12 POV P . -35.50 14.60 2.07
C212 POV P . -28.83 30.89 -1.17
C312 POV P . -35.31 29.36 -9.74
C13 POV P . -34.33 11.58 4.94
O13 POV P . -36.32 13.71 -0.14
C213 POV P . -27.36 30.50 -1.07
C313 POV P . -35.83 30.58 -9.04
C14 POV P . -36.70 12.03 5.08
O14 POV P . -33.77 13.93 0.34
C214 POV P . -26.68 30.30 -2.39
C314 POV P . -35.52 31.88 -9.74
C15 POV P . -35.90 10.07 3.91
C215 POV P . -25.22 29.87 -2.28
C315 POV P . -35.89 31.91 -11.19
C216 POV P . -24.58 29.49 -3.58
C316 POV P . -35.54 33.21 -11.88
C217 POV P . -23.14 29.08 -3.46
C218 POV P . -22.48 28.71 -4.77
C21 POV P . -32.74 19.59 0.67
O21 POV P . -34.06 19.38 0.67
C22 POV P . -32.39 21.02 0.37
O22 POV P . -31.92 18.72 0.91
C23 POV P . -30.92 21.29 0.35
C24 POV P . -30.57 22.70 -0.11
C25 POV P . -31.02 23.79 0.83
C26 POV P . -30.09 24.98 0.88
C27 POV P . -30.15 25.89 -0.35
C28 POV P . -31.38 26.74 -0.42
C29 POV P . -31.09 28.14 -0.90
C31 POV P . -35.31 19.69 -2.83
O31 POV P . -34.20 19.52 -2.12
C32 POV P . -35.26 20.97 -3.62
O32 POV P . -36.21 18.90 -2.85
C33 POV P . -36.55 21.27 -4.32
C34 POV P . -36.33 22.05 -5.60
C35 POV P . -35.54 23.33 -5.46
C36 POV P . -35.10 23.92 -6.78
C37 POV P . -34.53 25.31 -6.69
C38 POV P . -35.56 26.38 -6.42
C39 POV P . -36.64 26.49 -7.48
C1 NAG Q . -9.36 -18.40 6.34
C2 NAG Q . -8.00 -18.31 5.64
C3 NAG Q . -7.30 -19.65 5.69
C4 NAG Q . -7.17 -20.12 7.14
C5 NAG Q . -8.56 -20.16 7.78
C6 NAG Q . -8.49 -20.50 9.25
C7 NAG Q . -8.65 -18.58 3.28
C8 NAG Q . -7.87 -18.63 2.00
N2 NAG Q . -8.11 -17.87 4.27
O3 NAG Q . -6.01 -19.52 5.09
O4 NAG Q . -6.60 -21.43 7.17
O5 NAG Q . -9.19 -18.87 7.68
O6 NAG Q . -7.53 -19.69 9.91
O7 NAG Q . -9.71 -19.17 3.41
C1 NAG R . -17.04 -21.53 -35.60
C2 NAG R . -16.58 -22.98 -35.66
C3 NAG R . -17.29 -23.67 -36.83
C4 NAG R . -18.80 -23.53 -36.68
C5 NAG R . -19.15 -22.05 -36.58
C6 NAG R . -20.63 -21.81 -36.36
C7 NAG R . -14.54 -23.41 -36.97
C8 NAG R . -14.19 -22.34 -37.95
N2 NAG R . -15.15 -23.01 -35.85
O3 NAG R . -16.92 -25.04 -36.87
O4 NAG R . -19.44 -24.09 -37.81
O5 NAG R . -18.45 -21.44 -35.47
O6 NAG R . -20.89 -20.46 -35.99
O7 NAG R . -14.28 -24.59 -37.17
#